data_3QID
#
_entry.id   3QID
#
_cell.length_a   120.557
_cell.length_b   196.262
_cell.length_c   109.339
_cell.angle_alpha   90.00
_cell.angle_beta   114.23
_cell.angle_gamma   90.00
#
_symmetry.space_group_name_H-M   'C 1 2 1'
#
loop_
_entity.id
_entity.type
_entity.pdbx_description
1 polymer 'RNA dependent RNA polymerase'
2 non-polymer 'SULFATE ION'
3 non-polymer 'MANGANESE (III) ION'
4 non-polymer GLYCEROL
5 water water
#
_entity_poly.entity_id   1
_entity_poly.type   'polypeptide(L)'
_entity_poly.pdbx_seq_one_letter_code
;MLPRPSGTYAGLPIADYGDAPPLSTKTMFWRTSPEKLPPGAWEPAYLGSKDERVDGPSLQQVMRDQLKPYSEPRGLLPPQ
EILDAVCDAIENRLENTLEPQKPWTFKKACESLDKNTSSGYPYHKQKSKDWTGSAFIGDLGDQATHANNMYEMGKSMRPI
YTAALKDELVKPDKIYGKIKKRLLWGSDLGTMIRAARAFGPFCDALKETCIFNPIRVGMSMNEDGPFIFARHANFRYHMD
ADYTRWDSTQQRAILKRAGDIMVRLSPEPDLARVVMDDLLAPSLLDVGDYKIVVEEGLPSGCPCTTQLNSLAHWILTLCA
MVEVTRVDPDIVMQESEFSFYGDDEVVSTNLELDMVKYTMALRRYGLLPTRADKEEGPLERRQTLQGISFLRRAIVGDQF
GWYGRLDRASIDRQLLWTKGPNHQNPFETLPGHAQRPSQLMALLGEAAMHGEKYYRTVASRVSKEAAQSGIEMVVPRHRS
VLRWVRFGTMDAETPQERSAVFVNEDAAALEHHHHHH
;
_entity_poly.pdbx_strand_id   A,B,C
#
loop_
_chem_comp.id
_chem_comp.type
_chem_comp.name
_chem_comp.formula
GOL non-polymer GLYCEROL 'C3 H8 O3'
MN3 non-polymer 'MANGANESE (III) ION' 'Mn 3'
SO4 non-polymer 'SULFATE ION' 'O4 S -2'
#
# COMPACT_ATOMS: atom_id res chain seq x y z
N ARG A 4 34.85 18.98 31.67
CA ARG A 4 33.71 19.29 30.74
C ARG A 4 33.47 18.15 29.73
N PRO A 5 32.19 17.88 29.39
CA PRO A 5 30.93 18.37 29.99
C PRO A 5 30.31 17.36 30.99
N SER A 6 30.11 17.80 32.24
CA SER A 6 29.56 16.93 33.30
C SER A 6 28.53 17.64 34.16
N GLY A 7 27.49 16.91 34.55
CA GLY A 7 26.43 17.45 35.39
C GLY A 7 25.19 17.82 34.59
N THR A 8 24.07 17.96 35.29
CA THR A 8 22.78 18.14 34.64
C THR A 8 21.99 19.31 35.22
N TYR A 9 21.44 20.14 34.34
CA TYR A 9 20.52 21.19 34.73
C TYR A 9 19.28 21.17 33.84
N ALA A 10 18.11 21.16 34.47
CA ALA A 10 16.82 21.11 33.76
C ALA A 10 16.75 19.97 32.73
N GLY A 11 17.39 18.86 33.07
CA GLY A 11 17.36 17.67 32.25
C GLY A 11 18.32 17.69 31.09
N LEU A 12 19.24 18.66 31.08
CA LEU A 12 20.21 18.83 29.99
C LEU A 12 21.66 18.86 30.50
N PRO A 13 22.63 18.46 29.66
CA PRO A 13 24.04 18.48 30.12
C PRO A 13 24.58 19.90 30.39
N ILE A 14 25.34 20.04 31.47
CA ILE A 14 26.01 21.30 31.79
C ILE A 14 27.36 21.30 31.09
N ALA A 15 27.66 22.39 30.41
CA ALA A 15 28.93 22.50 29.69
C ALA A 15 29.93 23.39 30.41
N ASP A 16 29.43 24.35 31.19
CA ASP A 16 30.28 25.37 31.77
C ASP A 16 29.50 26.25 32.73
N TYR A 17 30.21 27.08 33.47
CA TYR A 17 29.59 28.10 34.33
C TYR A 17 28.89 29.18 33.52
N GLY A 18 27.85 29.75 34.09
CA GLY A 18 27.08 30.78 33.42
C GLY A 18 27.62 32.19 33.63
N ASP A 19 27.36 33.04 32.64
CA ASP A 19 27.75 34.45 32.70
C ASP A 19 26.54 35.38 32.57
N ALA A 20 25.35 34.82 32.34
CA ALA A 20 24.16 35.62 32.08
C ALA A 20 23.75 36.49 33.28
N PRO A 21 23.25 37.70 33.01
CA PRO A 21 22.71 38.51 34.09
C PRO A 21 21.43 37.89 34.61
N PRO A 22 21.05 38.18 35.85
CA PRO A 22 19.79 37.72 36.39
C PRO A 22 18.63 38.00 35.42
N LEU A 23 17.68 37.08 35.38
CA LEU A 23 16.45 37.25 34.60
C LEU A 23 15.74 38.54 35.01
N SER A 24 15.11 39.19 34.03
CA SER A 24 14.45 40.45 34.27
C SER A 24 13.22 40.27 35.17
N THR A 25 13.03 41.26 36.03
CA THR A 25 12.05 41.17 37.09
C THR A 25 10.92 42.19 36.83
N LYS A 26 11.02 42.88 35.70
CA LYS A 26 10.18 44.03 35.37
C LYS A 26 9.41 43.88 34.05
N THR A 27 8.39 44.70 33.88
CA THR A 27 7.59 44.71 32.67
C THR A 27 7.57 46.09 32.02
N MET A 28 7.31 46.14 30.73
CA MET A 28 7.30 47.39 29.96
C MET A 28 5.90 47.98 29.87
N PHE A 29 4.92 47.21 30.32
CA PHE A 29 3.53 47.58 30.17
C PHE A 29 3.02 48.36 31.38
N TRP A 30 2.33 49.45 31.10
CA TRP A 30 1.70 50.27 32.11
C TRP A 30 0.22 50.35 31.78
N ARG A 31 -0.62 50.23 32.82
CA ARG A 31 -2.04 50.47 32.67
C ARG A 31 -2.30 51.90 32.15
N THR A 32 -3.31 52.03 31.31
CA THR A 32 -3.66 53.36 30.81
C THR A 32 -4.56 54.09 31.80
N SER A 33 -5.08 53.40 32.81
CA SER A 33 -5.96 53.99 33.81
C SER A 33 -5.94 53.28 35.16
N PRO A 34 -6.33 54.01 36.24
CA PRO A 34 -6.37 53.40 37.58
C PRO A 34 -7.60 52.53 37.83
N GLU A 35 -8.56 52.57 36.92
CA GLU A 35 -9.80 51.79 37.08
C GLU A 35 -9.50 50.30 37.19
N LYS A 36 -10.37 49.59 37.89
CA LYS A 36 -10.23 48.13 37.99
C LYS A 36 -10.28 47.58 36.57
N LEU A 37 -9.44 46.58 36.34
CA LEU A 37 -9.35 45.92 35.06
C LEU A 37 -10.58 45.01 34.92
N PRO A 38 -11.13 44.87 33.69
CA PRO A 38 -12.25 43.96 33.47
C PRO A 38 -11.87 42.53 33.82
N PRO A 39 -12.84 41.72 34.29
CA PRO A 39 -12.50 40.34 34.71
C PRO A 39 -12.10 39.43 33.54
N GLY A 40 -11.09 38.57 33.77
CA GLY A 40 -10.57 37.69 32.72
C GLY A 40 -9.62 38.40 31.77
N ALA A 41 -9.26 39.64 32.11
CA ALA A 41 -8.37 40.48 31.28
C ALA A 41 -6.93 40.00 31.28
N TRP A 42 -6.30 40.09 30.12
CA TRP A 42 -4.88 39.80 29.99
C TRP A 42 -4.06 40.74 30.85
N GLU A 43 -2.91 40.26 31.27
CA GLU A 43 -1.99 41.03 32.08
C GLU A 43 -0.58 40.69 31.62
N PRO A 44 0.40 41.55 31.96
CA PRO A 44 1.79 41.22 31.69
C PRO A 44 2.21 39.92 32.39
N ALA A 45 3.08 39.17 31.74
CA ALA A 45 3.53 37.87 32.24
C ALA A 45 4.18 37.99 33.62
N TYR A 46 4.27 36.85 34.30
CA TYR A 46 4.74 36.73 35.67
C TYR A 46 6.15 37.31 35.87
N LEU A 47 6.34 38.03 36.97
CA LEU A 47 7.56 38.79 37.22
C LEU A 47 8.50 38.22 38.30
N GLY A 48 8.15 37.06 38.85
CA GLY A 48 9.02 36.40 39.81
C GLY A 48 8.64 36.61 41.26
N SER A 49 9.59 36.35 42.15
CA SER A 49 9.37 36.42 43.59
C SER A 49 8.91 37.78 44.08
N LYS A 50 9.22 38.83 43.30
CA LYS A 50 8.84 40.19 43.68
C LYS A 50 7.47 40.60 43.10
N ASP A 51 6.82 39.69 42.38
CA ASP A 51 5.51 39.96 41.79
C ASP A 51 4.42 39.97 42.85
N GLU A 52 4.02 41.18 43.20
CA GLU A 52 2.97 41.46 44.18
C GLU A 52 1.58 40.89 43.84
N ARG A 53 1.42 40.31 42.64
CA ARG A 53 0.12 39.77 42.21
C ARG A 53 -0.12 38.32 42.68
N VAL A 54 0.95 37.53 42.73
CA VAL A 54 0.89 36.13 43.17
C VAL A 54 2.17 35.67 43.82
N ASP A 55 2.05 34.66 44.69
CA ASP A 55 3.21 33.91 45.14
C ASP A 55 3.37 32.72 44.21
N GLY A 56 4.46 32.72 43.46
CA GLY A 56 4.75 31.63 42.54
C GLY A 56 6.21 31.25 42.65
N PRO A 57 6.69 30.41 41.74
CA PRO A 57 8.07 29.95 41.80
C PRO A 57 9.02 31.03 41.33
N SER A 58 10.32 30.81 41.47
CA SER A 58 11.30 31.74 40.96
C SER A 58 11.24 31.73 39.44
N LEU A 59 11.67 32.83 38.83
CA LEU A 59 11.83 32.91 37.37
C LEU A 59 12.70 31.77 36.85
N GLN A 60 13.73 31.45 37.61
CA GLN A 60 14.59 30.31 37.31
C GLN A 60 13.80 29.00 37.14
N GLN A 61 12.94 28.67 38.12
CA GLN A 61 12.12 27.46 38.00
C GLN A 61 11.23 27.53 36.76
N VAL A 62 10.58 28.68 36.54
CA VAL A 62 9.71 28.89 35.39
C VAL A 62 10.49 28.56 34.12
N MET A 63 11.72 29.06 34.06
CA MET A 63 12.63 28.78 32.95
C MET A 63 12.94 27.29 32.81
N ARG A 64 13.15 26.60 33.93
CA ARG A 64 13.36 25.15 33.89
C ARG A 64 12.17 24.44 33.26
N ASP A 65 10.97 24.92 33.53
CA ASP A 65 9.76 24.35 32.94
C ASP A 65 9.77 24.54 31.42
N GLN A 66 10.27 25.68 30.95
CA GLN A 66 10.35 25.97 29.51
C GLN A 66 11.38 25.09 28.78
N LEU A 67 12.37 24.60 29.51
CA LEU A 67 13.46 23.83 28.92
C LEU A 67 13.15 22.33 28.74
N LYS A 68 12.07 21.85 29.35
CA LYS A 68 11.69 20.43 29.30
C LYS A 68 11.55 19.82 27.90
N PRO A 69 10.84 20.50 26.97
CA PRO A 69 10.63 19.95 25.62
C PRO A 69 11.93 19.63 24.86
N TYR A 70 13.03 20.25 25.24
CA TYR A 70 14.31 20.08 24.58
C TYR A 70 15.05 18.79 24.94
N SER A 71 14.61 18.09 25.98
CA SER A 71 15.16 16.76 26.27
C SER A 71 14.14 15.67 25.92
N GLU A 72 12.97 16.10 25.45
CA GLU A 72 11.95 15.19 24.95
C GLU A 72 12.48 14.50 23.70
N PRO A 73 12.20 13.19 23.53
CA PRO A 73 12.63 12.52 22.30
C PRO A 73 12.05 13.17 21.03
N ARG A 74 12.87 13.18 20.00
CA ARG A 74 12.52 13.78 18.74
C ARG A 74 11.57 12.90 17.92
N GLY A 75 10.82 13.51 17.02
CA GLY A 75 9.91 12.77 16.14
C GLY A 75 10.70 12.08 15.06
N LEU A 76 9.99 11.44 14.13
CA LEU A 76 10.64 10.75 13.02
C LEU A 76 10.96 11.70 11.87
N LEU A 77 12.03 11.41 11.15
CA LEU A 77 12.33 12.13 9.92
C LEU A 77 11.31 11.68 8.88
N PRO A 78 10.81 12.61 8.04
CA PRO A 78 9.95 12.20 6.91
C PRO A 78 10.70 11.22 6.00
N PRO A 79 9.97 10.38 5.24
CA PRO A 79 10.67 9.43 4.37
C PRO A 79 11.72 10.12 3.49
N GLN A 80 12.90 9.52 3.38
CA GLN A 80 14.04 10.11 2.68
C GLN A 80 13.76 10.58 1.25
N GLU A 81 13.07 9.76 0.45
CA GLU A 81 12.81 10.11 -0.97
C GLU A 81 11.94 11.35 -1.04
N ILE A 82 10.94 11.42 -0.15
CA ILE A 82 10.04 12.57 -0.07
C ILE A 82 10.82 13.82 0.37
N LEU A 83 11.54 13.69 1.47
CA LEU A 83 12.37 14.78 2.00
C LEU A 83 13.30 15.35 0.92
N ASP A 84 14.05 14.48 0.25
CA ASP A 84 14.89 14.87 -0.89
C ASP A 84 14.08 15.59 -1.97
N ALA A 85 12.92 15.03 -2.33
CA ALA A 85 12.13 15.62 -3.40
C ALA A 85 11.58 17.01 -3.05
N VAL A 86 11.09 17.18 -1.81
CA VAL A 86 10.58 18.49 -1.40
C VAL A 86 11.67 19.55 -1.27
N CYS A 87 12.82 19.18 -0.71
CA CYS A 87 13.96 20.09 -0.66
C CYS A 87 14.41 20.56 -2.05
N ASP A 88 14.44 19.64 -3.01
CA ASP A 88 14.78 19.96 -4.40
C ASP A 88 13.79 20.95 -4.99
N ALA A 89 12.51 20.67 -4.79
CA ALA A 89 11.45 21.49 -5.34
C ALA A 89 11.45 22.88 -4.72
N ILE A 90 11.75 22.94 -3.42
CA ILE A 90 11.81 24.22 -2.72
C ILE A 90 13.00 25.04 -3.20
N GLU A 91 14.17 24.41 -3.28
CA GLU A 91 15.40 25.08 -3.72
C GLU A 91 15.21 25.55 -5.16
N ASN A 92 14.62 24.69 -5.97
CA ASN A 92 14.29 25.02 -7.35
C ASN A 92 13.33 26.22 -7.48
N ARG A 93 12.30 26.29 -6.64
CA ARG A 93 11.38 27.41 -6.71
C ARG A 93 12.07 28.72 -6.35
N LEU A 94 13.00 28.64 -5.39
CA LEU A 94 13.75 29.80 -4.93
C LEU A 94 14.80 30.28 -5.95
N GLU A 95 15.43 29.33 -6.64
CA GLU A 95 16.30 29.63 -7.79
C GLU A 95 15.53 30.35 -8.90
N ASN A 96 14.26 30.01 -9.08
CA ASN A 96 13.45 30.59 -10.15
C ASN A 96 12.95 31.98 -9.81
N THR A 97 13.01 32.33 -8.53
CA THR A 97 12.34 33.54 -8.08
C THR A 97 13.27 34.58 -7.47
N LEU A 98 14.34 34.15 -6.81
CA LEU A 98 15.21 35.07 -6.10
C LEU A 98 16.22 35.79 -6.99
N GLU A 99 16.26 37.11 -6.89
CA GLU A 99 17.27 37.88 -7.58
C GLU A 99 18.62 37.66 -6.91
N PRO A 100 19.64 37.23 -7.69
CA PRO A 100 20.98 37.06 -7.11
C PRO A 100 21.49 38.36 -6.48
N GLN A 101 22.20 38.22 -5.37
CA GLN A 101 22.63 39.36 -4.55
C GLN A 101 24.15 39.48 -4.47
N LYS A 102 24.62 40.68 -4.15
CA LYS A 102 26.04 40.85 -3.86
C LYS A 102 26.29 40.52 -2.39
N PRO A 103 27.50 40.08 -2.04
CA PRO A 103 27.84 39.83 -0.64
C PRO A 103 27.59 41.03 0.27
N TRP A 104 27.34 40.77 1.56
CA TRP A 104 27.19 41.85 2.52
C TRP A 104 28.55 42.19 3.08
N THR A 105 28.82 43.50 3.18
CA THR A 105 30.02 44.01 3.81
C THR A 105 29.88 43.90 5.32
N PHE A 106 30.99 43.98 6.03
CA PHE A 106 31.00 44.04 7.49
C PHE A 106 30.22 45.25 7.94
N LYS A 107 30.42 46.37 7.24
CA LYS A 107 29.71 47.60 7.52
C LYS A 107 28.19 47.41 7.44
N LYS A 108 27.73 46.72 6.39
CA LYS A 108 26.31 46.48 6.19
C LYS A 108 25.74 45.54 7.24
N ALA A 109 26.46 44.46 7.52
CA ALA A 109 26.02 43.51 8.54
C ALA A 109 25.85 44.23 9.88
N CYS A 110 26.80 45.10 10.21
CA CYS A 110 26.77 45.87 11.45
C CYS A 110 25.57 46.83 11.49
N GLU A 111 25.32 47.52 10.38
CA GLU A 111 24.20 48.43 10.26
C GLU A 111 22.86 47.73 10.44
N SER A 112 22.72 46.53 9.90
CA SER A 112 21.45 45.82 9.93
C SER A 112 21.00 45.41 11.34
N LEU A 113 21.95 45.28 12.27
CA LEU A 113 21.63 44.81 13.61
C LEU A 113 20.83 45.82 14.41
N ASP A 114 19.81 45.33 15.11
CA ASP A 114 19.00 46.11 16.01
C ASP A 114 19.85 46.61 17.17
N LYS A 115 19.99 47.93 17.30
CA LYS A 115 20.93 48.51 18.26
C LYS A 115 20.32 48.66 19.66
N ASN A 116 19.03 48.36 19.76
CA ASN A 116 18.29 48.51 21.01
C ASN A 116 18.10 47.25 21.81
N THR A 117 18.74 46.17 21.39
CA THR A 117 18.74 44.92 22.13
C THR A 117 20.15 44.61 22.64
N SER A 118 20.29 43.56 23.43
CA SER A 118 21.55 43.21 24.05
C SER A 118 22.56 42.64 23.05
N SER A 119 23.84 42.86 23.33
CA SER A 119 24.92 42.26 22.57
C SER A 119 25.12 40.78 22.96
N GLY A 120 24.39 40.33 23.97
CA GLY A 120 24.56 38.99 24.52
C GLY A 120 25.95 38.76 25.06
N TYR A 121 26.37 37.50 25.08
CA TYR A 121 27.70 37.11 25.52
C TYR A 121 28.81 37.84 24.75
N PRO A 122 29.90 38.26 25.42
CA PRO A 122 30.10 38.22 26.88
C PRO A 122 29.76 39.52 27.62
N TYR A 123 29.38 40.59 26.89
CA TYR A 123 29.26 41.93 27.49
C TYR A 123 27.85 42.30 27.96
N HIS A 124 26.85 41.61 27.42
CA HIS A 124 25.45 41.79 27.83
C HIS A 124 25.04 43.25 27.89
N LYS A 125 25.51 44.00 26.91
CA LYS A 125 25.36 45.45 26.87
C LYS A 125 24.50 45.84 25.69
N GLN A 126 23.61 46.81 25.89
CA GLN A 126 22.78 47.30 24.79
C GLN A 126 23.71 47.72 23.64
N LYS A 127 23.41 47.26 22.42
CA LYS A 127 24.32 47.43 21.28
C LYS A 127 24.67 48.89 20.97
N SER A 128 23.70 49.79 21.12
CA SER A 128 23.91 51.22 20.90
C SER A 128 24.98 51.85 21.79
N LYS A 129 25.20 51.27 22.97
CA LYS A 129 26.17 51.82 23.92
C LYS A 129 27.60 51.91 23.34
N ASP A 130 27.91 51.05 22.37
CA ASP A 130 29.24 51.04 21.71
C ASP A 130 29.14 51.38 20.21
N TRP A 131 28.08 52.09 19.81
CA TRP A 131 27.79 52.31 18.39
C TRP A 131 27.96 53.77 17.97
N THR A 132 28.90 54.02 17.05
CA THR A 132 29.23 55.39 16.64
C THR A 132 28.19 55.99 15.74
N GLY A 133 27.28 55.15 15.25
CA GLY A 133 26.35 55.56 14.19
C GLY A 133 26.73 54.95 12.86
N SER A 134 27.91 54.36 12.77
CA SER A 134 28.33 53.66 11.55
C SER A 134 29.28 52.49 11.82
N ALA A 135 29.87 52.43 13.02
CA ALA A 135 30.69 51.25 13.42
C ALA A 135 30.66 50.99 14.91
N PHE A 136 31.04 49.77 15.31
CA PHE A 136 31.20 49.40 16.71
C PHE A 136 32.62 49.72 17.16
N ILE A 137 32.72 50.40 18.30
CA ILE A 137 33.98 50.68 18.96
C ILE A 137 33.97 50.05 20.37
N GLY A 138 35.04 50.23 21.14
CA GLY A 138 35.10 49.70 22.51
C GLY A 138 35.01 48.18 22.54
N ASP A 139 34.42 47.65 23.60
CA ASP A 139 34.31 46.19 23.78
C ASP A 139 33.61 45.50 22.61
N LEU A 140 32.48 46.06 22.20
CA LEU A 140 31.71 45.53 21.07
C LEU A 140 32.45 45.60 19.73
N GLY A 141 33.29 46.61 19.56
CA GLY A 141 34.18 46.73 18.40
C GLY A 141 35.18 45.59 18.30
N ASP A 142 35.78 45.24 19.44
CA ASP A 142 36.70 44.10 19.52
C ASP A 142 36.00 42.81 19.11
N GLN A 143 34.81 42.60 19.67
CA GLN A 143 34.03 41.38 19.45
C GLN A 143 33.60 41.29 17.98
N ALA A 144 33.09 42.39 17.45
CA ALA A 144 32.65 42.48 16.05
C ALA A 144 33.77 42.17 15.07
N THR A 145 34.90 42.84 15.28
CA THR A 145 36.06 42.79 14.41
C THR A 145 36.69 41.40 14.40
N HIS A 146 36.82 40.80 15.58
CA HIS A 146 37.35 39.44 15.64
C HIS A 146 36.46 38.45 14.87
N ALA A 147 35.14 38.55 15.09
CA ALA A 147 34.17 37.66 14.49
C ALA A 147 34.15 37.83 12.97
N ASN A 148 34.23 39.08 12.52
CA ASN A 148 34.35 39.36 11.12
C ASN A 148 35.60 38.74 10.50
N ASN A 149 36.70 38.80 11.23
CA ASN A 149 37.93 38.14 10.79
C ASN A 149 37.79 36.64 10.69
N MET A 150 37.14 36.03 11.68
CA MET A 150 36.90 34.59 11.66
C MET A 150 36.06 34.25 10.44
N TYR A 151 35.06 35.09 10.17
CA TYR A 151 34.19 34.91 9.03
C TYR A 151 34.95 34.89 7.70
N GLU A 152 35.76 35.92 7.46
CA GLU A 152 36.49 36.04 6.20
C GLU A 152 37.51 34.93 5.97
N MET A 153 38.01 34.34 7.06
CA MET A 153 38.95 33.25 6.99
C MET A 153 38.27 31.87 7.01
N GLY A 154 36.93 31.88 7.04
CA GLY A 154 36.16 30.64 7.04
C GLY A 154 36.46 29.82 8.26
N LYS A 155 36.69 30.49 9.38
CA LYS A 155 36.97 29.83 10.65
C LYS A 155 35.74 29.73 11.56
N SER A 156 35.61 28.59 12.20
CA SER A 156 34.47 28.30 13.03
C SER A 156 34.57 28.96 14.40
N MET A 157 33.41 29.34 14.95
CA MET A 157 33.28 29.92 16.29
C MET A 157 32.07 29.28 16.99
N ARG A 158 32.21 28.95 18.27
CA ARG A 158 31.10 28.36 18.99
C ARG A 158 30.13 29.45 19.49
N PRO A 159 28.88 29.44 18.99
CA PRO A 159 27.92 30.45 19.43
C PRO A 159 27.51 30.23 20.88
N ILE A 160 27.20 31.31 21.58
CA ILE A 160 26.75 31.23 22.94
C ILE A 160 25.49 32.07 23.10
N TYR A 161 24.39 31.40 23.48
CA TYR A 161 23.08 32.07 23.61
C TYR A 161 22.78 32.36 25.06
N THR A 162 22.00 33.41 25.28
CA THR A 162 21.61 33.83 26.62
C THR A 162 20.09 33.72 26.72
N ALA A 163 19.63 32.94 27.70
CA ALA A 163 18.22 32.70 27.89
C ALA A 163 17.52 33.90 28.52
N ALA A 164 16.29 34.14 28.10
CA ALA A 164 15.44 35.15 28.73
C ALA A 164 13.98 34.68 28.68
N LEU A 165 13.10 35.47 29.30
CA LEU A 165 11.67 35.18 29.33
C LEU A 165 10.93 36.41 28.81
N LYS A 166 9.98 36.18 27.91
CA LYS A 166 9.35 37.25 27.16
C LYS A 166 8.34 38.03 27.99
N ASP A 167 8.58 39.34 28.06
CA ASP A 167 7.65 40.28 28.66
C ASP A 167 6.56 40.55 27.63
N GLU A 168 5.35 40.09 27.91
CA GLU A 168 4.22 40.21 26.98
C GLU A 168 2.93 40.01 27.75
N LEU A 169 1.84 40.52 27.20
CA LEU A 169 0.53 40.28 27.78
C LEU A 169 0.13 38.80 27.57
N VAL A 170 -0.32 38.15 28.63
CA VAL A 170 -0.79 36.78 28.56
C VAL A 170 -2.18 36.68 29.15
N LYS A 171 -2.89 35.60 28.83
CA LYS A 171 -4.17 35.32 29.47
C LYS A 171 -3.96 35.07 30.98
N PRO A 172 -4.92 35.52 31.82
CA PRO A 172 -4.80 35.46 33.28
C PRO A 172 -4.39 34.11 33.91
N ASP A 173 -4.81 32.99 33.31
CA ASP A 173 -4.49 31.68 33.89
C ASP A 173 -2.98 31.42 33.93
N LYS A 174 -2.25 31.98 32.98
CA LYS A 174 -0.78 31.86 32.96
C LYS A 174 -0.10 32.67 34.07
N ILE A 175 -0.88 33.48 34.78
CA ILE A 175 -0.38 34.24 35.93
C ILE A 175 -0.90 33.65 37.25
N TYR A 176 -2.20 33.34 37.28
CA TYR A 176 -2.89 32.97 38.52
C TYR A 176 -3.11 31.47 38.68
N GLY A 177 -3.19 30.74 37.56
CA GLY A 177 -3.18 29.28 37.58
C GLY A 177 -1.77 28.76 37.37
N LYS A 178 -1.59 27.89 36.37
CA LYS A 178 -0.26 27.33 36.08
C LYS A 178 0.58 28.35 35.33
N ILE A 179 1.60 28.88 36.01
CA ILE A 179 2.43 29.96 35.49
C ILE A 179 3.29 29.53 34.30
N LYS A 180 3.36 30.39 33.29
CA LYS A 180 4.04 30.11 32.04
C LYS A 180 4.57 31.41 31.46
N LYS A 181 5.83 31.42 31.08
CA LYS A 181 6.45 32.56 30.42
C LYS A 181 7.34 32.01 29.34
N ARG A 182 7.37 32.67 28.18
CA ARG A 182 8.00 32.08 27.01
C ARG A 182 9.50 32.31 26.92
N LEU A 183 10.21 31.24 26.55
CA LEU A 183 11.66 31.22 26.46
C LEU A 183 12.18 31.99 25.25
N LEU A 184 13.21 32.80 25.46
CA LEU A 184 13.87 33.54 24.39
C LEU A 184 15.35 33.20 24.33
N TRP A 185 15.86 33.11 23.11
CA TRP A 185 17.26 32.84 22.89
C TRP A 185 17.90 34.14 22.47
N GLY A 186 18.83 34.63 23.27
CA GLY A 186 19.52 35.86 22.95
C GLY A 186 20.88 35.51 22.38
N SER A 187 21.05 35.77 21.09
CA SER A 187 22.27 35.45 20.39
C SER A 187 23.43 36.34 20.84
N ASP A 188 24.66 35.91 20.56
CA ASP A 188 25.86 36.71 20.88
C ASP A 188 26.29 37.56 19.68
N LEU A 189 26.85 38.74 19.95
CA LEU A 189 27.14 39.68 18.89
C LEU A 189 27.96 39.06 17.77
N GLY A 190 29.01 38.32 18.15
CA GLY A 190 29.88 37.67 17.18
C GLY A 190 29.07 36.87 16.17
N THR A 191 28.23 35.97 16.69
CA THR A 191 27.31 35.17 15.90
C THR A 191 26.37 36.05 15.06
N MET A 192 25.82 37.10 15.64
CA MET A 192 24.95 38.02 14.91
C MET A 192 25.64 38.59 13.67
N ILE A 193 26.90 39.02 13.82
CA ILE A 193 27.67 39.58 12.72
C ILE A 193 27.97 38.55 11.61
N ARG A 194 28.41 37.36 12.02
CA ARG A 194 28.69 36.30 11.08
C ARG A 194 27.43 35.84 10.32
N ALA A 195 26.34 35.65 11.07
CA ALA A 195 25.05 35.26 10.48
C ALA A 195 24.52 36.32 9.51
N ALA A 196 24.63 37.59 9.90
CA ALA A 196 24.19 38.71 9.06
C ALA A 196 25.02 38.84 7.78
N ARG A 197 26.34 38.83 7.89
CA ARG A 197 27.16 38.81 6.66
C ARG A 197 26.83 37.63 5.76
N ALA A 198 26.70 36.44 6.36
CA ALA A 198 26.49 35.23 5.58
C ALA A 198 25.12 35.20 4.92
N PHE A 199 24.07 35.57 5.66
CA PHE A 199 22.70 35.30 5.19
C PHE A 199 21.83 36.51 4.90
N GLY A 200 22.31 37.71 5.22
CA GLY A 200 21.59 38.93 4.87
C GLY A 200 21.23 39.01 3.39
N PRO A 201 22.17 38.65 2.49
CA PRO A 201 21.82 38.66 1.07
C PRO A 201 20.60 37.76 0.76
N PHE A 202 20.65 36.50 1.21
CA PHE A 202 19.52 35.58 1.05
C PHE A 202 18.21 36.14 1.62
N CYS A 203 18.24 36.67 2.85
CA CYS A 203 17.04 37.19 3.49
C CYS A 203 16.44 38.42 2.79
N ASP A 204 17.30 39.25 2.20
CA ASP A 204 16.85 40.40 1.41
C ASP A 204 16.18 39.95 0.11
N ALA A 205 16.77 38.95 -0.53
CA ALA A 205 16.24 38.40 -1.77
C ALA A 205 14.85 37.81 -1.52
N LEU A 206 14.71 37.20 -0.35
CA LEU A 206 13.48 36.55 0.08
C LEU A 206 12.38 37.58 0.44
N LYS A 207 12.77 38.66 1.12
CA LYS A 207 11.83 39.73 1.47
C LYS A 207 11.20 40.34 0.23
N GLU A 208 12.01 40.58 -0.80
CA GLU A 208 11.54 41.24 -2.03
C GLU A 208 10.58 40.36 -2.81
N THR A 209 10.37 39.15 -2.30
CA THR A 209 9.77 38.05 -3.01
C THR A 209 8.63 37.50 -2.14
N CYS A 210 8.36 38.19 -1.02
CA CYS A 210 7.44 37.70 0.02
C CYS A 210 5.96 37.65 -0.39
N ILE A 211 5.64 38.17 -1.57
CA ILE A 211 4.31 37.98 -2.14
C ILE A 211 4.27 36.73 -3.02
N PHE A 212 5.29 36.54 -3.84
CA PHE A 212 5.38 35.39 -4.75
C PHE A 212 5.80 34.09 -4.09
N ASN A 213 6.47 34.18 -2.96
CA ASN A 213 6.91 33.01 -2.23
C ASN A 213 6.26 32.91 -0.84
N PRO A 214 6.08 31.67 -0.33
CA PRO A 214 5.34 31.44 0.91
C PRO A 214 5.96 31.97 2.21
N ILE A 215 7.26 32.31 2.22
CA ILE A 215 7.88 32.88 3.41
C ILE A 215 7.59 34.38 3.48
N ARG A 216 6.73 34.77 4.40
CA ARG A 216 6.13 36.09 4.41
C ARG A 216 6.88 37.12 5.24
N VAL A 217 8.05 36.75 5.76
CA VAL A 217 8.85 37.69 6.56
C VAL A 217 9.12 38.97 5.76
N GLY A 218 8.81 40.11 6.39
CA GLY A 218 9.02 41.42 5.77
C GLY A 218 7.79 41.96 5.08
N MET A 219 6.69 41.23 5.14
CA MET A 219 5.43 41.72 4.55
C MET A 219 4.81 42.87 5.36
N SER A 220 4.09 43.73 4.65
CA SER A 220 3.23 44.72 5.29
C SER A 220 1.81 44.16 5.27
N MET A 221 1.17 44.08 6.43
CA MET A 221 -0.19 43.53 6.50
C MET A 221 -1.18 44.35 5.66
N ASN A 222 -1.18 45.66 5.87
CA ASN A 222 -2.01 46.61 5.11
C ASN A 222 -1.68 46.70 3.64
N GLU A 223 -0.40 46.70 3.30
CA GLU A 223 0.02 46.83 1.89
C GLU A 223 -0.02 45.51 1.11
N ASP A 224 0.35 44.42 1.78
CA ASP A 224 0.55 43.16 1.09
C ASP A 224 -0.56 42.15 1.36
N GLY A 225 -1.10 42.18 2.59
CA GLY A 225 -2.20 41.30 2.98
C GLY A 225 -3.27 41.12 1.93
N PRO A 226 -3.80 42.23 1.38
CA PRO A 226 -4.86 42.06 0.39
C PRO A 226 -4.47 41.11 -0.74
N PHE A 227 -3.29 41.32 -1.32
CA PHE A 227 -2.80 40.50 -2.44
C PHE A 227 -2.48 39.07 -1.98
N ILE A 228 -1.81 38.94 -0.84
CA ILE A 228 -1.46 37.64 -0.29
C ILE A 228 -2.72 36.81 -0.05
N PHE A 229 -3.74 37.40 0.56
CA PHE A 229 -4.97 36.69 0.86
C PHE A 229 -5.84 36.40 -0.38
N ALA A 230 -5.81 37.30 -1.36
CA ALA A 230 -6.46 37.03 -2.65
C ALA A 230 -5.83 35.82 -3.35
N ARG A 231 -4.51 35.71 -3.31
CA ARG A 231 -3.83 34.51 -3.81
C ARG A 231 -4.37 33.24 -3.15
N HIS A 232 -4.42 33.23 -1.82
CA HIS A 232 -4.88 32.08 -1.05
C HIS A 232 -6.31 31.71 -1.42
N ALA A 233 -7.14 32.73 -1.66
CA ALA A 233 -8.56 32.53 -1.96
C ALA A 233 -8.81 31.84 -3.32
N ASN A 234 -7.80 31.86 -4.19
CA ASN A 234 -7.87 31.14 -5.47
C ASN A 234 -7.97 29.62 -5.29
N PHE A 235 -7.80 29.13 -4.06
CA PHE A 235 -7.76 27.69 -3.81
C PHE A 235 -8.92 27.22 -2.94
N ARG A 236 -9.33 25.96 -3.13
CA ARG A 236 -10.59 25.48 -2.57
C ARG A 236 -10.58 25.29 -1.06
N TYR A 237 -9.55 24.63 -0.54
CA TYR A 237 -9.49 24.25 0.87
C TYR A 237 -8.46 25.05 1.66
N HIS A 238 -8.84 25.44 2.88
CA HIS A 238 -7.99 26.30 3.72
C HIS A 238 -7.85 25.71 5.09
N MET A 239 -6.66 25.82 5.67
CA MET A 239 -6.43 25.28 7.03
C MET A 239 -5.28 25.97 7.78
N ASP A 240 -5.25 25.75 9.09
CA ASP A 240 -4.20 26.21 9.97
C ASP A 240 -3.98 25.15 11.04
N ALA A 241 -2.78 24.58 11.07
CA ALA A 241 -2.47 23.52 12.02
C ALA A 241 -2.28 23.99 13.47
N ASP A 242 -2.09 25.30 13.67
CA ASP A 242 -2.02 25.88 15.00
C ASP A 242 -1.12 25.06 15.96
N TYR A 243 0.17 25.07 15.68
CA TYR A 243 1.15 24.27 16.40
C TYR A 243 1.41 24.73 17.83
N THR A 244 1.53 23.75 18.71
CA THR A 244 2.03 23.97 20.06
C THR A 244 3.52 23.69 20.07
N ARG A 245 4.26 24.54 20.77
CA ARG A 245 5.70 24.38 20.98
C ARG A 245 6.47 24.05 19.71
N TRP A 246 6.26 24.85 18.67
CA TRP A 246 6.93 24.63 17.40
C TRP A 246 8.45 24.58 17.52
N ASP A 247 9.04 25.63 18.09
CA ASP A 247 10.50 25.78 18.11
C ASP A 247 11.21 24.63 18.80
N SER A 248 10.65 24.19 19.93
CA SER A 248 11.29 23.15 20.73
C SER A 248 11.08 21.74 20.17
N THR A 249 10.09 21.57 19.28
CA THR A 249 9.84 20.27 18.61
C THR A 249 10.63 20.10 17.30
N GLN A 250 11.42 21.08 16.92
CA GLN A 250 12.18 20.94 15.69
C GLN A 250 13.29 19.90 15.77
N GLN A 251 13.55 19.26 14.63
CA GLN A 251 14.68 18.37 14.45
C GLN A 251 15.82 19.12 13.78
N ARG A 252 17.02 19.00 14.32
CA ARG A 252 18.18 19.67 13.72
C ARG A 252 18.42 19.17 12.30
N ALA A 253 18.15 17.89 12.08
CA ALA A 253 18.29 17.28 10.74
C ALA A 253 17.41 18.00 9.71
N ILE A 254 16.19 18.38 10.10
CA ILE A 254 15.29 19.15 9.24
C ILE A 254 15.87 20.55 9.03
N LEU A 255 16.29 21.16 10.15
CA LEU A 255 16.90 22.48 10.15
C LEU A 255 18.15 22.54 9.27
N LYS A 256 18.92 21.45 9.24
CA LYS A 256 20.12 21.38 8.38
C LYS A 256 19.77 21.41 6.89
N ARG A 257 18.70 20.74 6.51
CA ARG A 257 18.24 20.77 5.11
C ARG A 257 17.72 22.15 4.75
N ALA A 258 17.07 22.80 5.72
CA ALA A 258 16.71 24.21 5.57
C ALA A 258 17.99 25.04 5.40
N GLY A 259 18.95 24.84 6.30
CA GLY A 259 20.24 25.50 6.21
C GLY A 259 20.97 25.28 4.90
N ASP A 260 20.87 24.07 4.33
CA ASP A 260 21.52 23.71 3.06
C ASP A 260 21.06 24.60 1.91
N ILE A 261 19.75 24.82 1.86
CA ILE A 261 19.16 25.68 0.85
C ILE A 261 19.65 27.12 1.00
N MET A 262 19.63 27.65 2.22
CA MET A 262 20.13 28.99 2.52
C MET A 262 21.58 29.15 2.07
N VAL A 263 22.44 28.21 2.48
CA VAL A 263 23.85 28.20 2.05
C VAL A 263 23.98 28.23 0.52
N ARG A 264 23.37 27.24 -0.14
CA ARG A 264 23.46 27.07 -1.60
C ARG A 264 23.04 28.31 -2.33
N LEU A 265 22.11 29.07 -1.76
CA LEU A 265 21.56 30.26 -2.39
C LEU A 265 22.14 31.57 -1.85
N SER A 266 23.30 31.49 -1.20
CA SER A 266 24.00 32.69 -0.75
C SER A 266 25.15 33.06 -1.70
N PRO A 267 25.47 34.36 -1.83
CA PRO A 267 26.59 34.77 -2.69
C PRO A 267 27.99 34.32 -2.22
N GLU A 268 28.12 33.92 -0.95
CA GLU A 268 29.38 33.33 -0.47
C GLU A 268 29.16 31.97 0.21
N PRO A 269 28.87 30.92 -0.58
CA PRO A 269 28.42 29.64 -0.04
C PRO A 269 29.42 28.95 0.92
N ASP A 270 30.72 29.04 0.62
CA ASP A 270 31.76 28.39 1.43
C ASP A 270 31.93 29.03 2.80
N LEU A 271 31.76 30.34 2.85
CA LEU A 271 31.84 31.07 4.10
C LEU A 271 30.53 30.91 4.87
N ALA A 272 29.41 30.86 4.14
CA ALA A 272 28.10 30.71 4.75
C ALA A 272 27.95 29.32 5.40
N ARG A 273 28.56 28.31 4.77
CA ARG A 273 28.56 26.95 5.31
C ARG A 273 29.18 26.90 6.71
N VAL A 274 30.32 27.57 6.88
CA VAL A 274 31.00 27.59 8.19
C VAL A 274 30.06 28.17 9.24
N VAL A 275 29.36 29.24 8.88
CA VAL A 275 28.44 29.89 9.81
C VAL A 275 27.22 29.02 10.11
N MET A 276 26.58 28.51 9.06
CA MET A 276 25.43 27.63 9.25
C MET A 276 25.80 26.39 10.07
N ASP A 277 26.96 25.80 9.80
CA ASP A 277 27.41 24.65 10.58
C ASP A 277 27.55 24.98 12.06
N ASP A 278 28.05 26.18 12.37
CA ASP A 278 28.11 26.67 13.76
C ASP A 278 26.71 26.88 14.37
N LEU A 279 25.79 27.42 13.59
CA LEU A 279 24.44 27.71 14.10
C LEU A 279 23.72 26.44 14.53
N LEU A 280 23.91 25.38 13.77
CA LEU A 280 23.13 24.17 13.92
C LEU A 280 23.76 23.10 14.82
N ALA A 281 25.04 23.28 15.16
CA ALA A 281 25.76 22.38 16.05
C ALA A 281 25.18 22.49 17.47
N PRO A 282 25.32 21.44 18.30
CA PRO A 282 24.76 21.48 19.66
C PRO A 282 24.96 22.86 20.28
N SER A 283 23.88 23.47 20.76
CA SER A 283 23.92 24.88 21.14
C SER A 283 24.24 25.05 22.63
N LEU A 284 25.06 26.05 22.93
CA LEU A 284 25.36 26.46 24.30
C LEU A 284 24.37 27.55 24.70
N LEU A 285 23.60 27.26 25.75
CA LEU A 285 22.57 28.19 26.24
C LEU A 285 22.87 28.56 27.68
N ASP A 286 23.08 29.86 27.92
CA ASP A 286 23.41 30.40 29.24
C ASP A 286 22.15 30.75 30.02
N VAL A 287 21.88 29.94 31.04
CA VAL A 287 20.68 30.11 31.87
C VAL A 287 20.98 30.82 33.20
N GLY A 288 22.15 31.44 33.33
CA GLY A 288 22.53 32.13 34.59
C GLY A 288 23.67 31.44 35.31
N ASP A 289 23.35 30.39 36.05
CA ASP A 289 24.37 29.65 36.77
C ASP A 289 25.22 28.76 35.86
N TYR A 290 24.61 28.26 34.79
CA TYR A 290 25.27 27.34 33.86
C TYR A 290 25.07 27.69 32.40
N LYS A 291 25.97 27.17 31.57
CA LYS A 291 25.74 27.07 30.14
C LYS A 291 25.44 25.62 29.88
N ILE A 292 24.27 25.36 29.29
CA ILE A 292 23.84 24.01 29.03
C ILE A 292 23.88 23.74 27.53
N VAL A 293 23.98 22.46 27.19
CA VAL A 293 24.09 22.02 25.81
C VAL A 293 22.70 21.63 25.34
N VAL A 294 22.21 22.33 24.33
CA VAL A 294 20.90 22.03 23.76
C VAL A 294 21.12 21.47 22.35
N GLU A 295 20.97 20.16 22.26
CA GLU A 295 21.30 19.42 21.07
C GLU A 295 20.19 19.50 20.03
N GLU A 296 18.95 19.56 20.49
CA GLU A 296 17.80 19.56 19.59
C GLU A 296 16.92 20.80 19.69
N GLY A 297 15.92 20.90 18.82
CA GLY A 297 15.07 22.08 18.73
C GLY A 297 15.72 23.23 17.97
N LEU A 298 15.01 24.34 17.86
CA LEU A 298 15.50 25.53 17.15
C LEU A 298 16.32 26.46 18.04
N PRO A 299 17.54 26.81 17.60
CA PRO A 299 18.29 27.90 18.26
C PRO A 299 17.88 29.24 17.64
N SER A 300 16.81 29.81 18.19
CA SER A 300 16.12 30.97 17.61
C SER A 300 16.73 32.34 17.94
N GLY A 301 18.04 32.43 18.03
CA GLY A 301 18.62 33.67 18.54
C GLY A 301 18.79 34.77 17.51
N CYS A 302 19.13 34.37 16.30
CA CYS A 302 19.80 35.25 15.34
C CYS A 302 18.95 36.30 14.68
N PRO A 303 19.58 37.08 13.77
CA PRO A 303 18.87 37.79 12.70
C PRO A 303 18.08 36.81 11.81
N CYS A 304 18.76 35.83 11.22
CA CYS A 304 18.16 35.10 10.10
C CYS A 304 17.47 33.81 10.51
N THR A 305 17.11 33.77 11.79
CA THR A 305 16.46 32.63 12.42
C THR A 305 15.03 32.39 11.93
N THR A 306 14.28 33.48 11.72
CA THR A 306 12.88 33.37 11.31
C THR A 306 12.79 32.78 9.90
N GLN A 307 13.72 33.14 9.03
CA GLN A 307 13.72 32.61 7.68
C GLN A 307 14.01 31.12 7.68
N LEU A 308 15.03 30.72 8.44
CA LEU A 308 15.43 29.32 8.57
C LEU A 308 14.27 28.48 9.10
N ASN A 309 13.59 29.00 10.11
CA ASN A 309 12.45 28.33 10.73
C ASN A 309 11.26 28.18 9.75
N SER A 310 10.98 29.26 9.01
CA SER A 310 9.91 29.28 8.00
C SER A 310 10.20 28.30 6.87
N LEU A 311 11.49 28.13 6.57
CA LEU A 311 11.94 27.21 5.55
C LEU A 311 11.77 25.76 6.02
N ALA A 312 12.10 25.52 7.29
CA ALA A 312 11.89 24.21 7.88
C ALA A 312 10.41 23.86 7.87
N HIS A 313 9.58 24.86 8.16
CA HIS A 313 8.13 24.73 8.16
C HIS A 313 7.62 24.35 6.77
N TRP A 314 8.11 25.07 5.75
CA TRP A 314 7.82 24.78 4.34
C TRP A 314 8.15 23.34 3.98
N ILE A 315 9.34 22.89 4.39
CA ILE A 315 9.77 21.52 4.19
C ILE A 315 8.78 20.53 4.81
N LEU A 316 8.52 20.69 6.10
CA LEU A 316 7.67 19.73 6.81
C LEU A 316 6.24 19.69 6.30
N THR A 317 5.68 20.86 5.97
CA THR A 317 4.33 20.94 5.41
C THR A 317 4.27 20.24 4.04
N LEU A 318 5.22 20.52 3.16
CA LEU A 318 5.30 19.82 1.88
C LEU A 318 5.48 18.32 2.06
N CYS A 319 6.35 17.93 2.99
CA CYS A 319 6.53 16.51 3.29
C CYS A 319 5.24 15.79 3.67
N ALA A 320 4.51 16.34 4.64
CA ALA A 320 3.25 15.72 5.07
C ALA A 320 2.26 15.67 3.91
N MET A 321 2.09 16.78 3.20
CA MET A 321 1.17 16.81 2.05
C MET A 321 1.52 15.81 0.95
N VAL A 322 2.80 15.73 0.58
CA VAL A 322 3.28 14.80 -0.44
C VAL A 322 3.11 13.34 0.00
N GLU A 323 3.48 13.05 1.25
CA GLU A 323 3.30 11.73 1.82
C GLU A 323 1.85 11.26 1.72
N VAL A 324 0.90 12.16 1.96
CA VAL A 324 -0.50 11.76 2.03
C VAL A 324 -1.14 11.74 0.64
N THR A 325 -1.01 12.84 -0.10
CA THR A 325 -1.65 12.96 -1.42
C THR A 325 -0.99 12.12 -2.50
N ARG A 326 0.28 11.81 -2.30
CA ARG A 326 1.09 11.11 -3.30
C ARG A 326 1.39 11.98 -4.53
N VAL A 327 1.10 13.28 -4.46
CA VAL A 327 1.44 14.17 -5.58
C VAL A 327 2.79 14.84 -5.35
N ASP A 328 3.59 14.91 -6.41
CA ASP A 328 4.95 15.48 -6.36
C ASP A 328 4.96 16.86 -5.73
N PRO A 329 6.04 17.18 -4.98
CA PRO A 329 6.17 18.47 -4.29
C PRO A 329 5.99 19.69 -5.21
N ASP A 330 6.56 19.65 -6.42
CA ASP A 330 6.39 20.76 -7.37
C ASP A 330 4.94 20.91 -7.86
N ILE A 331 4.24 19.80 -8.08
CA ILE A 331 2.83 19.86 -8.45
C ILE A 331 1.94 20.31 -7.29
N VAL A 332 2.27 19.88 -6.07
CA VAL A 332 1.52 20.37 -4.89
C VAL A 332 1.59 21.90 -4.85
N MET A 333 2.77 22.42 -5.14
CA MET A 333 3.05 23.84 -5.14
C MET A 333 2.34 24.59 -6.27
N GLN A 334 1.92 23.89 -7.33
CA GLN A 334 1.14 24.57 -8.36
C GLN A 334 -0.37 24.48 -8.09
N GLU A 335 -0.73 23.66 -7.11
CA GLU A 335 -2.11 23.45 -6.69
C GLU A 335 -2.40 24.07 -5.31
N SER A 336 -1.46 24.86 -4.81
CA SER A 336 -1.51 25.39 -3.45
C SER A 336 -0.99 26.81 -3.27
N GLU A 337 -1.36 27.44 -2.17
CA GLU A 337 -0.74 28.66 -1.71
C GLU A 337 -0.44 28.48 -0.23
N PHE A 338 0.81 28.73 0.16
CA PHE A 338 1.21 28.68 1.55
C PHE A 338 1.60 30.08 2.03
N SER A 339 1.46 30.29 3.32
CA SER A 339 2.07 31.42 4.00
C SER A 339 2.71 30.89 5.26
N PHE A 340 4.02 31.12 5.42
CA PHE A 340 4.74 30.76 6.63
C PHE A 340 5.46 31.96 7.25
N TYR A 341 5.50 31.99 8.56
CA TYR A 341 6.27 33.00 9.28
C TYR A 341 6.64 32.36 10.60
N GLY A 342 7.76 31.68 10.62
CA GLY A 342 8.14 30.87 11.76
C GLY A 342 7.14 29.74 11.91
N ASP A 343 6.49 29.67 13.07
CA ASP A 343 5.52 28.61 13.34
C ASP A 343 4.14 28.91 12.75
N ASP A 344 3.97 30.16 12.31
CA ASP A 344 2.68 30.66 11.86
C ASP A 344 2.44 30.24 10.41
N GLU A 345 1.21 29.82 10.12
CA GLU A 345 0.89 29.28 8.79
C GLU A 345 -0.55 29.45 8.32
N VAL A 346 -0.73 29.57 7.01
CA VAL A 346 -1.99 29.32 6.34
C VAL A 346 -1.64 28.42 5.16
N VAL A 347 -2.40 27.34 4.99
CA VAL A 347 -2.20 26.43 3.87
C VAL A 347 -3.50 26.35 3.07
N SER A 348 -3.40 26.65 1.78
CA SER A 348 -4.57 26.60 0.91
C SER A 348 -4.25 25.69 -0.27
N THR A 349 -5.19 24.81 -0.61
CA THR A 349 -4.93 23.85 -1.67
C THR A 349 -6.20 23.42 -2.38
N ASN A 350 -6.08 23.11 -3.66
CA ASN A 350 -7.14 22.45 -4.41
C ASN A 350 -7.10 20.94 -4.21
N LEU A 351 -6.04 20.45 -3.58
CA LEU A 351 -5.82 19.02 -3.41
C LEU A 351 -6.72 18.45 -2.33
N GLU A 352 -7.21 17.25 -2.60
CA GLU A 352 -8.22 16.63 -1.81
C GLU A 352 -7.45 15.87 -0.73
N LEU A 353 -7.27 16.51 0.43
CA LEU A 353 -6.34 16.02 1.45
C LEU A 353 -7.03 15.26 2.57
N ASP A 354 -6.54 14.04 2.85
CA ASP A 354 -7.08 13.20 3.92
C ASP A 354 -6.58 13.77 5.24
N MET A 355 -7.46 14.43 5.97
CA MET A 355 -7.06 15.20 7.17
C MET A 355 -6.62 14.34 8.36
N VAL A 356 -7.13 13.12 8.45
CA VAL A 356 -6.68 12.14 9.42
C VAL A 356 -5.23 11.73 9.12
N LYS A 357 -4.95 11.39 7.87
CA LYS A 357 -3.62 10.95 7.50
C LYS A 357 -2.59 12.07 7.62
N TYR A 358 -3.02 13.29 7.28
CA TYR A 358 -2.19 14.49 7.33
C TYR A 358 -1.79 14.84 8.76
N THR A 359 -2.78 14.84 9.66
CA THR A 359 -2.54 15.06 11.07
C THR A 359 -1.59 14.01 11.67
N MET A 360 -1.80 12.74 11.31
CA MET A 360 -0.93 11.66 11.75
C MET A 360 0.52 11.82 11.27
N ALA A 361 0.68 12.24 10.02
CA ALA A 361 2.00 12.46 9.46
C ALA A 361 2.74 13.55 10.24
N LEU A 362 2.04 14.66 10.50
CA LEU A 362 2.60 15.76 11.29
C LEU A 362 3.01 15.31 12.69
N ARG A 363 2.14 14.54 13.34
CA ARG A 363 2.41 14.03 14.69
C ARG A 363 3.59 13.08 14.72
N ARG A 364 3.77 12.35 13.64
CA ARG A 364 4.86 11.39 13.51
C ARG A 364 6.21 12.10 13.36
N TYR A 365 6.18 13.30 12.79
CA TYR A 365 7.38 14.12 12.66
C TYR A 365 7.71 14.79 14.00
N GLY A 366 6.93 14.49 15.04
CA GLY A 366 7.13 15.11 16.35
C GLY A 366 6.46 16.48 16.53
N LEU A 367 5.67 16.91 15.56
CA LEU A 367 4.97 18.18 15.69
C LEU A 367 3.68 18.00 16.49
N LEU A 368 3.19 19.10 17.05
CA LEU A 368 2.00 19.09 17.89
C LEU A 368 0.95 20.03 17.31
N PRO A 369 0.30 19.61 16.21
CA PRO A 369 -0.77 20.46 15.68
C PRO A 369 -1.99 20.34 16.58
N THR A 370 -2.85 21.34 16.58
CA THR A 370 -4.02 21.33 17.46
C THR A 370 -5.28 21.88 16.78
N ARG A 371 -6.42 21.30 17.13
CA ARG A 371 -7.72 21.69 16.61
C ARG A 371 -8.20 23.00 17.24
N ALA A 372 -8.93 23.81 16.48
CA ALA A 372 -9.56 25.04 17.01
C ALA A 372 -10.31 24.82 18.34
N ASP A 373 -11.03 23.71 18.44
CA ASP A 373 -11.76 23.37 19.67
C ASP A 373 -10.89 22.70 20.74
N LYS A 374 -9.58 22.59 20.47
CA LYS A 374 -8.61 22.01 21.41
C LYS A 374 -8.84 20.57 21.89
N GLU A 375 -9.78 19.86 21.25
CA GLU A 375 -10.00 18.44 21.53
C GLU A 375 -9.20 17.53 20.61
N GLU A 376 -9.11 16.26 20.99
CA GLU A 376 -8.39 15.24 20.23
C GLU A 376 -9.02 15.02 18.86
N GLY A 377 -8.28 14.36 17.96
CA GLY A 377 -8.77 14.07 16.62
C GLY A 377 -8.02 14.82 15.53
N PRO A 378 -8.51 14.71 14.28
CA PRO A 378 -7.84 15.32 13.12
C PRO A 378 -8.05 16.82 12.99
N LEU A 379 -7.05 17.52 12.44
CA LEU A 379 -7.18 18.89 12.02
C LEU A 379 -8.35 19.06 11.07
N GLU A 380 -9.00 20.21 11.12
CA GLU A 380 -10.14 20.47 10.26
C GLU A 380 -9.69 21.27 9.04
N ARG A 381 -10.39 21.13 7.92
CA ARG A 381 -10.21 22.03 6.78
C ARG A 381 -11.53 22.71 6.47
N ARG A 382 -11.46 23.90 5.89
CA ARG A 382 -12.67 24.58 5.45
C ARG A 382 -12.56 25.06 4.01
N GLN A 383 -13.69 25.50 3.46
CA GLN A 383 -13.76 25.98 2.07
C GLN A 383 -13.88 27.49 1.98
N THR A 384 -13.72 28.15 3.12
CA THR A 384 -13.66 29.60 3.17
C THR A 384 -12.45 30.03 4.00
N LEU A 385 -11.82 31.13 3.61
CA LEU A 385 -10.65 31.64 4.32
C LEU A 385 -11.09 32.38 5.58
N GLN A 386 -12.24 33.05 5.46
CA GLN A 386 -12.87 33.79 6.57
C GLN A 386 -12.87 32.91 7.82
N GLY A 387 -12.22 33.39 8.89
CA GLY A 387 -12.14 32.64 10.14
C GLY A 387 -10.75 32.11 10.46
N ILE A 388 -9.85 32.20 9.48
CA ILE A 388 -8.47 31.82 9.71
C ILE A 388 -7.69 33.10 10.00
N SER A 389 -6.66 33.00 10.84
CA SER A 389 -5.78 34.13 11.18
C SER A 389 -4.37 33.97 10.65
N PHE A 390 -3.64 35.08 10.63
CA PHE A 390 -2.22 35.11 10.25
C PHE A 390 -1.57 36.40 10.72
N LEU A 391 -0.33 36.28 11.22
CA LEU A 391 0.36 37.41 11.89
C LEU A 391 -0.53 38.15 12.91
N ARG A 392 -1.25 37.37 13.71
CA ARG A 392 -2.14 37.91 14.75
C ARG A 392 -3.33 38.77 14.24
N ARG A 393 -3.67 38.65 12.95
CA ARG A 393 -4.84 39.33 12.35
C ARG A 393 -5.83 38.31 11.80
N ALA A 394 -7.13 38.56 11.95
CA ALA A 394 -8.14 37.75 11.27
C ALA A 394 -8.20 38.09 9.78
N ILE A 395 -8.35 37.07 8.93
CA ILE A 395 -8.51 37.29 7.49
C ILE A 395 -9.98 37.50 7.16
N VAL A 396 -10.27 38.66 6.56
CA VAL A 396 -11.64 39.08 6.28
C VAL A 396 -11.76 39.50 4.81
N GLY A 397 -12.89 39.15 4.20
CA GLY A 397 -13.14 39.50 2.81
C GLY A 397 -14.51 40.13 2.60
N ASP A 398 -14.54 41.21 1.81
CA ASP A 398 -15.80 41.85 1.46
C ASP A 398 -15.78 42.19 -0.02
N GLN A 399 -16.67 43.07 -0.46
CA GLN A 399 -16.80 43.42 -1.89
C GLN A 399 -15.58 44.15 -2.45
N PHE A 400 -14.69 44.61 -1.59
CA PHE A 400 -13.51 45.36 -2.02
C PHE A 400 -12.31 44.46 -2.13
N GLY A 401 -12.34 43.33 -1.43
CA GLY A 401 -11.23 42.39 -1.41
C GLY A 401 -10.98 41.80 -0.03
N TRP A 402 -9.80 41.24 0.15
CA TRP A 402 -9.39 40.60 1.40
C TRP A 402 -8.45 41.50 2.19
N TYR A 403 -8.34 41.26 3.49
CA TYR A 403 -7.47 42.06 4.34
C TYR A 403 -7.35 41.42 5.72
N GLY A 404 -6.33 41.84 6.47
CA GLY A 404 -6.15 41.40 7.83
C GLY A 404 -6.70 42.45 8.79
N ARG A 405 -7.53 42.00 9.73
CA ARG A 405 -8.15 42.86 10.72
C ARG A 405 -7.88 42.35 12.15
N LEU A 406 -7.42 43.26 13.01
CA LEU A 406 -7.18 42.93 14.41
C LEU A 406 -8.54 42.82 15.11
N ASP A 407 -8.70 41.76 15.90
CA ASP A 407 -9.98 41.49 16.55
C ASP A 407 -10.28 42.48 17.68
N ARG A 408 -11.53 42.49 18.13
CA ARG A 408 -12.01 43.40 19.17
C ARG A 408 -11.26 43.23 20.50
N ALA A 409 -10.98 41.98 20.89
CA ALA A 409 -10.24 41.72 22.12
C ALA A 409 -8.85 42.37 22.11
N SER A 410 -8.15 42.29 20.99
CA SER A 410 -6.80 42.83 20.86
C SER A 410 -6.81 44.35 20.82
N ILE A 411 -7.83 44.94 20.20
CA ILE A 411 -7.98 46.39 20.21
C ILE A 411 -8.25 46.90 21.63
N ASP A 412 -9.14 46.19 22.34
CA ASP A 412 -9.40 46.47 23.74
C ASP A 412 -8.13 46.34 24.59
N ARG A 413 -7.31 45.33 24.30
CA ARG A 413 -6.04 45.15 25.01
C ARG A 413 -5.06 46.34 24.88
N GLN A 414 -4.87 46.85 23.66
CA GLN A 414 -3.94 47.95 23.43
C GLN A 414 -4.45 49.27 24.01
N LEU A 415 -5.75 49.32 24.30
CA LEU A 415 -6.33 50.48 24.97
C LEU A 415 -6.13 50.45 26.48
N LEU A 416 -5.95 49.23 27.03
CA LEU A 416 -5.78 49.01 28.47
C LEU A 416 -4.33 49.09 28.93
N TRP A 417 -3.41 48.96 27.98
CA TRP A 417 -1.97 48.93 28.30
C TRP A 417 -1.19 49.77 27.32
N THR A 418 -0.07 50.30 27.80
CA THR A 418 0.81 51.06 26.95
C THR A 418 2.26 50.73 27.32
N LYS A 419 3.15 50.76 26.33
CA LYS A 419 4.56 50.47 26.54
C LYS A 419 5.28 51.69 27.08
N GLY A 420 6.19 51.46 28.02
CA GLY A 420 6.98 52.50 28.66
C GLY A 420 8.22 51.87 29.25
N PRO A 421 9.00 52.64 30.05
CA PRO A 421 10.20 52.05 30.67
C PRO A 421 9.87 50.87 31.59
N ASN A 422 10.87 50.02 31.84
CA ASN A 422 10.69 48.86 32.72
C ASN A 422 10.40 49.24 34.17
N HIS A 423 9.45 48.54 34.76
CA HIS A 423 9.06 48.76 36.16
C HIS A 423 8.42 47.53 36.80
N GLN A 424 8.38 47.56 38.13
CA GLN A 424 8.00 46.40 38.95
C GLN A 424 6.50 46.12 38.99
N ASN A 425 5.67 47.16 38.97
CA ASN A 425 4.22 47.00 39.16
C ASN A 425 3.41 47.35 37.91
N PRO A 426 2.82 46.34 37.25
CA PRO A 426 2.06 46.54 36.01
C PRO A 426 0.86 47.48 36.16
N PHE A 427 0.27 47.50 37.34
CA PHE A 427 -0.94 48.29 37.58
C PHE A 427 -0.69 49.80 37.78
N GLU A 428 0.58 50.20 37.95
CA GLU A 428 0.99 51.62 37.94
C GLU A 428 0.54 52.32 36.66
N THR A 429 0.17 53.59 36.81
CA THR A 429 -0.16 54.43 35.68
C THR A 429 1.10 55.19 35.25
N LEU A 430 1.30 55.31 33.94
CA LEU A 430 2.47 56.01 33.39
C LEU A 430 2.24 57.53 33.43
N PRO A 431 2.76 58.20 34.48
CA PRO A 431 2.30 59.56 34.80
C PRO A 431 2.70 60.59 33.74
N GLY A 432 3.40 60.13 32.70
CA GLY A 432 4.00 61.00 31.70
C GLY A 432 3.10 61.78 30.76
N HIS A 433 1.83 61.93 31.15
CA HIS A 433 0.76 62.39 30.23
C HIS A 433 0.50 61.31 29.16
N ALA A 434 1.57 60.67 28.70
CA ALA A 434 1.54 59.51 27.79
C ALA A 434 1.02 59.81 26.37
N GLN A 435 1.92 60.30 25.52
CA GLN A 435 1.59 60.63 24.12
C GLN A 435 1.81 59.40 23.21
N ARG A 436 0.71 58.78 22.81
CA ARG A 436 0.77 57.66 21.88
C ARG A 436 -0.02 57.99 20.61
N PRO A 437 0.52 58.88 19.76
CA PRO A 437 -0.30 59.50 18.71
C PRO A 437 -0.44 58.60 17.47
N SER A 438 0.70 58.16 16.95
CA SER A 438 0.78 57.20 15.86
C SER A 438 0.01 55.93 16.21
N GLN A 439 0.28 55.37 17.39
CA GLN A 439 -0.43 54.19 17.87
C GLN A 439 -1.94 54.41 17.93
N LEU A 440 -2.38 55.48 18.59
CA LEU A 440 -3.82 55.78 18.70
C LEU A 440 -4.52 55.82 17.34
N MET A 441 -3.82 56.40 16.36
CA MET A 441 -4.33 56.48 14.99
C MET A 441 -4.55 55.09 14.38
N ALA A 442 -3.53 54.23 14.45
CA ALA A 442 -3.63 52.86 13.93
C ALA A 442 -4.80 52.11 14.57
N LEU A 443 -5.01 52.38 15.86
CA LEU A 443 -6.02 51.71 16.63
C LEU A 443 -7.39 52.16 16.15
N LEU A 444 -7.50 53.45 15.86
CA LEU A 444 -8.71 54.02 15.23
C LEU A 444 -8.98 53.30 13.90
N GLY A 445 -7.92 53.09 13.12
CA GLY A 445 -7.98 52.38 11.86
C GLY A 445 -8.49 50.96 11.99
N GLU A 446 -7.97 50.24 12.98
CA GLU A 446 -8.41 48.86 13.21
C GLU A 446 -9.89 48.78 13.60
N ALA A 447 -10.31 49.70 14.47
CA ALA A 447 -11.68 49.74 14.96
C ALA A 447 -12.66 50.07 13.84
N ALA A 448 -12.27 51.00 12.97
CA ALA A 448 -13.09 51.40 11.84
C ALA A 448 -13.50 50.19 11.01
N MET A 449 -12.60 49.23 10.88
CA MET A 449 -12.88 48.05 10.08
C MET A 449 -13.89 47.13 10.74
N HIS A 450 -14.35 47.49 11.94
CA HIS A 450 -15.35 46.69 12.65
C HIS A 450 -16.76 47.26 12.58
N GLY A 451 -16.91 48.43 12.00
CA GLY A 451 -18.23 49.02 11.86
C GLY A 451 -18.39 50.30 12.63
N GLU A 452 -19.53 50.97 12.40
CA GLU A 452 -19.89 52.22 13.05
C GLU A 452 -19.95 52.04 14.55
N LYS A 453 -20.80 51.11 15.00
CA LYS A 453 -21.04 50.95 16.45
C LYS A 453 -19.75 50.77 17.23
N TYR A 454 -18.92 49.81 16.83
CA TYR A 454 -17.66 49.54 17.52
C TYR A 454 -16.67 50.70 17.42
N TYR A 455 -16.55 51.28 16.24
CA TYR A 455 -15.65 52.41 16.03
C TYR A 455 -15.96 53.57 16.97
N ARG A 456 -17.24 53.83 17.18
CA ARG A 456 -17.67 54.96 18.02
C ARG A 456 -17.21 54.80 19.48
N THR A 457 -17.40 53.59 20.03
CA THR A 457 -16.96 53.28 21.38
C THR A 457 -15.43 53.42 21.53
N VAL A 458 -14.68 52.93 20.55
CA VAL A 458 -13.22 53.07 20.57
C VAL A 458 -12.80 54.53 20.40
N ALA A 459 -13.52 55.26 19.56
CA ALA A 459 -13.26 56.70 19.36
C ALA A 459 -13.41 57.49 20.66
N SER A 460 -14.41 57.14 21.47
CA SER A 460 -14.61 57.73 22.81
C SER A 460 -13.40 57.51 23.70
N ARG A 461 -13.00 56.25 23.84
CA ARG A 461 -11.88 55.86 24.68
C ARG A 461 -10.58 56.49 24.19
N VAL A 462 -10.42 56.58 22.88
CA VAL A 462 -9.23 57.19 22.29
C VAL A 462 -9.18 58.69 22.54
N SER A 463 -10.35 59.33 22.57
CA SER A 463 -10.43 60.76 22.90
C SER A 463 -10.05 61.04 24.35
N LYS A 464 -10.68 60.35 25.29
CA LYS A 464 -10.32 60.45 26.71
C LYS A 464 -8.82 60.28 26.89
N GLU A 465 -8.27 59.21 26.31
CA GLU A 465 -6.85 58.91 26.40
C GLU A 465 -5.95 59.99 25.78
N ALA A 466 -6.50 60.79 24.87
CA ALA A 466 -5.76 61.90 24.28
C ALA A 466 -6.05 63.19 25.04
N ALA A 467 -7.21 63.23 25.70
CA ALA A 467 -7.63 64.36 26.52
C ALA A 467 -6.79 64.44 27.79
N GLN A 468 -6.85 63.39 28.62
CA GLN A 468 -5.96 63.29 29.77
C GLN A 468 -4.55 62.89 29.31
N SER A 469 -4.05 63.66 28.34
CA SER A 469 -2.73 63.47 27.76
C SER A 469 -2.24 64.81 27.18
N GLY A 470 -1.02 64.81 26.63
CA GLY A 470 -0.42 66.00 26.05
C GLY A 470 -1.17 66.57 24.86
N ILE A 471 -0.87 66.05 23.67
CA ILE A 471 -1.37 66.61 22.41
C ILE A 471 -2.88 66.38 22.17
N GLU A 472 -3.47 67.30 21.42
CA GLU A 472 -4.86 67.18 20.97
C GLU A 472 -4.89 67.04 19.45
N MET A 473 -5.46 65.94 18.98
CA MET A 473 -5.57 65.63 17.56
C MET A 473 -7.04 65.52 17.14
N VAL A 474 -7.30 65.79 15.86
CA VAL A 474 -8.64 65.64 15.29
C VAL A 474 -9.03 64.16 15.27
N VAL A 475 -10.26 63.85 15.69
CA VAL A 475 -10.77 62.48 15.59
C VAL A 475 -11.77 62.37 14.44
N PRO A 476 -11.34 61.77 13.30
CA PRO A 476 -12.09 61.77 12.05
C PRO A 476 -13.35 60.93 12.10
N ARG A 477 -14.22 61.11 11.11
CA ARG A 477 -15.43 60.31 10.99
C ARG A 477 -15.06 58.88 10.64
N HIS A 478 -16.00 57.97 10.89
CA HIS A 478 -15.81 56.56 10.58
C HIS A 478 -15.44 56.33 9.11
N ARG A 479 -16.25 56.86 8.21
CA ARG A 479 -16.06 56.58 6.78
C ARG A 479 -14.76 57.14 6.20
N SER A 480 -14.18 58.14 6.85
CA SER A 480 -12.90 58.73 6.43
C SER A 480 -11.72 57.85 6.80
N VAL A 481 -11.73 57.35 8.03
CA VAL A 481 -10.64 56.53 8.53
C VAL A 481 -10.70 55.12 7.94
N LEU A 482 -11.92 54.60 7.76
CA LEU A 482 -12.11 53.31 7.09
C LEU A 482 -11.51 53.31 5.70
N ARG A 483 -11.72 54.41 4.98
CA ARG A 483 -11.21 54.59 3.64
C ARG A 483 -9.69 54.69 3.66
N TRP A 484 -9.15 55.25 4.72
CA TRP A 484 -7.70 55.40 4.84
C TRP A 484 -7.00 54.10 5.23
N VAL A 485 -7.62 53.24 6.03
CA VAL A 485 -6.98 51.95 6.37
C VAL A 485 -7.05 50.92 5.25
N ARG A 486 -8.18 50.85 4.57
CA ARG A 486 -8.40 49.84 3.55
C ARG A 486 -7.71 50.17 2.24
N PHE A 487 -7.82 51.43 1.83
CA PHE A 487 -7.41 51.84 0.48
C PHE A 487 -6.36 52.94 0.54
N GLY A 488 -6.27 53.60 1.69
CA GLY A 488 -5.39 54.76 1.92
C GLY A 488 -4.25 54.90 0.95
N THR A 489 -4.24 56.04 0.23
CA THR A 489 -3.28 56.35 -0.85
C THR A 489 -1.84 55.99 -0.48
N MET A 490 -1.56 56.04 0.83
CA MET A 490 -0.35 55.49 1.44
C MET A 490 -0.65 55.34 2.94
N ASP A 491 0.30 54.84 3.71
CA ASP A 491 0.11 54.68 5.16
C ASP A 491 0.27 55.98 5.94
N ALA A 492 1.37 56.69 5.69
CA ALA A 492 1.80 57.89 6.44
C ALA A 492 0.70 58.91 6.73
N GLU A 493 0.72 59.46 7.95
CA GLU A 493 -0.29 60.39 8.50
C GLU A 493 -1.78 60.03 8.33
N THR A 494 -2.64 60.93 8.78
CA THR A 494 -4.10 60.69 8.95
C THR A 494 -4.89 60.64 7.62
N PRO A 495 -6.21 60.35 7.68
CA PRO A 495 -7.07 60.58 6.51
C PRO A 495 -7.35 62.08 6.32
N ARG B 4 -17.45 4.66 -59.99
CA ARG B 4 -17.36 4.68 -58.49
C ARG B 4 -18.38 5.63 -57.87
N PRO B 5 -19.29 5.09 -57.04
CA PRO B 5 -20.38 5.88 -56.46
C PRO B 5 -19.93 6.95 -55.44
N SER B 6 -20.89 7.70 -54.91
CA SER B 6 -20.65 8.87 -54.08
C SER B 6 -22.03 9.44 -53.77
N GLY B 7 -22.25 10.09 -52.62
CA GLY B 7 -21.26 10.39 -51.60
C GLY B 7 -21.58 9.96 -50.17
N THR B 8 -22.80 10.18 -49.69
CA THR B 8 -23.11 9.92 -48.26
C THR B 8 -24.08 8.75 -48.02
N TYR B 9 -23.68 7.84 -47.14
CA TYR B 9 -24.56 6.77 -46.64
C TYR B 9 -24.48 6.67 -45.11
N ALA B 10 -25.65 6.70 -44.46
CA ALA B 10 -25.74 6.67 -43.00
C ALA B 10 -24.79 7.66 -42.30
N GLY B 11 -24.69 8.85 -42.89
CA GLY B 11 -23.85 9.94 -42.38
C GLY B 11 -22.38 9.85 -42.75
N LEU B 12 -22.01 8.83 -43.53
CA LEU B 12 -20.62 8.53 -43.77
C LEU B 12 -20.27 8.46 -45.25
N PRO B 13 -19.01 8.75 -45.61
CA PRO B 13 -18.61 8.75 -47.03
C PRO B 13 -18.72 7.39 -47.68
N ILE B 14 -19.23 7.36 -48.92
CA ILE B 14 -19.31 6.18 -49.76
C ILE B 14 -18.01 6.09 -50.55
N ALA B 15 -17.45 4.89 -50.64
CA ALA B 15 -16.20 4.68 -51.37
C ALA B 15 -16.39 3.78 -52.58
N ASP B 16 -17.33 2.84 -52.50
CA ASP B 16 -17.59 1.90 -53.59
C ASP B 16 -18.92 1.15 -53.37
N TYR B 17 -19.25 0.26 -54.31
CA TYR B 17 -20.36 -0.69 -54.16
C TYR B 17 -20.01 -1.82 -53.22
N GLY B 18 -21.00 -2.31 -52.50
CA GLY B 18 -20.77 -3.40 -51.54
C GLY B 18 -20.85 -4.77 -52.16
N ASP B 19 -20.26 -5.75 -51.48
CA ASP B 19 -20.28 -7.14 -51.90
C ASP B 19 -20.81 -8.01 -50.77
N ALA B 20 -21.24 -7.38 -49.68
CA ALA B 20 -21.71 -8.12 -48.53
C ALA B 20 -23.00 -8.85 -48.85
N PRO B 21 -23.08 -10.14 -48.49
CA PRO B 21 -24.33 -10.88 -48.54
C PRO B 21 -25.38 -10.12 -47.75
N PRO B 22 -26.67 -10.38 -48.03
CA PRO B 22 -27.73 -9.75 -47.24
C PRO B 22 -27.64 -10.15 -45.77
N LEU B 23 -28.06 -9.25 -44.89
CA LEU B 23 -28.06 -9.49 -43.47
C LEU B 23 -28.89 -10.71 -43.12
N SER B 24 -28.50 -11.41 -42.07
CA SER B 24 -29.16 -12.64 -41.69
C SER B 24 -30.56 -12.39 -41.16
N THR B 25 -31.50 -13.27 -41.50
CA THR B 25 -32.87 -13.17 -41.05
C THR B 25 -33.19 -14.30 -40.06
N LYS B 26 -32.15 -14.91 -39.51
CA LYS B 26 -32.29 -16.11 -38.70
C LYS B 26 -31.58 -16.03 -37.34
N THR B 27 -32.07 -16.84 -36.40
CA THR B 27 -31.49 -16.92 -35.06
C THR B 27 -30.98 -18.34 -34.79
N MET B 28 -29.99 -18.45 -33.92
CA MET B 28 -29.48 -19.73 -33.45
C MET B 28 -30.22 -20.19 -32.19
N PHE B 29 -31.07 -19.31 -31.65
CA PHE B 29 -31.78 -19.57 -30.39
C PHE B 29 -33.10 -20.29 -30.59
N TRP B 30 -33.28 -21.37 -29.84
CA TRP B 30 -34.50 -22.18 -29.82
C TRP B 30 -35.03 -22.20 -28.40
N ARG B 31 -36.35 -22.17 -28.25
CA ARG B 31 -36.95 -22.33 -26.93
C ARG B 31 -36.75 -23.77 -26.44
N THR B 32 -36.61 -23.94 -25.13
CA THR B 32 -36.36 -25.27 -24.54
C THR B 32 -37.63 -26.07 -24.21
N SER B 33 -38.77 -25.39 -24.18
CA SER B 33 -40.07 -26.04 -24.02
C SER B 33 -41.10 -25.22 -24.78
N PRO B 34 -42.22 -25.85 -25.24
CA PRO B 34 -43.26 -25.09 -25.94
C PRO B 34 -44.04 -24.14 -25.03
N GLU B 35 -43.81 -24.25 -23.72
CA GLU B 35 -44.53 -23.42 -22.75
C GLU B 35 -44.43 -21.93 -23.09
N LYS B 36 -45.51 -21.21 -22.85
CA LYS B 36 -45.52 -19.78 -23.13
C LYS B 36 -44.53 -19.05 -22.21
N LEU B 37 -43.80 -18.11 -22.79
CA LEU B 37 -42.74 -17.37 -22.13
C LEU B 37 -43.31 -16.46 -21.04
N PRO B 38 -42.59 -16.33 -19.89
CA PRO B 38 -43.04 -15.41 -18.84
C PRO B 38 -43.08 -13.96 -19.32
N PRO B 39 -44.03 -13.15 -18.80
CA PRO B 39 -44.11 -11.70 -19.09
C PRO B 39 -42.77 -10.97 -18.95
N GLY B 40 -42.41 -10.20 -19.97
CA GLY B 40 -41.16 -9.45 -19.99
C GLY B 40 -39.86 -10.22 -20.22
N ALA B 41 -39.94 -11.46 -20.70
CA ALA B 41 -38.73 -12.28 -20.91
C ALA B 41 -37.93 -11.83 -22.15
N TRP B 42 -36.62 -12.06 -22.10
CA TRP B 42 -35.74 -11.75 -23.22
C TRP B 42 -36.01 -12.67 -24.40
N GLU B 43 -35.76 -12.18 -25.61
CA GLU B 43 -35.98 -12.94 -26.85
C GLU B 43 -34.86 -12.63 -27.84
N PRO B 44 -34.65 -13.51 -28.83
CA PRO B 44 -33.64 -13.17 -29.83
C PRO B 44 -33.95 -11.85 -30.52
N ALA B 45 -32.91 -11.07 -30.80
CA ALA B 45 -33.04 -9.77 -31.46
C ALA B 45 -33.83 -9.84 -32.77
N TYR B 46 -34.46 -8.72 -33.12
CA TYR B 46 -35.23 -8.54 -34.35
C TYR B 46 -34.64 -9.20 -35.61
N LEU B 47 -35.48 -9.87 -36.41
CA LEU B 47 -35.01 -10.64 -37.56
C LEU B 47 -35.38 -10.06 -38.92
N GLY B 48 -36.02 -8.89 -38.94
CA GLY B 48 -36.31 -8.20 -40.20
C GLY B 48 -37.72 -8.38 -40.77
N SER B 49 -37.82 -8.27 -42.10
CA SER B 49 -39.09 -8.45 -42.86
C SER B 49 -39.85 -9.68 -42.47
N LYS B 50 -39.14 -10.80 -42.36
CA LYS B 50 -39.74 -12.11 -42.18
C LYS B 50 -40.07 -12.40 -40.71
N ASP B 51 -39.58 -11.58 -39.81
CA ASP B 51 -39.80 -11.76 -38.37
C ASP B 51 -41.28 -11.65 -38.07
N GLU B 52 -41.87 -12.76 -37.65
CA GLU B 52 -43.31 -12.82 -37.46
C GLU B 52 -43.76 -12.35 -36.08
N ARG B 53 -42.85 -11.76 -35.29
CA ARG B 53 -43.22 -11.24 -33.97
C ARG B 53 -43.70 -9.78 -34.01
N VAL B 54 -43.08 -8.99 -34.89
CA VAL B 54 -43.43 -7.59 -35.10
C VAL B 54 -43.24 -7.23 -36.55
N ASP B 55 -43.87 -6.14 -36.97
CA ASP B 55 -43.53 -5.53 -38.22
C ASP B 55 -42.67 -4.32 -37.88
N GLY B 56 -41.41 -4.37 -38.28
CA GLY B 56 -40.47 -3.30 -37.98
C GLY B 56 -39.80 -2.84 -39.24
N PRO B 57 -38.77 -1.98 -39.11
CA PRO B 57 -38.06 -1.50 -40.30
C PRO B 57 -37.19 -2.60 -40.92
N SER B 58 -36.62 -2.32 -42.09
CA SER B 58 -35.64 -3.23 -42.67
C SER B 58 -34.40 -3.34 -41.78
N LEU B 59 -33.69 -4.46 -41.87
CA LEU B 59 -32.46 -4.65 -41.12
C LEU B 59 -31.42 -3.63 -41.56
N GLN B 60 -31.46 -3.29 -42.85
CA GLN B 60 -30.59 -2.27 -43.44
C GLN B 60 -30.81 -0.93 -42.73
N GLN B 61 -32.08 -0.62 -42.45
CA GLN B 61 -32.42 0.60 -41.74
C GLN B 61 -31.96 0.53 -40.27
N VAL B 62 -32.06 -0.67 -39.68
CA VAL B 62 -31.61 -0.88 -38.30
C VAL B 62 -30.09 -0.70 -38.18
N MET B 63 -29.39 -1.09 -39.24
CA MET B 63 -27.95 -0.90 -39.27
C MET B 63 -27.54 0.55 -39.45
N ARG B 64 -28.26 1.29 -40.29
CA ARG B 64 -28.06 2.73 -40.40
C ARG B 64 -28.12 3.41 -39.03
N ASP B 65 -29.09 3.00 -38.21
CA ASP B 65 -29.21 3.54 -36.85
C ASP B 65 -27.92 3.29 -36.07
N GLN B 66 -27.30 2.13 -36.30
CA GLN B 66 -26.11 1.73 -35.57
C GLN B 66 -24.88 2.44 -36.07
N LEU B 67 -24.98 3.06 -37.25
CA LEU B 67 -23.85 3.76 -37.83
C LEU B 67 -23.78 5.24 -37.41
N LYS B 68 -24.90 5.80 -36.95
CA LYS B 68 -24.97 7.23 -36.58
C LYS B 68 -23.85 7.74 -35.66
N PRO B 69 -23.51 7.00 -34.59
CA PRO B 69 -22.45 7.49 -33.68
C PRO B 69 -21.05 7.65 -34.30
N TYR B 70 -20.80 6.99 -35.43
CA TYR B 70 -19.50 7.08 -36.10
C TYR B 70 -19.27 8.39 -36.86
N SER B 71 -20.34 9.13 -37.14
CA SER B 71 -20.21 10.42 -37.83
C SER B 71 -20.24 11.59 -36.85
N GLU B 72 -20.57 11.31 -35.59
CA GLU B 72 -20.54 12.29 -34.51
C GLU B 72 -19.15 12.88 -34.35
N PRO B 73 -19.06 14.17 -33.97
CA PRO B 73 -17.72 14.74 -33.70
C PRO B 73 -17.05 14.04 -32.51
N ARG B 74 -15.74 13.88 -32.58
CA ARG B 74 -14.96 13.28 -31.48
C ARG B 74 -14.95 14.14 -30.22
N GLY B 75 -14.63 13.51 -29.09
CA GLY B 75 -14.27 14.28 -27.89
C GLY B 75 -12.88 14.84 -28.07
N LEU B 76 -12.35 15.48 -27.04
CA LEU B 76 -11.01 16.05 -27.10
C LEU B 76 -9.97 15.04 -26.66
N LEU B 77 -8.80 15.10 -27.30
CA LEU B 77 -7.65 14.35 -26.81
C LEU B 77 -7.33 14.82 -25.40
N PRO B 78 -6.91 13.89 -24.51
CA PRO B 78 -6.42 14.30 -23.18
C PRO B 78 -5.15 15.15 -23.31
N PRO B 79 -4.86 16.00 -22.30
CA PRO B 79 -3.70 16.90 -22.41
C PRO B 79 -2.44 16.13 -22.79
N GLN B 80 -1.71 16.63 -23.76
CA GLN B 80 -0.58 15.92 -24.36
C GLN B 80 0.42 15.40 -23.32
N GLU B 81 0.77 16.24 -22.35
CA GLU B 81 1.76 15.86 -21.32
C GLU B 81 1.29 14.70 -20.45
N ILE B 82 0.03 14.73 -20.03
CA ILE B 82 -0.60 13.62 -19.31
C ILE B 82 -0.63 12.34 -20.17
N LEU B 83 -1.13 12.47 -21.41
CA LEU B 83 -1.24 11.35 -22.35
C LEU B 83 0.10 10.66 -22.60
N ASP B 84 1.16 11.44 -22.78
CA ASP B 84 2.50 10.88 -22.96
C ASP B 84 2.97 10.17 -21.69
N ALA B 85 2.66 10.74 -20.53
CA ALA B 85 3.10 10.15 -19.27
C ALA B 85 2.38 8.84 -18.98
N VAL B 86 1.07 8.82 -19.21
CA VAL B 86 0.33 7.58 -18.98
C VAL B 86 0.78 6.48 -19.93
N CYS B 87 1.00 6.82 -21.21
CA CYS B 87 1.45 5.82 -22.17
C CYS B 87 2.82 5.25 -21.80
N ASP B 88 3.78 6.09 -21.44
CA ASP B 88 5.06 5.66 -20.89
C ASP B 88 4.90 4.69 -19.72
N ALA B 89 4.02 5.05 -18.77
CA ALA B 89 3.86 4.26 -17.54
C ALA B 89 3.17 2.91 -17.79
N ILE B 90 2.29 2.87 -18.80
CA ILE B 90 1.62 1.64 -19.19
C ILE B 90 2.61 0.72 -19.91
N GLU B 91 3.31 1.28 -20.89
CA GLU B 91 4.36 0.56 -21.63
C GLU B 91 5.41 0.00 -20.66
N ASN B 92 5.86 0.85 -19.74
CA ASN B 92 6.82 0.47 -18.72
C ASN B 92 6.35 -0.70 -17.83
N ARG B 93 5.10 -0.65 -17.36
CA ARG B 93 4.53 -1.74 -16.57
C ARG B 93 4.50 -3.06 -17.34
N LEU B 94 4.18 -2.96 -18.62
CA LEU B 94 4.08 -4.13 -19.47
C LEU B 94 5.48 -4.71 -19.76
N GLU B 95 6.43 -3.83 -20.09
CA GLU B 95 7.84 -4.22 -20.21
C GLU B 95 8.29 -5.02 -18.98
N ASN B 96 7.82 -4.59 -17.80
CA ASN B 96 8.23 -5.16 -16.51
C ASN B 96 7.57 -6.50 -16.18
N THR B 97 6.42 -6.77 -16.80
CA THR B 97 5.64 -7.96 -16.45
C THR B 97 5.59 -9.02 -17.54
N LEU B 98 5.55 -8.58 -18.80
CA LEU B 98 5.38 -9.50 -19.93
C LEU B 98 6.62 -10.30 -20.30
N GLU B 99 6.42 -11.61 -20.40
CA GLU B 99 7.43 -12.52 -20.93
C GLU B 99 7.62 -12.31 -22.44
N PRO B 100 8.87 -12.04 -22.87
CA PRO B 100 9.14 -11.89 -24.30
C PRO B 100 8.78 -13.17 -25.03
N GLN B 101 8.22 -13.04 -26.22
CA GLN B 101 7.66 -14.19 -26.95
C GLN B 101 8.41 -14.45 -28.25
N LYS B 102 8.40 -15.71 -28.69
CA LYS B 102 8.84 -16.02 -30.05
C LYS B 102 7.76 -15.61 -31.06
N PRO B 103 8.18 -15.15 -32.26
CA PRO B 103 7.23 -14.75 -33.29
C PRO B 103 6.24 -15.86 -33.66
N TRP B 104 5.05 -15.48 -34.10
CA TRP B 104 4.05 -16.45 -34.55
C TRP B 104 4.28 -16.83 -36.00
N THR B 105 4.28 -18.14 -36.25
CA THR B 105 4.30 -18.69 -37.61
C THR B 105 2.96 -18.45 -38.29
N PHE B 106 2.97 -18.49 -39.61
CA PHE B 106 1.77 -18.53 -40.43
C PHE B 106 0.85 -19.68 -40.03
N LYS B 107 1.47 -20.81 -39.69
CA LYS B 107 0.74 -22.01 -39.33
C LYS B 107 -0.01 -21.82 -38.01
N LYS B 108 0.65 -21.19 -37.03
CA LYS B 108 0.02 -20.91 -35.73
C LYS B 108 -1.05 -19.83 -35.83
N ALA B 109 -0.79 -18.80 -36.63
CA ALA B 109 -1.79 -17.78 -36.93
C ALA B 109 -3.06 -18.37 -37.57
N CYS B 110 -2.87 -19.25 -38.55
CA CYS B 110 -3.99 -19.92 -39.21
C CYS B 110 -4.76 -20.84 -38.27
N GLU B 111 -4.05 -21.51 -37.37
CA GLU B 111 -4.68 -22.38 -36.35
C GLU B 111 -5.55 -21.63 -35.38
N SER B 112 -5.10 -20.44 -34.97
CA SER B 112 -5.76 -19.65 -33.93
C SER B 112 -7.12 -19.09 -34.36
N LEU B 113 -7.35 -19.02 -35.66
CA LEU B 113 -8.59 -18.46 -36.17
C LEU B 113 -9.76 -19.37 -35.88
N ASP B 114 -10.91 -18.75 -35.61
CA ASP B 114 -12.17 -19.45 -35.44
C ASP B 114 -12.64 -19.98 -36.79
N LYS B 115 -12.85 -21.29 -36.87
CA LYS B 115 -13.19 -21.93 -38.15
C LYS B 115 -14.69 -22.04 -38.38
N ASN B 116 -15.50 -21.77 -37.34
CA ASN B 116 -16.95 -21.88 -37.45
C ASN B 116 -17.59 -20.56 -37.83
N THR B 117 -16.76 -19.65 -38.33
CA THR B 117 -17.16 -18.28 -38.50
C THR B 117 -16.73 -17.78 -39.91
N SER B 118 -17.40 -16.76 -40.43
CA SER B 118 -17.14 -16.29 -41.80
C SER B 118 -15.73 -15.74 -42.05
N SER B 119 -15.22 -15.96 -43.27
CA SER B 119 -13.94 -15.43 -43.72
C SER B 119 -14.02 -13.97 -44.17
N GLY B 120 -15.23 -13.45 -44.28
CA GLY B 120 -15.46 -12.09 -44.75
C GLY B 120 -15.08 -11.88 -46.21
N TYR B 121 -14.76 -10.64 -46.55
CA TYR B 121 -14.37 -10.27 -47.89
C TYR B 121 -13.20 -11.14 -48.40
N PRO B 122 -13.26 -11.61 -49.66
CA PRO B 122 -14.37 -11.46 -50.60
C PRO B 122 -15.24 -12.72 -50.72
N TYR B 123 -14.86 -13.81 -50.06
CA TYR B 123 -15.54 -15.10 -50.22
C TYR B 123 -16.72 -15.33 -49.27
N HIS B 124 -16.74 -14.64 -48.13
CA HIS B 124 -17.83 -14.74 -47.16
C HIS B 124 -18.17 -16.19 -46.88
N LYS B 125 -17.13 -16.97 -46.65
CA LYS B 125 -17.24 -18.42 -46.53
C LYS B 125 -17.03 -18.82 -45.08
N GLN B 126 -17.79 -19.80 -44.63
CA GLN B 126 -17.49 -20.47 -43.38
C GLN B 126 -16.05 -20.97 -43.49
N LYS B 127 -15.19 -20.50 -42.58
CA LYS B 127 -13.76 -20.78 -42.67
C LYS B 127 -13.37 -22.27 -42.76
N SER B 128 -14.09 -23.13 -42.03
CA SER B 128 -13.80 -24.57 -42.00
C SER B 128 -13.92 -25.22 -43.38
N LYS B 129 -14.68 -24.60 -44.27
CA LYS B 129 -14.95 -25.16 -45.62
C LYS B 129 -13.69 -25.30 -46.47
N ASP B 130 -12.64 -24.55 -46.14
CA ASP B 130 -11.38 -24.55 -46.88
C ASP B 130 -10.20 -24.99 -46.00
N TRP B 131 -10.51 -25.71 -44.91
CA TRP B 131 -9.54 -26.03 -43.87
C TRP B 131 -9.26 -27.53 -43.76
N THR B 132 -7.98 -27.89 -43.86
CA THR B 132 -7.58 -29.30 -43.95
C THR B 132 -7.41 -29.96 -42.59
N GLY B 133 -7.45 -29.17 -41.52
CA GLY B 133 -7.09 -29.66 -40.20
C GLY B 133 -5.84 -28.96 -39.72
N SER B 134 -5.06 -28.42 -40.65
CA SER B 134 -3.83 -27.70 -40.31
C SER B 134 -3.41 -26.60 -41.30
N ALA B 135 -4.19 -26.42 -42.39
CA ALA B 135 -3.86 -25.40 -43.39
C ALA B 135 -5.08 -25.01 -44.21
N PHE B 136 -5.11 -23.76 -44.69
CA PHE B 136 -6.16 -23.28 -45.58
C PHE B 136 -5.83 -23.68 -47.01
N ILE B 137 -6.80 -24.29 -47.69
CA ILE B 137 -6.63 -24.60 -49.11
C ILE B 137 -7.69 -23.88 -49.95
N GLY B 138 -7.63 -24.06 -51.27
CA GLY B 138 -8.60 -23.48 -52.19
C GLY B 138 -8.62 -21.97 -52.10
N ASP B 139 -9.82 -21.39 -52.17
CA ASP B 139 -10.00 -19.94 -52.18
C ASP B 139 -9.34 -19.24 -50.99
N LEU B 140 -9.51 -19.81 -49.80
CA LEU B 140 -8.99 -19.22 -48.57
C LEU B 140 -7.48 -19.40 -48.47
N GLY B 141 -6.99 -20.54 -48.96
CA GLY B 141 -5.56 -20.79 -49.11
C GLY B 141 -4.86 -19.69 -49.88
N ASP B 142 -5.40 -19.33 -51.04
CA ASP B 142 -4.87 -18.23 -51.84
C ASP B 142 -4.97 -16.89 -51.11
N GLN B 143 -6.04 -16.68 -50.38
CA GLN B 143 -6.21 -15.44 -49.63
C GLN B 143 -5.21 -15.36 -48.49
N ALA B 144 -5.08 -16.45 -47.74
CA ALA B 144 -4.21 -16.50 -46.57
C ALA B 144 -2.75 -16.39 -46.97
N THR B 145 -2.34 -17.19 -47.95
CA THR B 145 -0.98 -17.24 -48.46
C THR B 145 -0.54 -15.87 -48.94
N HIS B 146 -1.38 -15.22 -49.74
CA HIS B 146 -1.02 -13.90 -50.26
C HIS B 146 -0.84 -12.90 -49.11
N ALA B 147 -1.78 -12.89 -48.18
CA ALA B 147 -1.74 -12.00 -47.01
C ALA B 147 -0.48 -12.25 -46.19
N ASN B 148 -0.12 -13.53 -46.04
CA ASN B 148 1.11 -13.91 -45.35
C ASN B 148 2.38 -13.36 -46.01
N ASN B 149 2.44 -13.40 -47.35
CA ASN B 149 3.58 -12.85 -48.09
C ASN B 149 3.70 -11.34 -47.86
N MET B 150 2.57 -10.65 -47.99
CA MET B 150 2.55 -9.22 -47.74
C MET B 150 2.99 -8.94 -46.31
N TYR B 151 2.54 -9.78 -45.37
CA TYR B 151 2.97 -9.64 -43.99
C TYR B 151 4.48 -9.74 -43.84
N GLU B 152 5.07 -10.76 -44.45
CA GLU B 152 6.52 -10.99 -44.37
C GLU B 152 7.33 -9.91 -45.09
N MET B 153 6.76 -9.31 -46.14
CA MET B 153 7.44 -8.26 -46.89
C MET B 153 7.20 -6.86 -46.29
N GLY B 154 6.50 -6.82 -45.16
CA GLY B 154 6.07 -5.56 -44.56
C GLY B 154 5.35 -4.67 -45.56
N LYS B 155 4.46 -5.27 -46.34
CA LYS B 155 3.71 -4.53 -47.36
C LYS B 155 2.29 -4.27 -46.90
N SER B 156 1.85 -3.03 -47.12
CA SER B 156 0.51 -2.61 -46.76
C SER B 156 -0.60 -3.34 -47.55
N MET B 157 -1.72 -3.53 -46.89
CA MET B 157 -2.88 -4.21 -47.46
C MET B 157 -4.09 -3.63 -46.76
N ARG B 158 -5.01 -3.07 -47.55
CA ARG B 158 -6.17 -2.36 -47.01
C ARG B 158 -7.26 -3.34 -46.58
N PRO B 159 -7.65 -3.30 -45.29
CA PRO B 159 -8.67 -4.20 -44.76
C PRO B 159 -10.05 -3.84 -45.27
N ILE B 160 -10.89 -4.84 -45.47
CA ILE B 160 -12.29 -4.62 -45.81
C ILE B 160 -13.12 -5.36 -44.78
N TYR B 161 -13.94 -4.60 -44.06
CA TYR B 161 -14.81 -5.16 -43.04
C TYR B 161 -16.22 -5.32 -43.59
N THR B 162 -16.92 -6.34 -43.09
CA THR B 162 -18.26 -6.66 -43.51
C THR B 162 -19.18 -6.44 -42.31
N ALA B 163 -20.19 -5.59 -42.46
CA ALA B 163 -21.04 -5.30 -41.31
C ALA B 163 -22.01 -6.45 -41.06
N ALA B 164 -22.34 -6.67 -39.80
CA ALA B 164 -23.35 -7.65 -39.42
C ALA B 164 -24.11 -7.11 -38.20
N LEU B 165 -25.16 -7.82 -37.80
CA LEU B 165 -25.95 -7.46 -36.63
C LEU B 165 -26.05 -8.65 -35.68
N LYS B 166 -25.72 -8.43 -34.42
CA LYS B 166 -25.59 -9.52 -33.44
C LYS B 166 -26.90 -10.28 -33.13
N ASP B 167 -26.89 -11.58 -33.38
CA ASP B 167 -27.96 -12.47 -33.00
C ASP B 167 -27.70 -12.83 -31.54
N GLU B 168 -28.53 -12.30 -30.65
CA GLU B 168 -28.37 -12.47 -29.21
C GLU B 168 -29.72 -12.25 -28.54
N LEU B 169 -29.83 -12.65 -27.28
CA LEU B 169 -31.03 -12.38 -26.52
C LEU B 169 -31.01 -10.92 -26.09
N VAL B 170 -32.17 -10.27 -26.12
CA VAL B 170 -32.28 -8.84 -25.76
C VAL B 170 -33.57 -8.60 -24.99
N LYS B 171 -33.61 -7.51 -24.21
CA LYS B 171 -34.81 -7.17 -23.46
C LYS B 171 -35.95 -6.86 -24.45
N PRO B 172 -37.20 -7.21 -24.10
CA PRO B 172 -38.27 -7.14 -25.11
C PRO B 172 -38.49 -5.79 -25.78
N ASP B 173 -38.17 -4.69 -25.09
CA ASP B 173 -38.35 -3.35 -25.64
C ASP B 173 -37.57 -3.17 -26.95
N LYS B 174 -36.42 -3.81 -27.04
CA LYS B 174 -35.60 -3.78 -28.25
C LYS B 174 -36.17 -4.62 -29.41
N ILE B 175 -37.28 -5.28 -29.16
CA ILE B 175 -38.04 -6.00 -30.19
C ILE B 175 -39.39 -5.34 -30.41
N TYR B 176 -40.10 -5.04 -29.32
CA TYR B 176 -41.50 -4.58 -29.39
C TYR B 176 -41.71 -3.07 -29.21
N GLY B 177 -40.65 -2.36 -28.80
CA GLY B 177 -40.64 -0.90 -28.83
C GLY B 177 -39.70 -0.45 -29.94
N LYS B 178 -38.84 0.53 -29.63
CA LYS B 178 -37.76 0.94 -30.53
C LYS B 178 -36.75 -0.20 -30.71
N ILE B 179 -36.75 -0.73 -31.94
CA ILE B 179 -35.95 -1.89 -32.34
C ILE B 179 -34.47 -1.55 -32.46
N LYS B 180 -33.62 -2.36 -31.84
CA LYS B 180 -32.17 -2.18 -31.90
C LYS B 180 -31.49 -3.53 -32.06
N LYS B 181 -30.37 -3.54 -32.77
CA LYS B 181 -29.56 -4.73 -32.98
C LYS B 181 -28.11 -4.31 -33.18
N ARG B 182 -27.21 -4.90 -32.40
CA ARG B 182 -25.85 -4.36 -32.30
C ARG B 182 -24.95 -4.66 -33.49
N LEU B 183 -24.27 -3.62 -33.93
CA LEU B 183 -23.35 -3.73 -35.07
C LEU B 183 -22.12 -4.60 -34.75
N LEU B 184 -21.80 -5.49 -35.69
CA LEU B 184 -20.57 -6.26 -35.66
C LEU B 184 -19.71 -5.86 -36.84
N TRP B 185 -18.40 -5.93 -36.65
CA TRP B 185 -17.45 -5.74 -37.74
C TRP B 185 -16.84 -7.09 -38.08
N GLY B 186 -17.03 -7.54 -39.31
CA GLY B 186 -16.56 -8.84 -39.72
C GLY B 186 -15.28 -8.63 -40.50
N SER B 187 -14.18 -9.09 -39.93
CA SER B 187 -12.89 -8.91 -40.56
C SER B 187 -12.75 -9.80 -41.82
N ASP B 188 -11.92 -9.37 -42.76
CA ASP B 188 -11.59 -10.22 -43.90
C ASP B 188 -10.44 -11.13 -43.50
N LEU B 189 -10.40 -12.33 -44.07
CA LEU B 189 -9.38 -13.33 -43.74
C LEU B 189 -7.92 -12.85 -43.81
N GLY B 190 -7.59 -12.09 -44.84
CA GLY B 190 -6.24 -11.60 -45.02
C GLY B 190 -5.78 -10.78 -43.83
N THR B 191 -6.65 -9.86 -43.40
CA THR B 191 -6.41 -9.07 -42.22
C THR B 191 -6.33 -9.99 -40.98
N MET B 192 -7.23 -10.96 -40.88
CA MET B 192 -7.21 -11.84 -39.72
C MET B 192 -5.85 -12.46 -39.52
N ILE B 193 -5.28 -13.09 -40.56
CA ILE B 193 -4.04 -13.83 -40.39
C ILE B 193 -2.85 -12.87 -40.15
N ARG B 194 -2.90 -11.72 -40.80
CA ARG B 194 -1.91 -10.68 -40.63
C ARG B 194 -1.89 -10.13 -39.18
N ALA B 195 -3.06 -9.97 -38.59
CA ALA B 195 -3.16 -9.43 -37.25
C ALA B 195 -2.75 -10.48 -36.26
N ALA B 196 -3.12 -11.74 -36.54
CA ALA B 196 -2.76 -12.85 -35.68
C ALA B 196 -1.25 -13.08 -35.67
N ARG B 197 -0.59 -12.97 -36.83
CA ARG B 197 0.86 -13.12 -36.82
C ARG B 197 1.54 -11.99 -36.06
N ALA B 198 1.07 -10.77 -36.30
CA ALA B 198 1.69 -9.59 -35.72
C ALA B 198 1.51 -9.50 -34.20
N PHE B 199 0.31 -9.81 -33.73
CA PHE B 199 -0.05 -9.54 -32.34
C PHE B 199 -0.40 -10.73 -31.46
N GLY B 200 -0.45 -11.93 -32.06
CA GLY B 200 -0.56 -13.18 -31.30
C GLY B 200 0.43 -13.24 -30.12
N PRO B 201 1.73 -13.03 -30.40
CA PRO B 201 2.69 -13.08 -29.29
C PRO B 201 2.30 -12.18 -28.14
N PHE B 202 2.10 -10.90 -28.43
CA PHE B 202 1.74 -9.92 -27.39
C PHE B 202 0.50 -10.33 -26.60
N CYS B 203 -0.57 -10.71 -27.30
CA CYS B 203 -1.80 -11.16 -26.64
C CYS B 203 -1.56 -12.39 -25.75
N ASP B 204 -0.70 -13.30 -26.22
CA ASP B 204 -0.33 -14.47 -25.44
C ASP B 204 0.33 -14.08 -24.13
N ALA B 205 1.32 -13.18 -24.23
CA ALA B 205 2.06 -12.66 -23.08
C ALA B 205 1.10 -11.96 -22.11
N LEU B 206 0.15 -11.22 -22.65
CA LEU B 206 -0.87 -10.54 -21.87
C LEU B 206 -1.80 -11.52 -21.15
N LYS B 207 -2.17 -12.60 -21.83
CA LYS B 207 -3.03 -13.63 -21.25
C LYS B 207 -2.43 -14.22 -19.97
N GLU B 208 -1.15 -14.61 -20.02
CA GLU B 208 -0.41 -15.21 -18.90
C GLU B 208 -0.28 -14.26 -17.71
N THR B 209 -0.65 -13.00 -17.93
CA THR B 209 -0.34 -11.92 -17.03
C THR B 209 -1.64 -11.33 -16.47
N CYS B 210 -2.77 -11.93 -16.84
CA CYS B 210 -4.09 -11.34 -16.64
C CYS B 210 -4.51 -11.20 -15.17
N ILE B 211 -3.73 -11.74 -14.25
CA ILE B 211 -3.98 -11.49 -12.82
C ILE B 211 -3.16 -10.31 -12.31
N PHE B 212 -1.94 -10.18 -12.84
CA PHE B 212 -1.01 -9.15 -12.41
C PHE B 212 -1.19 -7.83 -13.16
N ASN B 213 -1.75 -7.90 -14.37
CA ASN B 213 -2.02 -6.70 -15.15
C ASN B 213 -3.51 -6.50 -15.32
N PRO B 214 -3.93 -5.23 -15.52
CA PRO B 214 -5.36 -4.96 -15.47
C PRO B 214 -6.16 -5.45 -16.68
N ILE B 215 -5.50 -5.85 -17.76
CA ILE B 215 -6.26 -6.40 -18.89
C ILE B 215 -6.57 -7.86 -18.60
N ARG B 216 -7.86 -8.16 -18.50
CA ARG B 216 -8.31 -9.42 -17.93
C ARG B 216 -8.66 -10.47 -18.97
N VAL B 217 -8.57 -10.11 -20.25
CA VAL B 217 -8.86 -11.03 -21.34
C VAL B 217 -8.13 -12.37 -21.14
N GLY B 218 -8.89 -13.46 -21.29
CA GLY B 218 -8.35 -14.80 -21.11
C GLY B 218 -8.47 -15.34 -19.69
N MET B 219 -8.96 -14.52 -18.76
CA MET B 219 -9.13 -14.94 -17.36
C MET B 219 -10.28 -15.92 -17.21
N SER B 220 -10.19 -16.76 -16.18
CA SER B 220 -11.26 -17.67 -15.84
C SER B 220 -12.00 -17.10 -14.63
N MET B 221 -13.32 -16.90 -14.75
CA MET B 221 -14.09 -16.32 -13.66
C MET B 221 -13.97 -17.14 -12.39
N ASN B 222 -14.25 -18.44 -12.49
CA ASN B 222 -14.17 -19.36 -11.35
C ASN B 222 -12.79 -19.47 -10.70
N GLU B 223 -11.76 -19.61 -11.54
CA GLU B 223 -10.41 -19.86 -11.06
C GLU B 223 -9.64 -18.60 -10.64
N ASP B 224 -9.75 -17.54 -11.44
CA ASP B 224 -8.99 -16.31 -11.21
C ASP B 224 -9.80 -15.23 -10.50
N GLY B 225 -11.12 -15.30 -10.63
CA GLY B 225 -12.03 -14.36 -9.96
C GLY B 225 -11.69 -14.06 -8.52
N PRO B 226 -11.67 -15.10 -7.65
CA PRO B 226 -11.42 -14.85 -6.23
C PRO B 226 -10.17 -14.00 -5.95
N PHE B 227 -9.10 -14.22 -6.69
CA PHE B 227 -7.84 -13.53 -6.46
C PHE B 227 -7.86 -12.12 -7.05
N ILE B 228 -8.36 -12.01 -8.29
CA ILE B 228 -8.54 -10.70 -8.91
C ILE B 228 -9.39 -9.78 -8.02
N PHE B 229 -10.51 -10.31 -7.51
CA PHE B 229 -11.38 -9.51 -6.65
C PHE B 229 -10.77 -9.21 -5.29
N ALA B 230 -10.07 -10.19 -4.71
CA ALA B 230 -9.34 -9.93 -3.46
C ALA B 230 -8.37 -8.77 -3.62
N ARG B 231 -7.74 -8.66 -4.78
CA ARG B 231 -6.80 -7.55 -5.04
C ARG B 231 -7.53 -6.22 -5.03
N HIS B 232 -8.66 -6.14 -5.73
CA HIS B 232 -9.46 -4.93 -5.75
C HIS B 232 -9.84 -4.50 -4.33
N ALA B 233 -10.17 -5.48 -3.49
CA ALA B 233 -10.67 -5.24 -2.15
C ALA B 233 -9.62 -4.70 -1.19
N ASN B 234 -8.35 -4.83 -1.56
CA ASN B 234 -7.24 -4.19 -0.84
C ASN B 234 -7.34 -2.66 -0.86
N PHE B 235 -8.26 -2.12 -1.67
CA PHE B 235 -8.29 -0.67 -1.93
C PHE B 235 -9.57 -0.02 -1.43
N ARG B 236 -9.46 1.25 -1.10
CA ARG B 236 -10.51 1.92 -0.36
C ARG B 236 -11.79 2.14 -1.17
N TYR B 237 -11.66 2.75 -2.35
CA TYR B 237 -12.82 3.13 -3.15
C TYR B 237 -12.98 2.30 -4.43
N HIS B 238 -14.23 2.01 -4.77
CA HIS B 238 -14.56 1.19 -5.94
C HIS B 238 -15.62 1.85 -6.80
N MET B 239 -15.47 1.72 -8.11
CA MET B 239 -16.37 2.35 -9.07
C MET B 239 -16.41 1.60 -10.41
N ASP B 240 -17.46 1.85 -11.18
CA ASP B 240 -17.63 1.31 -12.52
C ASP B 240 -18.35 2.37 -13.36
N ALA B 241 -17.69 2.86 -14.40
CA ALA B 241 -18.25 3.98 -15.17
C ALA B 241 -19.32 3.58 -16.19
N ASP B 242 -19.47 2.27 -16.41
CA ASP B 242 -20.52 1.72 -17.27
C ASP B 242 -20.83 2.57 -18.51
N TYR B 243 -19.98 2.44 -19.53
CA TYR B 243 -20.04 3.28 -20.71
C TYR B 243 -21.13 2.87 -21.72
N THR B 244 -21.87 3.85 -22.20
CA THR B 244 -22.72 3.71 -23.37
C THR B 244 -21.89 3.97 -24.64
N ARG B 245 -22.05 3.07 -25.62
CA ARG B 245 -21.43 3.19 -26.96
C ARG B 245 -19.93 3.41 -26.91
N TRP B 246 -19.26 2.66 -26.04
CA TRP B 246 -17.81 2.74 -25.93
C TRP B 246 -17.13 2.69 -27.29
N ASP B 247 -17.46 1.65 -28.07
CA ASP B 247 -16.75 1.38 -29.31
C ASP B 247 -16.82 2.56 -30.27
N SER B 248 -18.02 3.06 -30.51
CA SER B 248 -18.21 4.09 -31.53
C SER B 248 -17.76 5.48 -31.08
N THR B 249 -17.50 5.67 -29.79
CA THR B 249 -17.00 6.94 -29.29
C THR B 249 -15.47 7.00 -29.21
N GLN B 250 -14.80 5.89 -29.51
CA GLN B 250 -13.34 5.87 -29.46
C GLN B 250 -12.70 6.86 -30.44
N GLN B 251 -11.57 7.43 -30.05
CA GLN B 251 -10.82 8.32 -30.94
C GLN B 251 -9.68 7.52 -31.51
N ARG B 252 -9.50 7.60 -32.83
CA ARG B 252 -8.37 6.93 -33.51
C ARG B 252 -7.01 7.32 -32.93
N ALA B 253 -6.84 8.59 -32.57
CA ALA B 253 -5.58 9.06 -31.98
C ALA B 253 -5.24 8.30 -30.72
N ILE B 254 -6.24 7.97 -29.91
CA ILE B 254 -6.01 7.17 -28.71
C ILE B 254 -5.72 5.75 -29.06
N LEU B 255 -6.53 5.21 -29.98
CA LEU B 255 -6.31 3.86 -30.49
C LEU B 255 -4.89 3.70 -31.04
N LYS B 256 -4.40 4.69 -31.77
CA LYS B 256 -3.01 4.67 -32.26
C LYS B 256 -1.99 4.58 -31.12
N ARG B 257 -2.21 5.33 -30.05
CA ARG B 257 -1.33 5.25 -28.87
C ARG B 257 -1.34 3.86 -28.22
N ALA B 258 -2.51 3.22 -28.17
CA ALA B 258 -2.61 1.85 -27.72
C ALA B 258 -1.94 0.91 -28.72
N GLY B 259 -2.13 1.20 -30.00
CA GLY B 259 -1.43 0.49 -31.08
C GLY B 259 0.08 0.55 -30.94
N ASP B 260 0.61 1.74 -30.63
CA ASP B 260 2.04 1.96 -30.44
C ASP B 260 2.63 1.02 -29.40
N ILE B 261 1.97 0.94 -28.25
CA ILE B 261 2.39 0.03 -27.18
C ILE B 261 2.42 -1.43 -27.62
N MET B 262 1.36 -1.86 -28.32
CA MET B 262 1.30 -3.25 -28.81
C MET B 262 2.47 -3.56 -29.74
N VAL B 263 2.75 -2.65 -30.67
CA VAL B 263 3.85 -2.82 -31.61
C VAL B 263 5.20 -2.88 -30.90
N ARG B 264 5.45 -1.92 -30.02
CA ARG B 264 6.70 -1.86 -29.29
C ARG B 264 6.96 -3.17 -28.54
N LEU B 265 5.89 -3.78 -28.01
CA LEU B 265 6.00 -5.00 -27.24
C LEU B 265 5.83 -6.29 -28.05
N SER B 266 5.93 -6.20 -29.37
CA SER B 266 5.85 -7.37 -30.24
C SER B 266 7.25 -7.80 -30.66
N PRO B 267 7.43 -9.11 -30.98
CA PRO B 267 8.73 -9.65 -31.37
C PRO B 267 9.16 -9.25 -32.80
N GLU B 268 8.20 -8.92 -33.65
CA GLU B 268 8.54 -8.41 -34.98
C GLU B 268 7.93 -7.02 -35.12
N PRO B 269 8.56 -6.01 -34.50
CA PRO B 269 7.99 -4.65 -34.43
C PRO B 269 7.78 -3.97 -35.78
N ASP B 270 8.70 -4.16 -36.73
CA ASP B 270 8.58 -3.48 -38.03
C ASP B 270 7.38 -4.01 -38.81
N LEU B 271 7.18 -5.32 -38.76
CA LEU B 271 6.10 -5.98 -39.48
C LEU B 271 4.77 -5.70 -38.79
N ALA B 272 4.80 -5.68 -37.45
CA ALA B 272 3.63 -5.34 -36.66
C ALA B 272 3.20 -3.89 -36.89
N ARG B 273 4.17 -3.00 -37.06
CA ARG B 273 3.91 -1.59 -37.37
C ARG B 273 3.07 -1.44 -38.64
N VAL B 274 3.41 -2.23 -39.67
CA VAL B 274 2.66 -2.19 -40.92
C VAL B 274 1.22 -2.67 -40.71
N VAL B 275 1.03 -3.76 -39.96
CA VAL B 275 -0.33 -4.25 -39.69
C VAL B 275 -1.15 -3.23 -38.89
N MET B 276 -0.59 -2.75 -37.78
CA MET B 276 -1.31 -1.80 -36.93
C MET B 276 -1.77 -0.61 -37.75
N ASP B 277 -0.87 -0.02 -38.53
CA ASP B 277 -1.21 1.14 -39.35
C ASP B 277 -2.37 0.85 -40.31
N ASP B 278 -2.39 -0.33 -40.91
CA ASP B 278 -3.51 -0.76 -41.74
C ASP B 278 -4.81 -0.87 -40.94
N LEU B 279 -4.73 -1.42 -39.72
CA LEU B 279 -5.91 -1.57 -38.85
C LEU B 279 -6.48 -0.22 -38.45
N LEU B 280 -5.63 0.78 -38.33
CA LEU B 280 -6.07 2.06 -37.80
C LEU B 280 -6.40 3.12 -38.85
N ALA B 281 -6.00 2.87 -40.10
CA ALA B 281 -6.24 3.79 -41.21
C ALA B 281 -7.75 3.86 -41.44
N PRO B 282 -8.25 4.93 -42.08
CA PRO B 282 -9.71 4.99 -42.32
C PRO B 282 -10.28 3.65 -42.83
N SER B 283 -11.35 3.20 -42.20
CA SER B 283 -11.80 1.84 -42.38
C SER B 283 -12.88 1.69 -43.43
N LEU B 284 -12.70 0.67 -44.27
CA LEU B 284 -13.65 0.32 -45.30
C LEU B 284 -14.61 -0.72 -44.73
N LEU B 285 -15.88 -0.30 -44.62
CA LEU B 285 -16.94 -1.13 -44.07
C LEU B 285 -18.02 -1.37 -45.12
N ASP B 286 -18.24 -2.64 -45.43
CA ASP B 286 -19.17 -3.09 -46.45
C ASP B 286 -20.55 -3.28 -45.82
N VAL B 287 -21.45 -2.36 -46.10
CA VAL B 287 -22.79 -2.42 -45.49
C VAL B 287 -23.84 -2.97 -46.45
N GLY B 288 -23.42 -3.68 -47.48
CA GLY B 288 -24.34 -4.24 -48.47
C GLY B 288 -24.36 -3.47 -49.77
N ASP B 289 -25.09 -2.36 -49.80
CA ASP B 289 -25.17 -1.50 -50.98
C ASP B 289 -23.83 -0.86 -51.29
N TYR B 290 -23.13 -0.42 -50.24
CA TYR B 290 -21.90 0.33 -50.39
C TYR B 290 -20.84 -0.13 -49.40
N LYS B 291 -19.59 0.14 -49.76
CA LYS B 291 -18.51 0.13 -48.78
C LYS B 291 -18.35 1.58 -48.38
N ILE B 292 -18.35 1.85 -47.07
CA ILE B 292 -18.23 3.22 -46.58
C ILE B 292 -16.92 3.43 -45.83
N VAL B 293 -16.50 4.68 -45.70
CA VAL B 293 -15.27 5.03 -44.97
C VAL B 293 -15.61 5.49 -43.57
N VAL B 294 -15.20 4.69 -42.59
CA VAL B 294 -15.38 5.00 -41.18
C VAL B 294 -14.05 5.50 -40.64
N GLU B 295 -13.97 6.81 -40.47
CA GLU B 295 -12.72 7.47 -40.14
C GLU B 295 -12.37 7.37 -38.66
N GLU B 296 -13.40 7.25 -37.84
CA GLU B 296 -13.26 7.26 -36.38
C GLU B 296 -13.89 6.03 -35.74
N GLY B 297 -13.83 5.95 -34.42
CA GLY B 297 -14.36 4.82 -33.67
C GLY B 297 -13.47 3.60 -33.74
N LEU B 298 -13.88 2.53 -33.06
CA LEU B 298 -13.11 1.29 -33.06
C LEU B 298 -13.49 0.36 -34.22
N PRO B 299 -12.52 0.03 -35.09
CA PRO B 299 -12.74 -1.06 -36.05
C PRO B 299 -12.54 -2.41 -35.34
N SER B 300 -13.64 -2.95 -34.83
CA SER B 300 -13.61 -4.02 -33.84
C SER B 300 -13.71 -5.41 -34.43
N GLY B 301 -12.94 -5.69 -35.48
CA GLY B 301 -13.08 -6.96 -36.15
C GLY B 301 -12.10 -8.03 -35.72
N CYS B 302 -10.87 -7.61 -35.43
CA CYS B 302 -9.75 -8.54 -35.48
C CYS B 302 -9.63 -9.53 -34.35
N PRO B 303 -8.80 -10.58 -34.55
CA PRO B 303 -8.50 -11.48 -33.44
C PRO B 303 -8.02 -10.68 -32.22
N CYS B 304 -7.22 -9.64 -32.45
CA CYS B 304 -6.56 -8.94 -31.36
C CYS B 304 -7.17 -7.58 -31.01
N THR B 305 -8.41 -7.36 -31.44
CA THR B 305 -9.08 -6.08 -31.28
C THR B 305 -9.48 -5.77 -29.82
N THR B 306 -9.86 -6.80 -29.07
CA THR B 306 -10.35 -6.55 -27.72
C THR B 306 -9.22 -6.23 -26.71
N GLN B 307 -7.99 -6.63 -27.04
CA GLN B 307 -6.83 -6.21 -26.25
C GLN B 307 -6.55 -4.74 -26.49
N LEU B 308 -6.59 -4.33 -27.77
CA LEU B 308 -6.36 -2.95 -28.18
C LEU B 308 -7.36 -2.02 -27.49
N ASN B 309 -8.62 -2.45 -27.48
CA ASN B 309 -9.69 -1.71 -26.84
C ASN B 309 -9.46 -1.57 -25.32
N SER B 310 -9.01 -2.66 -24.71
CA SER B 310 -8.71 -2.69 -23.28
C SER B 310 -7.56 -1.75 -22.97
N LEU B 311 -6.59 -1.74 -23.87
CA LEU B 311 -5.43 -0.87 -23.77
C LEU B 311 -5.82 0.62 -23.88
N ALA B 312 -6.77 0.93 -24.77
CA ALA B 312 -7.24 2.30 -24.93
C ALA B 312 -8.00 2.71 -23.67
N HIS B 313 -8.79 1.78 -23.14
CA HIS B 313 -9.53 2.01 -21.90
C HIS B 313 -8.56 2.37 -20.77
N TRP B 314 -7.52 1.55 -20.61
CA TRP B 314 -6.50 1.73 -19.59
C TRP B 314 -5.93 3.16 -19.66
N ILE B 315 -5.62 3.59 -20.88
CA ILE B 315 -5.04 4.90 -21.13
C ILE B 315 -6.01 6.00 -20.73
N LEU B 316 -7.25 5.87 -21.19
CA LEU B 316 -8.31 6.83 -20.91
C LEU B 316 -8.66 6.94 -19.42
N THR B 317 -8.75 5.80 -18.73
CA THR B 317 -8.99 5.81 -17.29
C THR B 317 -7.82 6.47 -16.56
N LEU B 318 -6.60 6.11 -16.93
CA LEU B 318 -5.42 6.72 -16.34
C LEU B 318 -5.37 8.22 -16.59
N CYS B 319 -5.52 8.64 -17.85
CA CYS B 319 -5.57 10.07 -18.17
C CYS B 319 -6.50 10.86 -17.26
N ALA B 320 -7.75 10.44 -17.17
CA ALA B 320 -8.73 11.13 -16.35
C ALA B 320 -8.29 11.20 -14.88
N MET B 321 -7.78 10.09 -14.34
CA MET B 321 -7.38 10.05 -12.93
C MET B 321 -6.19 10.97 -12.63
N VAL B 322 -5.24 11.03 -13.56
CA VAL B 322 -4.08 11.89 -13.40
C VAL B 322 -4.51 13.34 -13.52
N GLU B 323 -5.35 13.62 -14.52
CA GLU B 323 -5.88 14.96 -14.73
C GLU B 323 -6.57 15.50 -13.48
N VAL B 324 -7.33 14.65 -12.81
CA VAL B 324 -8.09 15.06 -11.61
C VAL B 324 -7.23 15.07 -10.34
N THR B 325 -6.63 13.94 -10.00
CA THR B 325 -5.91 13.80 -8.72
C THR B 325 -4.55 14.51 -8.75
N ARG B 326 -4.03 14.69 -9.96
CA ARG B 326 -2.71 15.25 -10.24
C ARG B 326 -1.53 14.40 -9.76
N VAL B 327 -1.79 13.12 -9.49
CA VAL B 327 -0.70 12.20 -9.17
C VAL B 327 -0.17 11.49 -10.44
N ASP B 328 1.14 11.27 -10.49
CA ASP B 328 1.79 10.61 -11.64
C ASP B 328 1.16 9.27 -11.95
N PRO B 329 1.01 8.93 -13.25
CA PRO B 329 0.34 7.68 -13.66
C PRO B 329 0.94 6.41 -13.01
N ASP B 330 2.26 6.35 -12.86
CA ASP B 330 2.86 5.19 -12.22
C ASP B 330 2.55 5.14 -10.72
N ILE B 331 2.45 6.30 -10.07
CA ILE B 331 2.05 6.34 -8.66
C ILE B 331 0.54 6.02 -8.50
N VAL B 332 -0.28 6.50 -9.43
CA VAL B 332 -1.70 6.11 -9.46
C VAL B 332 -1.79 4.58 -9.53
N MET B 333 -0.94 4.00 -10.37
CA MET B 333 -0.90 2.55 -10.55
C MET B 333 -0.46 1.80 -9.28
N GLN B 334 0.34 2.45 -8.43
CA GLN B 334 0.68 1.82 -7.15
C GLN B 334 -0.36 2.08 -6.03
N GLU B 335 -1.31 2.97 -6.29
CA GLU B 335 -2.40 3.23 -5.33
C GLU B 335 -3.76 2.72 -5.80
N SER B 336 -3.77 1.93 -6.87
CA SER B 336 -5.01 1.51 -7.54
C SER B 336 -4.98 0.07 -8.05
N GLU B 337 -6.15 -0.51 -8.28
CA GLU B 337 -6.28 -1.74 -9.04
C GLU B 337 -7.34 -1.57 -10.13
N PHE B 338 -6.96 -1.90 -11.36
CA PHE B 338 -7.87 -1.83 -12.49
C PHE B 338 -8.19 -3.21 -13.03
N SER B 339 -9.39 -3.33 -13.58
CA SER B 339 -9.75 -4.48 -14.39
C SER B 339 -10.39 -3.95 -15.65
N PHE B 340 -9.86 -4.33 -16.81
CA PHE B 340 -10.43 -3.93 -18.09
C PHE B 340 -10.69 -5.14 -19.01
N TYR B 341 -11.80 -5.11 -19.72
CA TYR B 341 -12.11 -6.09 -20.75
C TYR B 341 -12.89 -5.39 -21.83
N GLY B 342 -12.19 -4.79 -22.79
CA GLY B 342 -12.82 -3.92 -23.78
C GLY B 342 -13.45 -2.74 -23.06
N ASP B 343 -14.77 -2.62 -23.15
CA ASP B 343 -15.45 -1.51 -22.50
C ASP B 343 -15.72 -1.76 -21.01
N ASP B 344 -15.58 -3.02 -20.58
CA ASP B 344 -15.96 -3.42 -19.23
C ASP B 344 -14.87 -3.07 -18.22
N GLU B 345 -15.25 -2.47 -17.09
CA GLU B 345 -14.26 -2.05 -16.10
C GLU B 345 -14.67 -2.17 -14.64
N VAL B 346 -13.66 -2.37 -13.79
CA VAL B 346 -13.74 -2.06 -12.36
C VAL B 346 -12.50 -1.22 -12.06
N VAL B 347 -12.70 -0.10 -11.37
CA VAL B 347 -11.58 0.74 -10.96
C VAL B 347 -11.56 0.84 -9.43
N SER B 348 -10.45 0.42 -8.83
CA SER B 348 -10.29 0.51 -7.39
C SER B 348 -9.11 1.40 -7.03
N THR B 349 -9.30 2.32 -6.09
CA THR B 349 -8.22 3.22 -5.71
C THR B 349 -8.23 3.64 -4.24
N ASN B 350 -7.03 3.91 -3.73
CA ASN B 350 -6.86 4.55 -2.42
C ASN B 350 -6.86 6.07 -2.52
N LEU B 351 -6.76 6.59 -3.75
CA LEU B 351 -6.71 8.02 -3.97
C LEU B 351 -8.06 8.64 -3.77
N GLU B 352 -8.06 9.84 -3.21
CA GLU B 352 -9.28 10.57 -2.97
C GLU B 352 -9.66 11.28 -4.28
N LEU B 353 -10.44 10.58 -5.11
CA LEU B 353 -10.81 11.04 -6.45
C LEU B 353 -12.11 11.82 -6.41
N ASP B 354 -12.09 13.02 -6.98
CA ASP B 354 -13.27 13.86 -7.06
C ASP B 354 -14.13 13.39 -8.23
N MET B 355 -15.30 12.84 -7.91
CA MET B 355 -16.15 12.17 -8.88
C MET B 355 -16.78 13.10 -9.92
N VAL B 356 -17.12 14.33 -9.53
CA VAL B 356 -17.66 15.31 -10.47
C VAL B 356 -16.59 15.65 -11.53
N LYS B 357 -15.37 15.92 -11.08
CA LYS B 357 -14.27 16.23 -11.98
C LYS B 357 -13.90 15.04 -12.87
N TYR B 358 -13.86 13.86 -12.28
CA TYR B 358 -13.54 12.64 -13.00
C TYR B 358 -14.55 12.41 -14.13
N THR B 359 -15.83 12.52 -13.82
CA THR B 359 -16.89 12.36 -14.82
C THR B 359 -16.79 13.40 -15.93
N MET B 360 -16.52 14.66 -15.58
CA MET B 360 -16.42 15.71 -16.59
C MET B 360 -15.26 15.45 -17.54
N ALA B 361 -14.16 14.94 -16.99
CA ALA B 361 -12.98 14.62 -17.78
C ALA B 361 -13.22 13.48 -18.81
N LEU B 362 -13.85 12.40 -18.37
CA LEU B 362 -14.21 11.31 -19.28
C LEU B 362 -15.13 11.81 -20.42
N ARG B 363 -16.12 12.61 -20.04
CA ARG B 363 -17.08 13.18 -20.98
C ARG B 363 -16.45 14.12 -21.97
N ARG B 364 -15.38 14.79 -21.54
CA ARG B 364 -14.66 15.69 -22.43
C ARG B 364 -13.88 14.88 -23.46
N TYR B 365 -13.51 13.65 -23.09
CA TYR B 365 -12.85 12.76 -24.04
C TYR B 365 -13.84 12.20 -25.08
N GLY B 366 -15.13 12.45 -24.86
CA GLY B 366 -16.18 11.98 -25.76
C GLY B 366 -16.85 10.71 -25.27
N LEU B 367 -16.38 10.19 -24.14
CA LEU B 367 -16.93 8.95 -23.57
C LEU B 367 -18.30 9.25 -22.96
N LEU B 368 -19.13 8.21 -22.88
CA LEU B 368 -20.46 8.35 -22.29
C LEU B 368 -20.64 7.44 -21.07
N PRO B 369 -20.01 7.80 -19.94
CA PRO B 369 -20.21 7.03 -18.71
C PRO B 369 -21.63 7.23 -18.21
N THR B 370 -22.15 6.25 -17.48
CA THR B 370 -23.51 6.39 -16.96
C THR B 370 -23.57 5.94 -15.52
N ARG B 371 -24.29 6.72 -14.72
CA ARG B 371 -24.66 6.36 -13.36
C ARG B 371 -25.48 5.08 -13.48
N ALA B 372 -25.59 4.28 -12.43
CA ALA B 372 -26.53 3.15 -12.44
C ALA B 372 -27.92 3.68 -12.86
N ASP B 373 -27.96 4.14 -14.12
CA ASP B 373 -29.08 4.86 -14.77
C ASP B 373 -29.57 6.14 -14.12
N LYS B 374 -29.46 6.24 -12.79
CA LYS B 374 -29.90 7.40 -11.99
C LYS B 374 -30.23 8.68 -12.79
N GLU B 375 -29.21 9.31 -13.39
CA GLU B 375 -29.40 10.46 -14.31
C GLU B 375 -28.09 11.10 -14.80
N GLU B 376 -28.13 12.40 -15.07
CA GLU B 376 -27.02 13.13 -15.71
C GLU B 376 -26.01 13.76 -14.72
N GLY B 377 -25.83 13.11 -13.57
CA GLY B 377 -24.84 13.56 -12.59
C GLY B 377 -23.48 12.88 -12.76
N PRO B 378 -22.67 12.89 -11.69
CA PRO B 378 -21.37 12.21 -11.69
C PRO B 378 -21.48 10.72 -11.38
N LEU B 379 -20.40 9.98 -11.60
CA LEU B 379 -20.32 8.59 -11.18
C LEU B 379 -20.24 8.47 -9.65
N GLU B 380 -20.88 7.45 -9.12
CA GLU B 380 -20.82 7.13 -7.70
C GLU B 380 -19.53 6.37 -7.39
N ARG B 381 -19.02 6.52 -6.18
CA ARG B 381 -17.96 5.64 -5.70
C ARG B 381 -18.44 4.96 -4.43
N ARG B 382 -17.97 3.75 -4.20
CA ARG B 382 -18.40 2.95 -3.06
C ARG B 382 -17.20 2.60 -2.20
N GLN B 383 -17.44 2.32 -0.93
CA GLN B 383 -16.40 1.80 -0.05
C GLN B 383 -16.46 0.26 0.05
N THR B 384 -17.33 -0.36 -0.75
CA THR B 384 -17.40 -1.81 -0.88
C THR B 384 -17.36 -2.23 -2.34
N LEU B 385 -16.79 -3.41 -2.57
CA LEU B 385 -16.76 -4.01 -3.89
C LEU B 385 -18.11 -4.61 -4.27
N GLN B 386 -18.84 -5.12 -3.26
CA GLN B 386 -20.16 -5.72 -3.46
C GLN B 386 -21.12 -4.71 -4.07
N GLY B 387 -21.73 -5.12 -5.18
CA GLY B 387 -22.59 -4.25 -5.96
C GLY B 387 -22.07 -4.06 -7.38
N ILE B 388 -20.75 -4.11 -7.54
CA ILE B 388 -20.16 -3.93 -8.87
C ILE B 388 -20.13 -5.26 -9.63
N SER B 389 -20.42 -5.18 -10.92
CA SER B 389 -20.32 -6.35 -11.79
C SER B 389 -19.06 -6.31 -12.65
N PHE B 390 -18.71 -7.46 -13.21
CA PHE B 390 -17.62 -7.57 -14.15
C PHE B 390 -17.80 -8.84 -14.97
N LEU B 391 -17.68 -8.71 -16.29
CA LEU B 391 -17.93 -9.82 -17.21
C LEU B 391 -19.29 -10.45 -16.97
N ARG B 392 -20.30 -9.64 -16.68
CA ARG B 392 -21.67 -10.11 -16.53
C ARG B 392 -21.93 -10.89 -15.24
N ARG B 393 -20.95 -10.93 -14.34
CA ARG B 393 -21.13 -11.56 -13.02
C ARG B 393 -21.14 -10.46 -11.97
N ALA B 394 -21.94 -10.64 -10.93
CA ALA B 394 -21.90 -9.75 -9.78
C ALA B 394 -20.77 -10.20 -8.88
N ILE B 395 -20.08 -9.23 -8.28
CA ILE B 395 -19.00 -9.50 -7.34
C ILE B 395 -19.61 -9.66 -5.95
N VAL B 396 -19.32 -10.80 -5.31
CA VAL B 396 -19.87 -11.14 -4.01
C VAL B 396 -18.72 -11.55 -3.09
N GLY B 397 -18.78 -11.09 -1.84
CA GLY B 397 -17.78 -11.42 -0.83
C GLY B 397 -18.45 -12.04 0.37
N ASP B 398 -17.83 -13.05 0.93
CA ASP B 398 -18.38 -13.72 2.11
C ASP B 398 -17.24 -14.19 2.97
N GLN B 399 -17.59 -14.93 4.02
CA GLN B 399 -16.65 -15.50 4.98
C GLN B 399 -15.43 -16.20 4.36
N PHE B 400 -15.62 -16.80 3.19
CA PHE B 400 -14.55 -17.55 2.53
C PHE B 400 -13.72 -16.75 1.54
N GLY B 401 -14.28 -15.68 0.98
CA GLY B 401 -13.59 -14.89 -0.02
C GLY B 401 -14.53 -14.18 -0.99
N TRP B 402 -13.96 -13.70 -2.09
CA TRP B 402 -14.70 -13.00 -3.13
C TRP B 402 -14.86 -13.92 -4.31
N TYR B 403 -15.96 -13.74 -5.05
CA TYR B 403 -16.18 -14.54 -6.26
C TYR B 403 -17.16 -13.85 -7.19
N GLY B 404 -17.25 -14.32 -8.42
CA GLY B 404 -18.20 -13.80 -9.38
C GLY B 404 -19.40 -14.71 -9.54
N ARG B 405 -20.59 -14.13 -9.43
CA ARG B 405 -21.84 -14.87 -9.43
C ARG B 405 -22.82 -14.37 -10.49
N LEU B 406 -23.19 -15.24 -11.42
CA LEU B 406 -24.20 -14.92 -12.43
C LEU B 406 -25.55 -14.76 -11.76
N ASP B 407 -26.25 -13.67 -12.09
CA ASP B 407 -27.52 -13.35 -11.41
C ASP B 407 -28.66 -14.29 -11.80
N ARG B 408 -29.75 -14.24 -11.04
CA ARG B 408 -30.88 -15.16 -11.27
C ARG B 408 -31.51 -15.03 -12.66
N ALA B 409 -31.74 -13.80 -13.11
CA ALA B 409 -32.36 -13.56 -14.41
C ALA B 409 -31.61 -14.30 -15.53
N SER B 410 -30.28 -14.20 -15.49
CA SER B 410 -29.42 -14.84 -16.48
C SER B 410 -29.43 -16.35 -16.39
N ILE B 411 -29.54 -16.88 -15.18
CA ILE B 411 -29.68 -18.31 -15.00
C ILE B 411 -31.01 -18.78 -15.61
N ASP B 412 -32.10 -18.14 -15.21
CA ASP B 412 -33.45 -18.46 -15.72
C ASP B 412 -33.40 -18.42 -17.25
N ARG B 413 -32.91 -17.30 -17.77
CA ARG B 413 -32.76 -17.05 -19.21
C ARG B 413 -32.03 -18.16 -19.96
N GLN B 414 -31.00 -18.72 -19.36
CA GLN B 414 -30.26 -19.81 -19.98
C GLN B 414 -31.01 -21.15 -19.96
N LEU B 415 -32.00 -21.27 -19.07
CA LEU B 415 -32.81 -22.48 -19.02
C LEU B 415 -33.95 -22.43 -20.07
N LEU B 416 -34.32 -21.22 -20.47
CA LEU B 416 -35.43 -20.99 -21.39
C LEU B 416 -35.01 -21.12 -22.86
N TRP B 417 -33.74 -20.86 -23.12
CA TRP B 417 -33.20 -20.82 -24.47
C TRP B 417 -31.99 -21.71 -24.65
N THR B 418 -31.81 -22.21 -25.86
CA THR B 418 -30.68 -23.08 -26.18
C THR B 418 -30.24 -22.85 -27.61
N LYS B 419 -28.98 -23.19 -27.90
CA LYS B 419 -28.42 -22.93 -29.23
C LYS B 419 -28.55 -24.12 -30.16
N GLY B 420 -28.75 -23.84 -31.43
CA GLY B 420 -28.95 -24.87 -32.43
C GLY B 420 -28.74 -24.25 -33.79
N PRO B 421 -29.11 -24.98 -34.86
CA PRO B 421 -28.96 -24.41 -36.19
C PRO B 421 -29.78 -23.12 -36.35
N ASN B 422 -29.48 -22.34 -37.38
CA ASN B 422 -30.26 -21.14 -37.64
C ASN B 422 -31.67 -21.46 -38.09
N HIS B 423 -32.64 -20.73 -37.55
CA HIS B 423 -34.04 -20.87 -37.97
C HIS B 423 -34.78 -19.53 -37.90
N GLN B 424 -35.97 -19.50 -38.48
CA GLN B 424 -36.72 -18.26 -38.65
C GLN B 424 -37.61 -17.92 -37.44
N ASN B 425 -38.14 -18.95 -36.77
CA ASN B 425 -39.06 -18.74 -35.66
C ASN B 425 -38.44 -19.16 -34.31
N PRO B 426 -38.05 -18.18 -33.47
CA PRO B 426 -37.39 -18.45 -32.19
C PRO B 426 -38.18 -19.38 -31.26
N PHE B 427 -39.50 -19.43 -31.44
CA PHE B 427 -40.35 -20.18 -30.54
C PHE B 427 -40.42 -21.68 -30.83
N GLU B 428 -40.01 -22.11 -32.03
CA GLU B 428 -39.86 -23.54 -32.32
C GLU B 428 -39.00 -24.19 -31.24
N THR B 429 -39.31 -25.44 -30.91
CA THR B 429 -38.47 -26.24 -30.02
C THR B 429 -37.52 -27.10 -30.86
N LEU B 430 -36.34 -27.38 -30.35
CA LEU B 430 -35.42 -28.32 -31.01
C LEU B 430 -36.07 -29.69 -31.08
N PRO B 431 -36.24 -30.21 -32.31
CA PRO B 431 -37.02 -31.43 -32.56
C PRO B 431 -36.42 -32.69 -31.96
N GLY B 432 -35.09 -32.72 -31.83
CA GLY B 432 -34.41 -33.85 -31.21
C GLY B 432 -34.54 -33.77 -29.71
N HIS B 433 -33.42 -33.78 -29.01
CA HIS B 433 -33.44 -33.41 -27.60
C HIS B 433 -32.92 -31.95 -27.46
N ALA B 434 -31.65 -31.71 -27.16
CA ALA B 434 -30.68 -32.65 -26.64
C ALA B 434 -30.04 -31.91 -25.48
N GLN B 435 -29.75 -30.62 -25.71
CA GLN B 435 -28.92 -29.74 -24.85
C GLN B 435 -27.59 -30.36 -24.40
N ARG B 436 -26.76 -29.50 -23.80
CA ARG B 436 -25.49 -29.88 -23.23
C ARG B 436 -25.75 -30.36 -21.80
N PRO B 437 -25.21 -31.55 -21.45
CA PRO B 437 -25.18 -31.97 -20.05
C PRO B 437 -24.26 -31.06 -19.21
N SER B 438 -23.19 -30.56 -19.82
CA SER B 438 -22.21 -29.71 -19.13
C SER B 438 -22.65 -28.26 -18.95
N GLN B 439 -23.42 -27.72 -19.91
CA GLN B 439 -24.01 -26.40 -19.75
C GLN B 439 -25.03 -26.46 -18.63
N LEU B 440 -25.75 -27.58 -18.53
CA LEU B 440 -26.71 -27.82 -17.45
C LEU B 440 -26.02 -27.93 -16.09
N MET B 441 -24.84 -28.53 -16.09
CA MET B 441 -24.04 -28.71 -14.88
C MET B 441 -23.48 -27.38 -14.41
N ALA B 442 -22.99 -26.57 -15.35
CA ALA B 442 -22.46 -25.26 -15.06
C ALA B 442 -23.55 -24.38 -14.45
N LEU B 443 -24.77 -24.54 -14.95
CA LEU B 443 -25.91 -23.76 -14.51
C LEU B 443 -26.28 -24.17 -13.10
N LEU B 444 -26.14 -25.46 -12.83
CA LEU B 444 -26.32 -26.04 -11.51
C LEU B 444 -25.32 -25.39 -10.53
N GLY B 445 -24.09 -25.19 -11.00
CA GLY B 445 -23.06 -24.52 -10.22
C GLY B 445 -23.39 -23.07 -9.88
N GLU B 446 -23.84 -22.32 -10.87
CA GLU B 446 -24.15 -20.92 -10.66
C GLU B 446 -25.33 -20.74 -9.70
N ALA B 447 -26.31 -21.65 -9.80
CA ALA B 447 -27.50 -21.64 -8.94
C ALA B 447 -27.16 -21.95 -7.48
N ALA B 448 -26.20 -22.83 -7.27
CA ALA B 448 -25.73 -23.16 -5.92
C ALA B 448 -25.39 -21.89 -5.14
N MET B 449 -24.61 -21.00 -5.75
CA MET B 449 -24.16 -19.76 -5.13
C MET B 449 -25.29 -18.81 -4.70
N HIS B 450 -26.53 -19.21 -4.96
CA HIS B 450 -27.70 -18.39 -4.67
C HIS B 450 -28.53 -18.91 -3.49
N GLY B 451 -28.01 -19.92 -2.79
CA GLY B 451 -28.72 -20.51 -1.66
C GLY B 451 -29.57 -21.71 -2.04
N GLU B 452 -29.85 -22.55 -1.05
CA GLU B 452 -30.56 -23.82 -1.27
C GLU B 452 -31.96 -23.65 -1.84
N LYS B 453 -32.66 -22.60 -1.43
CA LYS B 453 -34.03 -22.37 -1.90
C LYS B 453 -34.10 -22.17 -3.42
N TYR B 454 -33.31 -21.24 -3.95
CA TYR B 454 -33.24 -21.04 -5.40
C TYR B 454 -32.65 -22.26 -6.12
N TYR B 455 -31.67 -22.91 -5.49
CA TYR B 455 -31.03 -24.07 -6.09
C TYR B 455 -31.98 -25.25 -6.36
N ARG B 456 -32.99 -25.42 -5.51
CA ARG B 456 -34.02 -26.46 -5.73
C ARG B 456 -34.81 -26.16 -7.01
N THR B 457 -35.22 -24.91 -7.13
CA THR B 457 -35.98 -24.43 -8.27
C THR B 457 -35.27 -24.74 -9.59
N VAL B 458 -33.97 -24.48 -9.65
CA VAL B 458 -33.16 -24.78 -10.85
C VAL B 458 -32.92 -26.28 -10.99
N ALA B 459 -32.68 -26.94 -9.86
CA ALA B 459 -32.34 -28.36 -9.84
C ALA B 459 -33.42 -29.28 -10.41
N SER B 460 -34.68 -29.00 -10.10
CA SER B 460 -35.79 -29.79 -10.64
C SER B 460 -36.05 -29.40 -12.10
N ARG B 461 -36.06 -28.09 -12.34
CA ARG B 461 -36.19 -27.52 -13.68
C ARG B 461 -35.14 -28.10 -14.62
N VAL B 462 -33.94 -28.33 -14.10
CA VAL B 462 -32.85 -28.89 -14.88
C VAL B 462 -33.03 -30.40 -15.07
N SER B 463 -33.64 -31.05 -14.08
CA SER B 463 -33.91 -32.49 -14.11
C SER B 463 -35.00 -32.86 -15.11
N LYS B 464 -36.10 -32.11 -15.09
CA LYS B 464 -37.15 -32.24 -16.10
C LYS B 464 -36.51 -32.27 -17.48
N GLU B 465 -35.65 -31.29 -17.75
CA GLU B 465 -34.99 -31.14 -19.03
C GLU B 465 -33.98 -32.26 -19.32
N ALA B 466 -33.29 -32.74 -18.29
CA ALA B 466 -32.30 -33.81 -18.45
C ALA B 466 -32.94 -35.17 -18.73
N ALA B 467 -34.23 -35.29 -18.41
CA ALA B 467 -35.01 -36.50 -18.67
C ALA B 467 -35.26 -36.69 -20.17
N GLN B 468 -35.39 -35.57 -20.89
CA GLN B 468 -35.55 -35.60 -22.35
C GLN B 468 -34.18 -35.88 -22.97
N SER B 469 -33.87 -37.18 -23.07
CA SER B 469 -32.55 -37.77 -23.41
C SER B 469 -31.88 -38.34 -22.15
N GLY B 470 -30.68 -38.88 -22.31
CA GLY B 470 -29.88 -39.36 -21.17
C GLY B 470 -29.22 -38.23 -20.39
N ILE B 471 -29.13 -38.35 -19.07
CA ILE B 471 -29.75 -39.46 -18.31
C ILE B 471 -30.63 -38.92 -17.15
N GLU B 472 -30.03 -38.68 -15.98
CA GLU B 472 -30.80 -38.25 -14.79
C GLU B 472 -30.34 -36.99 -14.02
N MET B 473 -29.06 -36.61 -14.03
CA MET B 473 -27.92 -37.45 -14.38
C MET B 473 -27.15 -37.61 -13.08
N VAL B 474 -27.90 -37.99 -12.03
CA VAL B 474 -27.59 -37.70 -10.62
C VAL B 474 -27.41 -36.19 -10.37
N VAL B 475 -28.46 -35.58 -9.83
CA VAL B 475 -28.44 -34.16 -9.50
C VAL B 475 -27.93 -34.03 -8.06
N PRO B 476 -26.72 -33.49 -7.90
CA PRO B 476 -26.04 -33.45 -6.60
C PRO B 476 -26.81 -32.60 -5.61
N ARG B 477 -26.61 -32.87 -4.32
CA ARG B 477 -27.19 -32.05 -3.28
C ARG B 477 -26.51 -30.67 -3.24
N HIS B 478 -27.26 -29.66 -2.80
CA HIS B 478 -26.81 -28.26 -2.81
C HIS B 478 -25.38 -28.02 -2.30
N ARG B 479 -25.10 -28.44 -1.07
CA ARG B 479 -23.82 -28.14 -0.44
C ARG B 479 -22.63 -28.78 -1.16
N SER B 480 -22.88 -29.89 -1.86
CA SER B 480 -21.84 -30.58 -2.62
C SER B 480 -21.36 -29.73 -3.80
N VAL B 481 -22.30 -29.26 -4.62
CA VAL B 481 -21.94 -28.50 -5.81
C VAL B 481 -21.38 -27.12 -5.42
N LEU B 482 -21.99 -26.50 -4.42
CA LEU B 482 -21.49 -25.26 -3.83
C LEU B 482 -20.01 -25.35 -3.49
N ARG B 483 -19.61 -26.50 -2.97
CA ARG B 483 -18.21 -26.76 -2.64
C ARG B 483 -17.35 -26.91 -3.89
N TRP B 484 -17.88 -27.57 -4.92
CA TRP B 484 -17.14 -27.73 -6.18
C TRP B 484 -16.92 -26.39 -6.87
N VAL B 485 -17.95 -25.55 -6.89
CA VAL B 485 -17.92 -24.27 -7.63
C VAL B 485 -17.05 -23.24 -6.93
N ARG B 486 -17.08 -23.26 -5.60
CA ARG B 486 -16.30 -22.29 -4.85
C ARG B 486 -14.83 -22.70 -4.63
N PHE B 487 -14.61 -23.95 -4.24
CA PHE B 487 -13.29 -24.37 -3.75
C PHE B 487 -12.65 -25.51 -4.53
N GLY B 488 -13.46 -26.37 -5.14
CA GLY B 488 -12.95 -27.53 -5.87
C GLY B 488 -12.38 -27.20 -7.24
N THR B 489 -11.95 -28.23 -7.97
CA THR B 489 -11.43 -28.09 -9.33
C THR B 489 -11.50 -29.42 -10.10
N MET B 490 -12.12 -30.43 -9.50
CA MET B 490 -12.11 -31.80 -10.05
C MET B 490 -13.20 -32.07 -11.09
N ASP B 491 -14.47 -32.14 -10.63
CA ASP B 491 -15.61 -32.64 -11.43
C ASP B 491 -15.65 -32.10 -12.88
N ALA B 492 -15.00 -32.84 -13.78
CA ALA B 492 -14.91 -32.53 -15.23
C ALA B 492 -14.45 -31.11 -15.60
N GLU B 493 -13.90 -30.39 -14.60
CA GLU B 493 -13.35 -29.02 -14.75
C GLU B 493 -14.42 -27.90 -14.81
N THR B 494 -14.10 -26.76 -14.18
CA THR B 494 -14.90 -25.49 -14.14
C THR B 494 -16.27 -25.37 -14.87
N PRO B 495 -17.34 -25.01 -14.14
CA PRO B 495 -17.44 -24.83 -12.68
C PRO B 495 -17.19 -26.13 -11.89
N ARG C 4 11.22 -52.37 32.02
CA ARG C 4 11.85 -53.04 33.19
C ARG C 4 12.77 -52.18 34.09
N PRO C 5 13.72 -51.40 33.52
CA PRO C 5 14.43 -50.45 34.40
C PRO C 5 13.56 -49.25 34.80
N SER C 6 13.98 -48.48 35.81
CA SER C 6 13.26 -47.27 36.26
C SER C 6 13.83 -46.73 37.57
N GLY C 7 14.14 -45.42 37.64
CA GLY C 7 14.21 -44.55 36.48
C GLY C 7 13.59 -43.14 36.46
N THR C 8 14.45 -42.12 36.61
CA THR C 8 14.14 -40.73 36.22
C THR C 8 15.25 -40.17 35.32
N TYR C 9 14.89 -39.79 34.10
CA TYR C 9 15.85 -39.26 33.13
C TYR C 9 15.36 -37.92 32.59
N ALA C 10 16.18 -36.89 32.76
CA ALA C 10 15.81 -35.51 32.42
C ALA C 10 14.43 -35.10 32.94
N GLY C 11 14.12 -35.55 34.16
CA GLY C 11 12.86 -35.21 34.81
C GLY C 11 11.66 -36.02 34.34
N LEU C 12 11.90 -37.07 33.57
CA LEU C 12 10.85 -37.87 32.95
C LEU C 12 11.03 -39.33 33.33
N PRO C 13 9.92 -40.09 33.45
CA PRO C 13 10.07 -41.49 33.86
C PRO C 13 10.70 -42.40 32.80
N ILE C 14 11.66 -43.22 33.23
CA ILE C 14 12.22 -44.29 32.42
C ILE C 14 11.23 -45.46 32.32
N ALA C 15 10.96 -45.91 31.11
CA ALA C 15 10.10 -47.07 30.90
C ALA C 15 10.86 -48.32 30.42
N ASP C 16 11.97 -48.12 29.71
CA ASP C 16 12.68 -49.24 29.11
C ASP C 16 14.10 -48.88 28.70
N TYR C 17 14.86 -49.88 28.26
CA TYR C 17 16.17 -49.61 27.64
C TYR C 17 15.96 -49.11 26.24
N GLY C 18 16.90 -48.28 25.77
CA GLY C 18 16.82 -47.70 24.43
C GLY C 18 17.58 -48.48 23.39
N ASP C 19 17.15 -48.36 22.14
CA ASP C 19 17.84 -49.00 21.03
C ASP C 19 18.40 -47.97 20.06
N ALA C 20 18.20 -46.69 20.37
CA ALA C 20 18.59 -45.61 19.48
C ALA C 20 20.10 -45.62 19.26
N PRO C 21 20.53 -45.40 18.01
CA PRO C 21 21.96 -45.31 17.72
C PRO C 21 22.48 -43.98 18.30
N PRO C 22 23.81 -43.82 18.44
CA PRO C 22 24.31 -42.60 19.10
C PRO C 22 23.97 -41.33 18.33
N LEU C 23 23.86 -40.21 19.06
CA LEU C 23 23.58 -38.93 18.41
C LEU C 23 24.68 -38.58 17.41
N SER C 24 24.28 -38.07 16.25
CA SER C 24 25.20 -37.71 15.20
C SER C 24 26.20 -36.68 15.65
N THR C 25 27.41 -36.82 15.15
CA THR C 25 28.51 -36.01 15.61
C THR C 25 29.06 -35.16 14.47
N LYS C 26 28.37 -35.21 13.34
CA LYS C 26 28.81 -34.56 12.11
C LYS C 26 27.77 -33.55 11.59
N THR C 27 28.17 -32.76 10.61
CA THR C 27 27.26 -31.81 9.98
C THR C 27 27.23 -32.04 8.46
N MET C 28 26.13 -31.62 7.84
CA MET C 28 25.97 -31.67 6.39
C MET C 28 26.46 -30.39 5.69
N PHE C 29 26.80 -29.37 6.49
CA PHE C 29 27.14 -28.05 5.96
C PHE C 29 28.63 -27.87 5.70
N TRP C 30 28.95 -27.28 4.56
CA TRP C 30 30.33 -27.04 4.15
C TRP C 30 30.48 -25.57 3.81
N ARG C 31 31.63 -25.00 4.12
CA ARG C 31 31.98 -23.66 3.64
C ARG C 31 32.11 -23.68 2.12
N THR C 32 31.67 -22.60 1.48
CA THR C 32 31.80 -22.50 0.03
C THR C 32 33.16 -21.91 -0.37
N SER C 33 33.76 -21.16 0.56
CA SER C 33 35.07 -20.55 0.37
C SER C 33 35.91 -20.76 1.63
N PRO C 34 37.24 -20.89 1.48
CA PRO C 34 38.10 -21.01 2.67
C PRO C 34 38.30 -19.68 3.40
N GLU C 35 37.76 -18.59 2.85
CA GLU C 35 37.73 -17.29 3.53
C GLU C 35 37.35 -17.37 5.00
N LYS C 36 37.96 -16.52 5.81
CA LYS C 36 37.55 -16.32 7.19
C LYS C 36 36.11 -15.78 7.18
N LEU C 37 35.27 -16.35 8.03
CA LEU C 37 33.86 -16.00 8.14
C LEU C 37 33.70 -14.60 8.76
N PRO C 38 32.70 -13.82 8.30
CA PRO C 38 32.49 -12.49 8.90
C PRO C 38 32.16 -12.61 10.40
N PRO C 39 32.31 -11.52 11.17
CA PRO C 39 31.97 -11.61 12.59
C PRO C 39 30.45 -11.72 12.80
N GLY C 40 30.04 -12.51 13.80
CA GLY C 40 28.62 -12.74 14.09
C GLY C 40 27.91 -13.74 13.17
N ALA C 41 28.66 -14.35 12.26
CA ALA C 41 28.08 -15.24 11.25
C ALA C 41 27.56 -16.52 11.86
N TRP C 42 26.44 -17.00 11.31
CA TRP C 42 25.91 -18.32 11.67
C TRP C 42 26.84 -19.46 11.26
N GLU C 43 26.80 -20.53 12.03
CA GLU C 43 27.58 -21.73 11.78
C GLU C 43 26.68 -22.92 12.10
N PRO C 44 27.06 -24.13 11.63
CA PRO C 44 26.30 -25.32 12.02
C PRO C 44 26.25 -25.49 13.54
N ALA C 45 25.16 -26.06 14.03
CA ALA C 45 24.98 -26.30 15.45
C ALA C 45 26.03 -27.25 16.01
N TYR C 46 26.28 -27.11 17.31
CA TYR C 46 27.26 -27.87 18.08
C TYR C 46 27.32 -29.36 17.76
N LEU C 47 28.53 -29.90 17.74
CA LEU C 47 28.74 -31.26 17.27
C LEU C 47 29.20 -32.26 18.34
N GLY C 48 29.30 -31.81 19.58
CA GLY C 48 29.66 -32.70 20.67
C GLY C 48 31.08 -32.55 21.19
N SER C 49 31.54 -33.57 21.92
CA SER C 49 32.86 -33.53 22.54
C SER C 49 33.98 -33.39 21.52
N LYS C 50 33.72 -33.86 20.30
CA LYS C 50 34.71 -33.79 19.22
C LYS C 50 34.65 -32.50 18.39
N ASP C 51 33.72 -31.61 18.72
CA ASP C 51 33.62 -30.31 18.06
C ASP C 51 34.87 -29.50 18.38
N GLU C 52 35.73 -29.35 17.38
CA GLU C 52 36.96 -28.58 17.51
C GLU C 52 36.78 -27.07 17.73
N ARG C 53 35.54 -26.58 17.65
CA ARG C 53 35.26 -25.16 17.77
C ARG C 53 35.13 -24.68 19.22
N VAL C 54 34.55 -25.53 20.08
CA VAL C 54 34.44 -25.22 21.51
C VAL C 54 34.49 -26.46 22.37
N ASP C 55 34.77 -26.25 23.65
CA ASP C 55 34.60 -27.30 24.64
C ASP C 55 33.27 -27.11 25.32
N GLY C 56 32.38 -28.07 25.09
CA GLY C 56 31.03 -28.01 25.62
C GLY C 56 30.63 -29.35 26.24
N PRO C 57 29.36 -29.45 26.66
CA PRO C 57 28.86 -30.68 27.29
C PRO C 57 28.76 -31.77 26.26
N SER C 58 28.40 -32.98 26.70
CA SER C 58 28.13 -34.05 25.77
C SER C 58 26.79 -33.76 25.06
N LEU C 59 26.60 -34.34 23.87
CA LEU C 59 25.35 -34.19 23.15
C LEU C 59 24.18 -34.74 23.96
N GLN C 60 24.44 -35.81 24.71
CA GLN C 60 23.45 -36.40 25.60
C GLN C 60 22.95 -35.37 26.63
N GLN C 61 23.88 -34.58 27.15
CA GLN C 61 23.56 -33.50 28.08
C GLN C 61 22.80 -32.37 27.39
N VAL C 62 23.17 -32.05 26.15
CA VAL C 62 22.40 -31.07 25.37
C VAL C 62 20.97 -31.54 25.15
N MET C 63 20.80 -32.83 24.90
CA MET C 63 19.47 -33.38 24.71
C MET C 63 18.60 -33.31 25.98
N ARG C 64 19.20 -33.64 27.12
CA ARG C 64 18.53 -33.54 28.42
C ARG C 64 17.99 -32.12 28.64
N ASP C 65 18.80 -31.12 28.28
CA ASP C 65 18.39 -29.71 28.34
C ASP C 65 17.12 -29.42 27.52
N GLN C 66 17.01 -30.05 26.34
CA GLN C 66 15.87 -29.87 25.45
C GLN C 66 14.62 -30.53 26.01
N LEU C 67 14.81 -31.54 26.83
CA LEU C 67 13.69 -32.27 27.43
C LEU C 67 13.07 -31.61 28.67
N LYS C 68 13.83 -30.77 29.37
CA LYS C 68 13.34 -30.07 30.58
C LYS C 68 11.89 -29.55 30.48
N PRO C 69 11.58 -28.71 29.46
CA PRO C 69 10.24 -28.16 29.34
C PRO C 69 9.11 -29.18 29.22
N TYR C 70 9.43 -30.43 28.85
CA TYR C 70 8.41 -31.47 28.76
C TYR C 70 7.87 -31.90 30.12
N SER C 71 8.68 -31.71 31.16
CA SER C 71 8.27 -32.03 32.52
C SER C 71 7.67 -30.81 33.26
N GLU C 72 7.73 -29.64 32.62
CA GLU C 72 7.14 -28.41 33.16
C GLU C 72 5.61 -28.55 33.28
N PRO C 73 4.98 -27.88 34.27
CA PRO C 73 3.53 -27.97 34.35
C PRO C 73 2.83 -27.37 33.12
N ARG C 74 1.66 -27.88 32.80
CA ARG C 74 0.95 -27.40 31.64
C ARG C 74 0.16 -26.14 32.00
N GLY C 75 -0.08 -25.28 31.01
CA GLY C 75 -0.91 -24.09 31.20
C GLY C 75 -2.37 -24.51 31.28
N LEU C 76 -3.27 -23.54 31.43
CA LEU C 76 -4.69 -23.84 31.60
C LEU C 76 -5.38 -24.08 30.27
N LEU C 77 -6.37 -24.95 30.30
CA LEU C 77 -7.29 -25.12 29.18
C LEU C 77 -8.10 -23.83 29.01
N PRO C 78 -8.43 -23.44 27.77
CA PRO C 78 -9.39 -22.33 27.61
C PRO C 78 -10.76 -22.69 28.22
N PRO C 79 -11.53 -21.68 28.64
CA PRO C 79 -12.84 -21.97 29.29
C PRO C 79 -13.71 -22.87 28.43
N GLN C 80 -14.26 -23.90 29.05
CA GLN C 80 -14.97 -24.99 28.38
C GLN C 80 -15.97 -24.56 27.30
N GLU C 81 -16.76 -23.52 27.59
CA GLU C 81 -17.83 -23.08 26.70
C GLU C 81 -17.24 -22.40 25.47
N ILE C 82 -16.12 -21.70 25.66
CA ILE C 82 -15.39 -21.12 24.55
C ILE C 82 -14.68 -22.19 23.70
N LEU C 83 -14.01 -23.13 24.36
CA LEU C 83 -13.33 -24.23 23.64
C LEU C 83 -14.29 -25.01 22.74
N ASP C 84 -15.45 -25.39 23.28
CA ASP C 84 -16.46 -26.09 22.49
C ASP C 84 -16.90 -25.28 21.28
N ALA C 85 -17.12 -23.99 21.49
CA ALA C 85 -17.64 -23.14 20.45
C ALA C 85 -16.62 -22.89 19.33
N VAL C 86 -15.35 -22.71 19.68
CA VAL C 86 -14.36 -22.56 18.61
C VAL C 86 -14.08 -23.85 17.86
N CYS C 87 -14.07 -24.98 18.56
CA CYS C 87 -13.87 -26.29 17.90
C CYS C 87 -14.98 -26.63 16.91
N ASP C 88 -16.23 -26.30 17.25
CA ASP C 88 -17.34 -26.55 16.34
C ASP C 88 -17.23 -25.62 15.14
N ALA C 89 -16.85 -24.36 15.39
CA ALA C 89 -16.75 -23.38 14.32
C ALA C 89 -15.69 -23.80 13.33
N ILE C 90 -14.54 -24.25 13.84
CA ILE C 90 -13.44 -24.72 12.98
C ILE C 90 -13.87 -25.96 12.18
N GLU C 91 -14.44 -26.94 12.88
CA GLU C 91 -14.97 -28.15 12.28
C GLU C 91 -15.98 -27.82 11.16
N ASN C 92 -16.84 -26.84 11.44
CA ASN C 92 -17.86 -26.43 10.51
C ASN C 92 -17.30 -25.76 9.25
N ARG C 93 -16.28 -24.91 9.43
CA ARG C 93 -15.62 -24.29 8.28
C ARG C 93 -14.88 -25.31 7.41
N LEU C 94 -14.25 -26.28 8.06
CA LEU C 94 -13.60 -27.38 7.35
C LEU C 94 -14.62 -28.25 6.60
N GLU C 95 -15.74 -28.57 7.22
CA GLU C 95 -16.84 -29.25 6.54
C GLU C 95 -17.32 -28.50 5.29
N ASN C 96 -17.42 -27.18 5.38
CA ASN C 96 -17.90 -26.37 4.25
C ASN C 96 -16.91 -26.23 3.11
N THR C 97 -15.62 -26.45 3.37
CA THR C 97 -14.60 -26.17 2.37
C THR C 97 -13.87 -27.40 1.82
N LEU C 98 -13.69 -28.43 2.65
CA LEU C 98 -12.91 -29.62 2.26
C LEU C 98 -13.64 -30.60 1.37
N GLU C 99 -12.98 -30.97 0.28
CA GLU C 99 -13.51 -31.99 -0.64
C GLU C 99 -13.33 -33.40 -0.05
N PRO C 100 -14.45 -34.14 0.10
CA PRO C 100 -14.48 -35.52 0.57
C PRO C 100 -13.49 -36.38 -0.19
N GLN C 101 -12.76 -37.22 0.52
CA GLN C 101 -11.65 -37.95 -0.09
C GLN C 101 -11.89 -39.45 -0.10
N LYS C 102 -11.15 -40.13 -0.97
CA LYS C 102 -11.14 -41.59 -0.98
C LYS C 102 -10.04 -42.07 -0.01
N PRO C 103 -10.30 -43.18 0.70
CA PRO C 103 -9.29 -43.75 1.60
C PRO C 103 -7.94 -43.94 0.93
N TRP C 104 -6.87 -43.67 1.67
CA TRP C 104 -5.54 -43.89 1.18
C TRP C 104 -5.20 -45.38 1.25
N THR C 105 -4.69 -45.93 0.16
CA THR C 105 -4.23 -47.32 0.16
C THR C 105 -2.86 -47.45 0.82
N PHE C 106 -2.46 -48.68 1.09
CA PHE C 106 -1.17 -49.01 1.67
C PHE C 106 -0.06 -48.59 0.70
N LYS C 107 -0.24 -48.92 -0.57
CA LYS C 107 0.64 -48.53 -1.66
C LYS C 107 0.87 -47.01 -1.66
N LYS C 108 -0.20 -46.24 -1.46
CA LYS C 108 -0.12 -44.78 -1.44
C LYS C 108 0.64 -44.27 -0.20
N ALA C 109 0.30 -44.82 0.96
CA ALA C 109 0.97 -44.49 2.22
C ALA C 109 2.47 -44.73 2.16
N CYS C 110 2.88 -45.82 1.53
CA CYS C 110 4.31 -46.15 1.39
C CYS C 110 5.00 -45.21 0.42
N GLU C 111 4.34 -44.93 -0.70
CA GLU C 111 4.88 -44.02 -1.70
C GLU C 111 5.09 -42.63 -1.11
N SER C 112 4.17 -42.21 -0.24
CA SER C 112 4.20 -40.87 0.34
C SER C 112 5.38 -40.60 1.26
N LEU C 113 6.05 -41.64 1.74
CA LEU C 113 7.05 -41.46 2.77
C LEU C 113 8.37 -40.94 2.22
N ASP C 114 9.00 -40.04 2.98
CA ASP C 114 10.31 -39.55 2.63
C ASP C 114 11.26 -40.74 2.69
N LYS C 115 11.85 -41.08 1.55
CA LYS C 115 12.73 -42.25 1.49
C LYS C 115 14.17 -41.95 1.94
N ASN C 116 14.47 -40.67 2.13
CA ASN C 116 15.83 -40.27 2.51
C ASN C 116 16.08 -40.23 4.01
N THR C 117 15.03 -40.37 4.80
CA THR C 117 15.19 -40.34 6.25
C THR C 117 15.15 -41.73 6.90
N SER C 118 15.44 -41.77 8.18
CA SER C 118 15.45 -42.99 8.97
C SER C 118 14.06 -43.62 9.14
N SER C 119 14.04 -44.95 9.23
CA SER C 119 12.83 -45.71 9.51
C SER C 119 12.50 -45.76 11.01
N GLY C 120 13.42 -45.23 11.83
CA GLY C 120 13.30 -45.27 13.28
C GLY C 120 13.32 -46.66 13.87
N TYR C 121 12.69 -46.80 15.05
CA TYR C 121 12.56 -48.09 15.72
C TYR C 121 11.90 -49.11 14.81
N PRO C 122 12.37 -50.38 14.81
CA PRO C 122 13.56 -50.87 15.51
C PRO C 122 14.83 -50.95 14.64
N TYR C 123 14.69 -50.77 13.33
CA TYR C 123 15.80 -51.02 12.41
C TYR C 123 16.71 -49.83 12.17
N HIS C 124 16.18 -48.62 12.34
CA HIS C 124 16.97 -47.38 12.15
C HIS C 124 17.69 -47.32 10.82
N LYS C 125 17.01 -47.79 9.78
CA LYS C 125 17.57 -47.91 8.44
C LYS C 125 17.05 -46.77 7.59
N GLN C 126 17.91 -46.13 6.82
CA GLN C 126 17.43 -45.17 5.83
C GLN C 126 16.38 -45.87 4.98
N LYS C 127 15.17 -45.31 4.93
CA LYS C 127 14.00 -45.98 4.31
C LYS C 127 14.26 -46.54 2.91
N SER C 128 15.20 -45.94 2.19
CA SER C 128 15.50 -46.33 0.82
C SER C 128 16.30 -47.64 0.72
N LYS C 129 16.96 -48.04 1.80
CA LYS C 129 17.75 -49.27 1.83
C LYS C 129 16.89 -50.51 1.64
N ASP C 130 15.57 -50.36 1.74
CA ASP C 130 14.62 -51.46 1.63
C ASP C 130 13.48 -51.13 0.68
N TRP C 131 13.70 -50.15 -0.19
CA TRP C 131 12.69 -49.71 -1.14
C TRP C 131 13.12 -50.14 -2.56
N THR C 132 12.15 -50.54 -3.36
CA THR C 132 12.43 -51.03 -4.70
C THR C 132 12.19 -49.94 -5.75
N GLY C 133 11.21 -49.10 -5.49
CA GLY C 133 10.73 -48.09 -6.42
C GLY C 133 9.22 -48.05 -6.27
N SER C 134 8.67 -49.11 -5.67
CA SER C 134 7.22 -49.28 -5.57
C SER C 134 6.74 -49.90 -4.26
N ALA C 135 7.64 -50.48 -3.47
CA ALA C 135 7.27 -51.20 -2.24
C ALA C 135 8.44 -51.39 -1.30
N PHE C 136 8.12 -51.61 -0.03
CA PHE C 136 9.14 -51.93 0.96
C PHE C 136 9.37 -53.43 0.96
N ILE C 137 10.64 -53.82 0.99
CA ILE C 137 11.04 -55.22 1.08
C ILE C 137 11.87 -55.43 2.35
N GLY C 138 12.32 -56.67 2.59
CA GLY C 138 13.17 -56.97 3.74
C GLY C 138 12.57 -56.62 5.09
N ASP C 139 13.44 -56.19 6.01
CA ASP C 139 13.03 -55.75 7.35
C ASP C 139 11.88 -54.73 7.31
N LEU C 140 12.03 -53.70 6.48
CA LEU C 140 11.05 -52.63 6.44
C LEU C 140 9.73 -53.07 5.83
N GLY C 141 9.81 -54.06 4.93
CA GLY C 141 8.62 -54.71 4.40
C GLY C 141 7.82 -55.36 5.51
N ASP C 142 8.49 -56.15 6.36
CA ASP C 142 7.82 -56.82 7.47
C ASP C 142 7.15 -55.80 8.39
N GLN C 143 7.89 -54.76 8.76
CA GLN C 143 7.35 -53.73 9.66
C GLN C 143 6.15 -53.02 9.04
N ALA C 144 6.27 -52.64 7.77
CA ALA C 144 5.20 -51.91 7.08
C ALA C 144 3.93 -52.73 6.96
N THR C 145 4.09 -53.99 6.55
CA THR C 145 2.97 -54.93 6.40
C THR C 145 2.25 -55.13 7.72
N HIS C 146 3.01 -55.45 8.78
CA HIS C 146 2.41 -55.69 10.07
C HIS C 146 1.61 -54.50 10.56
N ALA C 147 2.18 -53.30 10.41
CA ALA C 147 1.49 -52.05 10.82
C ALA C 147 0.23 -51.84 10.01
N ASN C 148 0.31 -52.14 8.72
CA ASN C 148 -0.84 -52.06 7.84
C ASN C 148 -1.96 -52.99 8.26
N ASN C 149 -1.61 -54.21 8.64
CA ASN C 149 -2.63 -55.15 9.14
C ASN C 149 -3.32 -54.62 10.37
N MET C 150 -2.53 -54.14 11.34
CA MET C 150 -3.07 -53.60 12.58
C MET C 150 -4.02 -52.44 12.30
N TYR C 151 -3.67 -51.65 11.30
CA TYR C 151 -4.47 -50.50 10.91
C TYR C 151 -5.83 -50.92 10.36
N GLU C 152 -5.84 -51.84 9.40
CA GLU C 152 -7.08 -52.33 8.79
C GLU C 152 -7.97 -53.00 9.82
N MET C 153 -7.37 -53.61 10.84
CA MET C 153 -8.11 -54.29 11.90
C MET C 153 -8.57 -53.35 13.03
N GLY C 154 -8.20 -52.07 12.95
CA GLY C 154 -8.50 -51.12 14.02
C GLY C 154 -7.81 -51.49 15.33
N LYS C 155 -6.60 -52.04 15.24
CA LYS C 155 -5.87 -52.44 16.43
C LYS C 155 -4.75 -51.46 16.81
N SER C 156 -4.56 -51.31 18.10
CA SER C 156 -3.65 -50.34 18.66
C SER C 156 -2.22 -50.85 18.64
N MET C 157 -1.29 -49.94 18.37
CA MET C 157 0.14 -50.19 18.43
C MET C 157 0.77 -49.03 19.16
N ARG C 158 1.79 -49.29 19.96
CA ARG C 158 2.41 -48.21 20.68
C ARG C 158 3.57 -47.61 19.87
N PRO C 159 3.44 -46.32 19.50
CA PRO C 159 4.50 -45.64 18.76
C PRO C 159 5.76 -45.53 19.61
N ILE C 160 6.91 -45.68 18.98
CA ILE C 160 8.19 -45.41 19.63
C ILE C 160 8.97 -44.39 18.80
N TYR C 161 9.29 -43.27 19.43
CA TYR C 161 10.02 -42.19 18.78
C TYR C 161 11.50 -42.25 19.15
N THR C 162 12.35 -41.79 18.23
CA THR C 162 13.78 -41.81 18.43
C THR C 162 14.23 -40.36 18.44
N ALA C 163 14.77 -39.92 19.57
CA ALA C 163 15.21 -38.53 19.70
C ALA C 163 16.47 -38.29 18.89
N ALA C 164 16.54 -37.14 18.26
CA ALA C 164 17.74 -36.69 17.57
C ALA C 164 17.92 -35.20 17.84
N LEU C 165 19.05 -34.66 17.41
CA LEU C 165 19.31 -33.22 17.50
C LEU C 165 19.52 -32.63 16.11
N LYS C 166 18.89 -31.48 15.84
CA LYS C 166 18.83 -30.89 14.50
C LYS C 166 20.14 -30.27 14.05
N ASP C 167 20.66 -30.80 12.95
CA ASP C 167 21.80 -30.22 12.26
C ASP C 167 21.32 -29.06 11.38
N GLU C 168 21.64 -27.84 11.79
CA GLU C 168 21.19 -26.62 11.10
C GLU C 168 22.10 -25.46 11.46
N LEU C 169 22.10 -24.41 10.63
CA LEU C 169 22.80 -23.17 10.96
C LEU C 169 22.11 -22.48 12.12
N VAL C 170 22.90 -22.10 13.14
CA VAL C 170 22.38 -21.36 14.30
C VAL C 170 23.19 -20.09 14.53
N LYS C 171 22.61 -19.10 15.22
CA LYS C 171 23.36 -17.88 15.57
C LYS C 171 24.55 -18.25 16.46
N PRO C 172 25.71 -17.59 16.26
CA PRO C 172 26.97 -18.09 16.87
C PRO C 172 26.93 -18.25 18.39
N ASP C 173 26.08 -17.48 19.06
CA ASP C 173 25.94 -17.56 20.52
C ASP C 173 25.43 -18.93 21.02
N LYS C 174 24.67 -19.63 20.16
CA LYS C 174 24.22 -20.99 20.47
C LYS C 174 25.34 -22.02 20.35
N ILE C 175 26.53 -21.58 19.98
CA ILE C 175 27.70 -22.44 19.88
C ILE C 175 28.78 -22.00 20.88
N TYR C 176 28.94 -20.69 21.03
CA TYR C 176 30.06 -20.15 21.79
C TYR C 176 29.66 -19.66 23.18
N GLY C 177 28.38 -19.33 23.35
CA GLY C 177 27.82 -18.97 24.64
C GLY C 177 27.15 -20.19 25.25
N LYS C 178 25.85 -20.07 25.50
CA LYS C 178 25.06 -21.16 26.04
C LYS C 178 24.60 -22.07 24.87
N ILE C 179 25.17 -23.28 24.84
CA ILE C 179 24.96 -24.24 23.76
C ILE C 179 23.54 -24.82 23.74
N LYS C 180 22.87 -24.69 22.61
CA LYS C 180 21.52 -25.22 22.40
C LYS C 180 21.41 -25.87 21.02
N LYS C 181 20.57 -26.88 20.92
CA LYS C 181 20.39 -27.62 19.67
C LYS C 181 19.00 -28.26 19.70
N ARG C 182 18.21 -28.03 18.65
CA ARG C 182 16.80 -28.42 18.65
C ARG C 182 16.55 -29.94 18.65
N LEU C 183 15.58 -30.34 19.45
CA LEU C 183 15.17 -31.73 19.55
C LEU C 183 14.27 -32.15 18.40
N LEU C 184 14.51 -33.34 17.86
CA LEU C 184 13.66 -33.90 16.82
C LEU C 184 13.08 -35.23 17.28
N TRP C 185 11.81 -35.44 16.99
CA TRP C 185 11.18 -36.71 17.26
C TRP C 185 11.21 -37.47 15.96
N GLY C 186 11.95 -38.58 15.94
CA GLY C 186 11.94 -39.48 14.78
C GLY C 186 10.92 -40.58 15.00
N SER C 187 9.83 -40.50 14.25
CA SER C 187 8.77 -41.50 14.29
C SER C 187 9.26 -42.86 13.76
N ASP C 188 8.58 -43.94 14.17
CA ASP C 188 8.88 -45.29 13.67
C ASP C 188 8.05 -45.62 12.43
N LEU C 189 8.60 -46.47 11.55
CA LEU C 189 7.98 -46.76 10.25
C LEU C 189 6.54 -47.24 10.37
N GLY C 190 6.28 -48.12 11.33
CA GLY C 190 4.93 -48.59 11.58
C GLY C 190 3.93 -47.47 11.78
N THR C 191 4.24 -46.55 12.70
CA THR C 191 3.41 -45.39 13.00
C THR C 191 3.28 -44.52 11.76
N MET C 192 4.39 -44.36 11.03
CA MET C 192 4.41 -43.58 9.82
C MET C 192 3.37 -44.06 8.82
N ILE C 193 3.38 -45.35 8.47
CA ILE C 193 2.40 -45.85 7.52
C ILE C 193 0.98 -45.80 8.10
N ARG C 194 0.88 -45.99 9.41
CA ARG C 194 -0.41 -45.97 10.06
C ARG C 194 -1.07 -44.57 10.04
N ALA C 195 -0.29 -43.54 10.38
CA ALA C 195 -0.77 -42.16 10.36
C ALA C 195 -1.03 -41.70 8.91
N ALA C 196 -0.15 -42.12 8.00
CA ALA C 196 -0.30 -41.78 6.57
C ALA C 196 -1.58 -42.35 5.96
N ARG C 197 -1.94 -43.59 6.29
CA ARG C 197 -3.20 -44.15 5.81
C ARG C 197 -4.37 -43.42 6.44
N ALA C 198 -4.33 -43.27 7.77
CA ALA C 198 -5.43 -42.66 8.51
C ALA C 198 -5.69 -41.21 8.10
N PHE C 199 -4.62 -40.43 7.97
CA PHE C 199 -4.79 -38.98 7.86
C PHE C 199 -4.31 -38.35 6.55
N GLY C 200 -3.71 -39.14 5.67
CA GLY C 200 -3.33 -38.68 4.34
C GLY C 200 -4.45 -38.00 3.57
N PRO C 201 -5.65 -38.63 3.52
CA PRO C 201 -6.77 -38.03 2.80
C PRO C 201 -7.11 -36.63 3.31
N PHE C 202 -7.24 -36.49 4.63
CA PHE C 202 -7.51 -35.19 5.25
C PHE C 202 -6.42 -34.16 4.93
N CYS C 203 -5.16 -34.55 5.09
CA CYS C 203 -4.06 -33.64 4.78
C CYS C 203 -4.06 -33.19 3.32
N ASP C 204 -4.45 -34.09 2.41
CA ASP C 204 -4.69 -33.75 0.99
C ASP C 204 -5.78 -32.71 0.80
N ALA C 205 -6.93 -32.94 1.43
CA ALA C 205 -8.06 -32.03 1.33
C ALA C 205 -7.63 -30.63 1.80
N LEU C 206 -6.95 -30.60 2.94
CA LEU C 206 -6.40 -29.38 3.51
C LEU C 206 -5.49 -28.64 2.53
N LYS C 207 -4.60 -29.39 1.88
CA LYS C 207 -3.62 -28.84 0.96
C LYS C 207 -4.24 -28.21 -0.27
N GLU C 208 -5.29 -28.84 -0.80
CA GLU C 208 -6.01 -28.35 -1.99
C GLU C 208 -6.75 -27.07 -1.67
N THR C 209 -6.71 -26.68 -0.41
CA THR C 209 -7.61 -25.70 0.15
C THR C 209 -6.80 -24.68 0.97
N CYS C 210 -5.48 -24.73 0.83
CA CYS C 210 -4.55 -23.99 1.69
C CYS C 210 -4.58 -22.48 1.48
N ILE C 211 -5.30 -22.01 0.46
CA ILE C 211 -5.50 -20.58 0.28
C ILE C 211 -6.76 -20.12 1.01
N PHE C 212 -7.85 -20.88 0.86
CA PHE C 212 -9.12 -20.56 1.53
C PHE C 212 -9.07 -20.79 3.02
N ASN C 213 -8.35 -21.82 3.43
CA ASN C 213 -8.22 -22.15 4.84
C ASN C 213 -6.86 -21.77 5.39
N PRO C 214 -6.79 -21.40 6.68
CA PRO C 214 -5.58 -20.86 7.29
C PRO C 214 -4.42 -21.83 7.46
N ILE C 215 -4.67 -23.14 7.37
CA ILE C 215 -3.59 -24.12 7.48
C ILE C 215 -2.79 -24.16 6.16
N ARG C 216 -1.63 -23.51 6.17
CA ARG C 216 -0.90 -23.23 4.93
C ARG C 216 0.05 -24.34 4.49
N VAL C 217 0.05 -25.46 5.23
CA VAL C 217 0.91 -26.58 4.92
C VAL C 217 0.68 -27.03 3.47
N GLY C 218 1.78 -27.17 2.73
CA GLY C 218 1.72 -27.54 1.32
C GLY C 218 1.79 -26.36 0.38
N MET C 219 1.62 -25.13 0.90
CA MET C 219 1.61 -23.95 0.02
C MET C 219 2.92 -23.79 -0.73
N SER C 220 2.83 -23.13 -1.88
CA SER C 220 4.00 -22.67 -2.61
C SER C 220 4.12 -21.16 -2.40
N MET C 221 5.28 -20.72 -1.90
CA MET C 221 5.49 -19.31 -1.56
C MET C 221 5.35 -18.41 -2.78
N ASN C 222 5.97 -18.81 -3.88
CA ASN C 222 5.95 -18.03 -5.12
C ASN C 222 4.60 -18.03 -5.80
N GLU C 223 3.95 -19.19 -5.82
CA GLU C 223 2.68 -19.36 -6.53
C GLU C 223 1.46 -18.93 -5.72
N ASP C 224 1.39 -19.34 -4.45
CA ASP C 224 0.23 -19.04 -3.60
C ASP C 224 0.45 -17.82 -2.71
N GLY C 225 1.71 -17.45 -2.50
CA GLY C 225 2.05 -16.32 -1.67
C GLY C 225 1.28 -15.05 -2.01
N PRO C 226 1.29 -14.65 -3.28
CA PRO C 226 0.57 -13.41 -3.64
C PRO C 226 -0.92 -13.38 -3.27
N PHE C 227 -1.61 -14.50 -3.41
CA PHE C 227 -3.04 -14.55 -3.12
C PHE C 227 -3.24 -14.58 -1.60
N ILE C 228 -2.45 -15.41 -0.92
CA ILE C 228 -2.54 -15.50 0.54
C ILE C 228 -2.31 -14.15 1.23
N PHE C 229 -1.23 -13.46 0.88
CA PHE C 229 -0.93 -12.17 1.50
C PHE C 229 -1.93 -11.09 1.10
N ALA C 230 -2.45 -11.15 -0.13
CA ALA C 230 -3.49 -10.18 -0.54
C ALA C 230 -4.74 -10.33 0.32
N ARG C 231 -5.14 -11.57 0.62
CA ARG C 231 -6.22 -11.86 1.56
C ARG C 231 -5.97 -11.24 2.93
N HIS C 232 -4.75 -11.39 3.44
CA HIS C 232 -4.39 -10.85 4.74
C HIS C 232 -4.53 -9.32 4.75
N ALA C 233 -4.11 -8.70 3.63
CA ALA C 233 -4.06 -7.27 3.49
C ALA C 233 -5.46 -6.62 3.44
N ASN C 234 -6.50 -7.44 3.28
CA ASN C 234 -7.89 -6.96 3.28
C ASN C 234 -8.36 -6.51 4.68
N PHE C 235 -7.49 -6.67 5.69
CA PHE C 235 -7.85 -6.47 7.09
C PHE C 235 -6.99 -5.41 7.77
N ARG C 236 -7.54 -4.76 8.79
CA ARG C 236 -6.93 -3.55 9.34
C ARG C 236 -5.65 -3.78 10.15
N TYR C 237 -5.68 -4.74 11.07
CA TYR C 237 -4.56 -4.96 11.99
C TYR C 237 -3.86 -6.27 11.72
N HIS C 238 -2.54 -6.26 11.89
CA HIS C 238 -1.70 -7.42 11.61
C HIS C 238 -0.75 -7.68 12.75
N MET C 239 -0.59 -8.96 13.09
CA MET C 239 0.27 -9.34 14.20
C MET C 239 0.88 -10.73 14.02
N ASP C 240 1.96 -10.95 14.76
CA ASP C 240 2.65 -12.23 14.83
C ASP C 240 3.10 -12.41 16.29
N ALA C 241 2.60 -13.45 16.94
CA ALA C 241 2.90 -13.65 18.36
C ALA C 241 4.31 -14.20 18.67
N ASP C 242 4.97 -14.75 17.64
CA ASP C 242 6.38 -15.16 17.71
C ASP C 242 6.68 -16.03 18.95
N TYR C 243 6.11 -17.22 18.96
CA TYR C 243 6.16 -18.10 20.13
C TYR C 243 7.53 -18.75 20.33
N THR C 244 7.90 -18.91 21.61
CA THR C 244 9.07 -19.67 22.02
C THR C 244 8.61 -21.04 22.50
N ARG C 245 9.30 -22.09 22.04
CA ARG C 245 9.05 -23.47 22.48
C ARG C 245 7.59 -23.89 22.35
N TRP C 246 7.01 -23.58 21.19
CA TRP C 246 5.64 -23.97 20.93
C TRP C 246 5.36 -25.45 21.18
N ASP C 247 6.24 -26.32 20.66
CA ASP C 247 6.00 -27.76 20.67
C ASP C 247 5.92 -28.30 22.09
N SER C 248 6.98 -28.03 22.86
CA SER C 248 7.07 -28.49 24.24
C SER C 248 6.01 -27.90 25.17
N THR C 249 5.44 -26.73 24.83
CA THR C 249 4.39 -26.12 25.66
C THR C 249 2.96 -26.56 25.32
N GLN C 250 2.78 -27.48 24.38
CA GLN C 250 1.43 -27.87 23.95
C GLN C 250 0.72 -28.74 24.99
N GLN C 251 -0.58 -28.58 25.09
CA GLN C 251 -1.39 -29.41 25.98
C GLN C 251 -1.97 -30.57 25.17
N ARG C 252 -1.79 -31.79 25.67
CA ARG C 252 -2.37 -32.96 24.99
C ARG C 252 -3.90 -32.85 24.88
N ALA C 253 -4.52 -32.20 25.87
CA ALA C 253 -5.98 -32.01 25.87
C ALA C 253 -6.43 -31.16 24.68
N ILE C 254 -5.58 -30.23 24.25
CA ILE C 254 -5.88 -29.45 23.06
C ILE C 254 -5.56 -30.21 21.77
N LEU C 255 -4.43 -30.90 21.73
CA LEU C 255 -4.10 -31.75 20.58
C LEU C 255 -5.19 -32.78 20.33
N LYS C 256 -5.83 -33.25 21.41
CA LYS C 256 -6.94 -34.21 21.26
C LYS C 256 -8.11 -33.58 20.55
N ARG C 257 -8.36 -32.30 20.84
CA ARG C 257 -9.43 -31.56 20.20
C ARG C 257 -9.17 -31.39 18.73
N ALA C 258 -7.93 -31.06 18.39
CA ALA C 258 -7.47 -31.02 17.02
C ALA C 258 -7.62 -32.41 16.40
N GLY C 259 -7.21 -33.42 17.16
CA GLY C 259 -7.30 -34.82 16.73
C GLY C 259 -8.71 -35.24 16.39
N ASP C 260 -9.67 -34.84 17.22
CA ASP C 260 -11.09 -35.16 16.99
C ASP C 260 -11.58 -34.62 15.64
N ILE C 261 -11.22 -33.38 15.32
CA ILE C 261 -11.62 -32.77 14.07
C ILE C 261 -11.04 -33.57 12.89
N MET C 262 -9.74 -33.86 12.94
CA MET C 262 -9.07 -34.68 11.94
C MET C 262 -9.74 -36.05 11.75
N VAL C 263 -10.06 -36.71 12.86
CA VAL C 263 -10.74 -37.99 12.83
C VAL C 263 -12.13 -37.88 12.17
N ARG C 264 -12.96 -36.94 12.64
CA ARG C 264 -14.31 -36.74 12.10
C ARG C 264 -14.32 -36.44 10.62
N LEU C 265 -13.26 -35.82 10.12
CA LEU C 265 -13.19 -35.40 8.74
C LEU C 265 -12.30 -36.32 7.90
N SER C 266 -12.13 -37.55 8.37
CA SER C 266 -11.40 -38.56 7.61
C SER C 266 -12.38 -39.60 7.02
N PRO C 267 -12.08 -40.11 5.81
CA PRO C 267 -12.97 -41.07 5.15
C PRO C 267 -13.16 -42.37 5.93
N GLU C 268 -12.20 -42.71 6.78
CA GLU C 268 -12.27 -43.91 7.63
C GLU C 268 -12.14 -43.54 9.10
N PRO C 269 -13.16 -42.87 9.66
CA PRO C 269 -13.05 -42.31 11.01
C PRO C 269 -12.73 -43.31 12.14
N ASP C 270 -13.28 -44.54 12.07
CA ASP C 270 -13.11 -45.55 13.12
C ASP C 270 -11.69 -46.07 13.21
N LEU C 271 -11.04 -46.21 12.07
CA LEU C 271 -9.63 -46.62 12.01
C LEU C 271 -8.71 -45.46 12.34
N ALA C 272 -9.09 -44.25 11.94
CA ALA C 272 -8.34 -43.04 12.27
C ALA C 272 -8.40 -42.72 13.78
N ARG C 273 -9.54 -43.00 14.39
CA ARG C 273 -9.67 -42.85 15.84
C ARG C 273 -8.58 -43.66 16.54
N VAL C 274 -8.38 -44.89 16.11
CA VAL C 274 -7.39 -45.76 16.74
C VAL C 274 -5.98 -45.19 16.57
N VAL C 275 -5.69 -44.65 15.40
CA VAL C 275 -4.36 -44.09 15.14
C VAL C 275 -4.10 -42.83 15.96
N MET C 276 -5.10 -41.95 16.01
CA MET C 276 -4.98 -40.70 16.74
C MET C 276 -4.80 -41.00 18.22
N ASP C 277 -5.63 -41.90 18.75
CA ASP C 277 -5.49 -42.26 20.15
C ASP C 277 -4.07 -42.72 20.47
N ASP C 278 -3.48 -43.53 19.59
CA ASP C 278 -2.09 -43.96 19.76
C ASP C 278 -1.13 -42.77 19.70
N LEU C 279 -1.37 -41.83 18.78
CA LEU C 279 -0.45 -40.69 18.60
C LEU C 279 -0.40 -39.81 19.84
N LEU C 280 -1.54 -39.71 20.51
CA LEU C 280 -1.72 -38.76 21.61
C LEU C 280 -1.53 -39.39 22.99
N ALA C 281 -1.47 -40.72 23.05
CA ALA C 281 -1.21 -41.41 24.31
C ALA C 281 0.21 -41.08 24.79
N PRO C 282 0.48 -41.19 26.11
CA PRO C 282 1.82 -40.84 26.59
C PRO C 282 2.91 -41.49 25.74
N SER C 283 3.85 -40.67 25.28
CA SER C 283 4.78 -41.07 24.21
C SER C 283 6.05 -41.76 24.71
N LEU C 284 6.39 -42.86 24.06
CA LEU C 284 7.66 -43.50 24.33
C LEU C 284 8.75 -42.83 23.48
N LEU C 285 9.76 -42.26 24.15
CA LEU C 285 10.81 -41.57 23.42
C LEU C 285 12.17 -42.19 23.73
N ASP C 286 12.82 -42.71 22.68
CA ASP C 286 14.11 -43.40 22.77
C ASP C 286 15.30 -42.41 22.75
N VAL C 287 15.96 -42.24 23.90
CA VAL C 287 17.09 -41.30 24.06
C VAL C 287 18.49 -41.97 24.12
N GLY C 288 18.61 -43.18 23.59
CA GLY C 288 19.88 -43.88 23.61
C GLY C 288 19.86 -45.00 24.63
N ASP C 289 20.27 -44.69 25.86
CA ASP C 289 20.35 -45.69 26.92
C ASP C 289 18.97 -46.15 27.38
N TYR C 290 18.01 -45.21 27.36
CA TYR C 290 16.66 -45.50 27.84
C TYR C 290 15.58 -45.04 26.87
N LYS C 291 14.42 -45.67 26.95
CA LYS C 291 13.16 -45.13 26.43
C LYS C 291 12.42 -44.45 27.59
N ILE C 292 11.99 -43.21 27.40
CA ILE C 292 11.25 -42.46 28.44
C ILE C 292 9.80 -42.18 28.04
N VAL C 293 8.95 -41.95 29.04
CA VAL C 293 7.54 -41.61 28.83
C VAL C 293 7.39 -40.09 28.79
N VAL C 294 6.82 -39.57 27.71
CA VAL C 294 6.57 -38.14 27.56
C VAL C 294 5.06 -37.91 27.47
N GLU C 295 4.50 -37.43 28.58
CA GLU C 295 3.07 -37.33 28.82
C GLU C 295 2.46 -36.10 28.12
N GLU C 296 3.27 -35.09 27.88
CA GLU C 296 2.78 -33.81 27.39
C GLU C 296 3.61 -33.24 26.24
N GLY C 297 3.17 -32.11 25.70
CA GLY C 297 3.79 -31.51 24.52
C GLY C 297 3.41 -32.24 23.24
N LEU C 298 3.93 -31.76 22.11
CA LEU C 298 3.68 -32.39 20.82
C LEU C 298 4.67 -33.52 20.53
N PRO C 299 4.16 -34.73 20.25
CA PRO C 299 5.00 -35.79 19.65
C PRO C 299 5.09 -35.54 18.14
N SER C 300 6.20 -34.98 17.69
CA SER C 300 6.24 -34.32 16.39
C SER C 300 6.88 -35.07 15.21
N GLY C 301 6.74 -36.39 15.18
CA GLY C 301 7.43 -37.16 14.15
C GLY C 301 6.69 -37.44 12.86
N CYS C 302 5.37 -37.47 12.91
CA CYS C 302 4.56 -38.16 11.90
C CYS C 302 4.31 -37.37 10.61
N PRO C 303 3.99 -38.09 9.51
CA PRO C 303 3.50 -37.46 8.30
C PRO C 303 2.53 -36.29 8.54
N CYS C 304 1.73 -36.37 9.60
CA CYS C 304 0.59 -35.45 9.75
C CYS C 304 0.61 -34.63 11.05
N THR C 305 1.76 -34.68 11.72
CA THR C 305 2.07 -33.85 12.86
C THR C 305 1.85 -32.35 12.59
N THR C 306 2.34 -31.84 11.46
CA THR C 306 2.33 -30.40 11.21
C THR C 306 0.91 -29.86 11.06
N GLN C 307 0.04 -30.64 10.43
CA GLN C 307 -1.36 -30.28 10.29
C GLN C 307 -2.05 -30.30 11.66
N LEU C 308 -1.79 -31.35 12.43
CA LEU C 308 -2.34 -31.46 13.79
C LEU C 308 -1.94 -30.24 14.62
N ASN C 309 -0.66 -29.88 14.51
CA ASN C 309 -0.10 -28.74 15.22
C ASN C 309 -0.71 -27.40 14.79
N SER C 310 -0.84 -27.20 13.48
CA SER C 310 -1.45 -25.99 12.94
C SER C 310 -2.92 -25.89 13.38
N LEU C 311 -3.59 -27.03 13.43
CA LEU C 311 -4.97 -27.10 13.90
C LEU C 311 -5.11 -26.69 15.37
N ALA C 312 -4.18 -27.15 16.22
CA ALA C 312 -4.14 -26.71 17.61
C ALA C 312 -3.86 -25.22 17.67
N HIS C 313 -2.97 -24.74 16.81
CA HIS C 313 -2.62 -23.33 16.79
C HIS C 313 -3.90 -22.51 16.53
N TRP C 314 -4.65 -22.94 15.50
CA TRP C 314 -5.93 -22.36 15.11
C TRP C 314 -6.93 -22.28 16.27
N ILE C 315 -7.03 -23.37 17.02
CA ILE C 315 -7.91 -23.43 18.18
C ILE C 315 -7.50 -22.40 19.24
N LEU C 316 -6.20 -22.38 19.57
CA LEU C 316 -5.71 -21.52 20.64
C LEU C 316 -5.81 -20.04 20.32
N THR C 317 -5.60 -19.70 19.05
CA THR C 317 -5.67 -18.32 18.60
C THR C 317 -7.12 -17.85 18.53
N LEU C 318 -8.01 -18.70 18.00
CA LEU C 318 -9.43 -18.39 18.03
C LEU C 318 -9.93 -18.25 19.47
N CYS C 319 -9.58 -19.19 20.34
CA CYS C 319 -9.98 -19.14 21.75
C CYS C 319 -9.64 -17.82 22.43
N ALA C 320 -8.37 -17.42 22.32
CA ALA C 320 -7.91 -16.17 22.89
C ALA C 320 -8.67 -14.95 22.33
N MET C 321 -8.90 -14.92 21.02
CA MET C 321 -9.62 -13.81 20.38
C MET C 321 -11.10 -13.70 20.79
N VAL C 322 -11.76 -14.85 20.93
CA VAL C 322 -13.15 -14.90 21.38
C VAL C 322 -13.24 -14.48 22.85
N GLU C 323 -12.30 -14.94 23.67
CA GLU C 323 -12.25 -14.58 25.08
C GLU C 323 -12.25 -13.07 25.23
N VAL C 324 -11.30 -12.42 24.54
CA VAL C 324 -11.07 -11.00 24.68
C VAL C 324 -12.16 -10.14 24.01
N THR C 325 -12.56 -10.47 22.79
CA THR C 325 -13.52 -9.64 22.05
C THR C 325 -14.99 -9.91 22.40
N ARG C 326 -15.25 -11.09 22.97
CA ARG C 326 -16.60 -11.58 23.28
C ARG C 326 -17.51 -11.76 22.05
N VAL C 327 -16.94 -11.78 20.84
CA VAL C 327 -17.73 -12.11 19.65
C VAL C 327 -17.60 -13.61 19.33
N ASP C 328 -18.66 -14.19 18.77
CA ASP C 328 -18.67 -15.59 18.34
C ASP C 328 -17.48 -15.95 17.43
N PRO C 329 -17.00 -17.20 17.53
CA PRO C 329 -15.89 -17.67 16.68
C PRO C 329 -16.15 -17.43 15.19
N ASP C 330 -17.39 -17.67 14.74
CA ASP C 330 -17.82 -17.41 13.36
C ASP C 330 -17.61 -15.96 12.92
N ILE C 331 -18.05 -15.02 13.75
CA ILE C 331 -17.89 -13.61 13.44
C ILE C 331 -16.40 -13.23 13.47
N VAL C 332 -15.65 -13.72 14.45
CA VAL C 332 -14.20 -13.45 14.49
C VAL C 332 -13.60 -13.90 13.17
N MET C 333 -14.04 -15.06 12.72
CA MET C 333 -13.47 -15.64 11.53
C MET C 333 -13.84 -14.86 10.26
N GLN C 334 -15.06 -14.32 10.19
CA GLN C 334 -15.38 -13.46 9.05
C GLN C 334 -14.81 -12.05 9.16
N GLU C 335 -14.24 -11.72 10.32
CA GLU C 335 -13.57 -10.43 10.50
C GLU C 335 -12.04 -10.58 10.54
N SER C 336 -11.55 -11.76 10.12
CA SER C 336 -10.13 -12.08 10.21
C SER C 336 -9.62 -12.97 9.08
N GLU C 337 -8.32 -12.97 8.90
CA GLU C 337 -7.62 -13.95 8.06
C GLU C 337 -6.37 -14.42 8.81
N PHE C 338 -6.22 -15.75 8.91
CA PHE C 338 -5.09 -16.36 9.62
C PHE C 338 -4.21 -17.13 8.68
N SER C 339 -2.97 -17.34 9.10
CA SER C 339 -2.06 -18.29 8.44
C SER C 339 -1.33 -19.07 9.52
N PHE C 340 -1.40 -20.39 9.44
CA PHE C 340 -0.68 -21.23 10.38
C PHE C 340 0.16 -22.27 9.65
N TYR C 341 1.32 -22.55 10.21
CA TYR C 341 2.19 -23.64 9.76
C TYR C 341 2.95 -24.07 10.98
N GLY C 342 2.38 -25.00 11.74
CA GLY C 342 2.91 -25.37 13.05
C GLY C 342 2.86 -24.17 13.97
N ASP C 343 4.03 -23.75 14.45
CA ASP C 343 4.11 -22.64 15.38
C ASP C 343 4.12 -21.27 14.68
N ASP C 344 4.31 -21.31 13.36
CA ASP C 344 4.42 -20.10 12.56
C ASP C 344 3.04 -19.50 12.27
N GLU C 345 2.89 -18.21 12.49
CA GLU C 345 1.57 -17.57 12.32
C GLU C 345 1.59 -16.15 11.77
N VAL C 346 0.50 -15.79 11.10
CA VAL C 346 0.18 -14.41 10.80
C VAL C 346 -1.30 -14.28 11.15
N VAL C 347 -1.64 -13.25 11.92
CA VAL C 347 -3.04 -13.03 12.29
C VAL C 347 -3.46 -11.65 11.83
N SER C 348 -4.45 -11.61 10.95
CA SER C 348 -4.98 -10.35 10.46
C SER C 348 -6.45 -10.21 10.81
N THR C 349 -6.82 -9.05 11.34
CA THR C 349 -8.19 -8.86 11.77
C THR C 349 -8.65 -7.41 11.70
N ASN C 350 -9.96 -7.23 11.54
CA ASN C 350 -10.57 -5.91 11.69
C ASN C 350 -10.88 -5.59 13.14
N LEU C 351 -10.92 -6.62 13.99
CA LEU C 351 -11.31 -6.45 15.40
C LEU C 351 -10.30 -5.65 16.20
N GLU C 352 -10.83 -4.66 16.92
CA GLU C 352 -10.06 -3.86 17.87
C GLU C 352 -9.77 -4.76 19.06
N LEU C 353 -8.59 -5.36 19.05
CA LEU C 353 -8.24 -6.38 20.01
C LEU C 353 -7.46 -5.75 21.15
N ASP C 354 -7.91 -5.98 22.38
CA ASP C 354 -7.18 -5.55 23.56
C ASP C 354 -5.92 -6.41 23.73
N MET C 355 -4.80 -5.88 23.25
CA MET C 355 -3.54 -6.60 23.25
C MET C 355 -3.12 -7.12 24.63
N VAL C 356 -3.28 -6.30 25.67
CA VAL C 356 -2.98 -6.73 27.04
C VAL C 356 -3.73 -8.02 27.40
N LYS C 357 -5.04 -8.04 27.16
CA LYS C 357 -5.87 -9.19 27.53
C LYS C 357 -5.58 -10.42 26.67
N TYR C 358 -5.38 -10.19 25.38
CA TYR C 358 -4.98 -11.20 24.41
C TYR C 358 -3.68 -11.90 24.81
N THR C 359 -2.67 -11.10 25.18
CA THR C 359 -1.39 -11.65 25.61
C THR C 359 -1.58 -12.44 26.91
N MET C 360 -2.33 -11.88 27.86
CA MET C 360 -2.56 -12.58 29.11
C MET C 360 -3.19 -13.93 28.85
N ALA C 361 -4.16 -13.97 27.93
CA ALA C 361 -4.87 -15.21 27.60
C ALA C 361 -3.93 -16.28 27.03
N LEU C 362 -3.05 -15.88 26.11
CA LEU C 362 -2.12 -16.80 25.47
C LEU C 362 -1.14 -17.36 26.50
N ARG C 363 -0.59 -16.50 27.35
CA ARG C 363 0.27 -16.92 28.46
C ARG C 363 -0.44 -17.85 29.45
N ARG C 364 -1.73 -17.61 29.61
CA ARG C 364 -2.57 -18.43 30.47
C ARG C 364 -2.69 -19.88 29.94
N TYR C 365 -2.71 -20.02 28.61
CA TYR C 365 -2.81 -21.34 27.98
C TYR C 365 -1.49 -22.12 28.06
N GLY C 366 -0.46 -21.45 28.54
CA GLY C 366 0.86 -22.05 28.68
C GLY C 366 1.82 -21.66 27.57
N LEU C 367 1.33 -20.87 26.61
CA LEU C 367 2.13 -20.42 25.47
C LEU C 367 3.15 -19.36 25.87
N LEU C 368 4.19 -19.21 25.06
CA LEU C 368 5.23 -18.20 25.33
C LEU C 368 5.39 -17.19 24.18
N PRO C 369 4.41 -16.28 24.00
CA PRO C 369 4.59 -15.28 22.95
C PRO C 369 5.68 -14.26 23.32
N THR C 370 6.28 -13.63 22.33
CA THR C 370 7.37 -12.69 22.57
C THR C 370 7.24 -11.48 21.66
N ARG C 371 7.47 -10.28 22.21
CA ARG C 371 7.61 -9.06 21.41
C ARG C 371 8.94 -9.13 20.67
N ALA C 372 9.16 -8.20 19.76
CA ALA C 372 10.53 -7.88 19.34
C ALA C 372 11.06 -6.71 20.21
N ASP C 373 11.98 -6.95 21.14
CA ASP C 373 12.27 -8.25 21.75
C ASP C 373 12.22 -8.10 23.28
N LYS C 374 12.10 -6.86 23.75
CA LYS C 374 11.96 -6.60 25.19
C LYS C 374 10.97 -7.55 25.83
N GLU C 375 9.75 -7.54 25.31
CA GLU C 375 8.64 -8.43 25.74
C GLU C 375 8.31 -8.37 27.22
N GLU C 376 8.66 -7.26 27.86
CA GLU C 376 8.18 -6.99 29.21
C GLU C 376 6.68 -7.26 29.24
N GLY C 377 5.93 -6.61 28.33
CA GLY C 377 4.47 -6.59 28.42
C GLY C 377 3.73 -7.20 27.24
N PRO C 378 2.71 -6.48 26.74
CA PRO C 378 1.79 -6.96 25.70
C PRO C 378 2.42 -7.07 24.30
N LEU C 379 1.90 -8.03 23.53
CA LEU C 379 2.19 -8.17 22.10
C LEU C 379 1.76 -6.93 21.33
N GLU C 380 2.53 -6.54 20.33
CA GLU C 380 2.19 -5.35 19.59
C GLU C 380 1.35 -5.71 18.37
N ARG C 381 0.54 -4.78 17.91
CA ARG C 381 -0.15 -4.93 16.64
C ARG C 381 0.08 -3.67 15.79
N ARG C 382 0.13 -3.84 14.48
CA ARG C 382 0.39 -2.74 13.57
C ARG C 382 -0.68 -2.75 12.48
N GLN C 383 -0.71 -1.72 11.66
CA GLN C 383 -1.71 -1.63 10.59
C GLN C 383 -1.12 -1.82 9.19
N THR C 384 0.10 -2.35 9.15
CA THR C 384 0.71 -2.77 7.90
C THR C 384 1.27 -4.20 7.97
N LEU C 385 0.89 -4.99 6.97
CA LEU C 385 1.37 -6.36 6.79
C LEU C 385 2.89 -6.37 6.55
N GLN C 386 3.36 -5.39 5.78
CA GLN C 386 4.77 -5.19 5.53
C GLN C 386 5.51 -5.17 6.87
N GLY C 387 6.56 -6.00 6.99
CA GLY C 387 7.31 -6.11 8.25
C GLY C 387 7.13 -7.46 8.95
N ILE C 388 5.96 -8.07 8.79
CA ILE C 388 5.70 -9.41 9.31
C ILE C 388 6.27 -10.44 8.33
N SER C 389 6.84 -11.51 8.85
CA SER C 389 7.28 -12.61 8.00
C SER C 389 6.49 -13.89 8.22
N PHE C 390 6.64 -14.81 7.28
CA PHE C 390 5.97 -16.10 7.33
C PHE C 390 6.81 -17.09 6.53
N LEU C 391 6.91 -18.32 7.03
CA LEU C 391 7.77 -19.35 6.42
C LEU C 391 9.16 -18.81 6.08
N ARG C 392 9.72 -18.02 6.99
CA ARG C 392 11.08 -17.48 6.86
C ARG C 392 11.24 -16.46 5.72
N ARG C 393 10.13 -15.89 5.26
CA ARG C 393 10.14 -14.89 4.19
C ARG C 393 9.48 -13.64 4.72
N ALA C 394 10.00 -12.48 4.34
CA ALA C 394 9.35 -11.22 4.65
C ALA C 394 8.23 -10.96 3.65
N ILE C 395 7.07 -10.54 4.16
CA ILE C 395 5.92 -10.23 3.34
C ILE C 395 6.14 -8.84 2.75
N VAL C 396 6.24 -8.75 1.43
CA VAL C 396 6.49 -7.48 0.76
C VAL C 396 5.37 -7.19 -0.24
N GLY C 397 5.02 -5.91 -0.34
CA GLY C 397 4.01 -5.46 -1.29
C GLY C 397 4.47 -4.28 -2.12
N ASP C 398 4.05 -4.27 -3.39
CA ASP C 398 4.38 -3.19 -4.31
C ASP C 398 3.27 -3.11 -5.36
N GLN C 399 3.47 -2.24 -6.36
CA GLN C 399 2.51 -2.01 -7.42
C GLN C 399 1.94 -3.29 -8.08
N PHE C 400 2.68 -4.39 -8.03
CA PHE C 400 2.23 -5.64 -8.67
C PHE C 400 1.48 -6.58 -7.74
N GLY C 401 1.62 -6.39 -6.44
CA GLY C 401 0.96 -7.27 -5.50
C GLY C 401 1.87 -7.62 -4.33
N TRP C 402 1.50 -8.68 -3.62
CA TRP C 402 2.22 -9.09 -2.42
C TRP C 402 3.05 -10.33 -2.72
N TYR C 403 4.17 -10.47 -2.03
CA TYR C 403 5.04 -11.61 -2.22
C TYR C 403 5.89 -11.87 -0.99
N GLY C 404 6.39 -13.09 -0.87
CA GLY C 404 7.34 -13.41 0.18
C GLY C 404 8.74 -13.25 -0.40
N ARG C 405 9.63 -12.64 0.37
CA ARG C 405 11.01 -12.42 -0.04
C ARG C 405 11.97 -12.79 1.08
N LEU C 406 12.98 -13.57 0.72
CA LEU C 406 14.06 -13.92 1.63
C LEU C 406 14.93 -12.70 1.89
N ASP C 407 15.27 -12.46 3.15
CA ASP C 407 16.06 -11.30 3.53
C ASP C 407 17.52 -11.47 3.10
N ARG C 408 18.22 -10.35 2.95
CA ARG C 408 19.62 -10.34 2.52
C ARG C 408 20.52 -11.18 3.41
N ALA C 409 20.30 -11.11 4.73
CA ALA C 409 21.08 -11.92 5.67
C ALA C 409 20.98 -13.40 5.36
N SER C 410 19.77 -13.86 5.05
CA SER C 410 19.52 -15.26 4.70
C SER C 410 20.07 -15.61 3.33
N ILE C 411 20.11 -14.65 2.42
CA ILE C 411 20.71 -14.87 1.10
C ILE C 411 22.22 -14.92 1.23
N ASP C 412 22.79 -14.01 2.02
CA ASP C 412 24.22 -14.01 2.29
C ASP C 412 24.63 -15.34 2.94
N ARG C 413 23.83 -15.78 3.91
CA ARG C 413 24.05 -17.05 4.62
C ARG C 413 24.12 -18.29 3.71
N GLN C 414 23.21 -18.39 2.74
CA GLN C 414 23.20 -19.52 1.81
C GLN C 414 24.35 -19.48 0.79
N LEU C 415 25.07 -18.37 0.74
CA LEU C 415 26.20 -18.22 -0.17
C LEU C 415 27.49 -18.63 0.52
N LEU C 416 27.45 -18.66 1.85
CA LEU C 416 28.59 -19.04 2.66
C LEU C 416 28.65 -20.55 2.95
N TRP C 417 27.52 -21.22 2.79
CA TRP C 417 27.41 -22.64 3.10
C TRP C 417 26.79 -23.39 1.97
N THR C 418 27.21 -24.64 1.80
CA THR C 418 26.50 -25.57 0.93
C THR C 418 26.32 -26.91 1.64
N LYS C 419 25.39 -27.71 1.14
CA LYS C 419 25.11 -29.03 1.72
C LYS C 419 25.88 -30.12 1.01
N GLY C 420 26.49 -31.00 1.79
CA GLY C 420 27.20 -32.14 1.24
C GLY C 420 27.10 -33.33 2.17
N PRO C 421 27.99 -34.33 2.00
CA PRO C 421 28.02 -35.48 2.91
C PRO C 421 28.40 -35.05 4.32
N ASN C 422 28.13 -35.90 5.31
CA ASN C 422 28.44 -35.56 6.69
C ASN C 422 29.92 -35.54 6.99
N HIS C 423 30.35 -34.53 7.73
CA HIS C 423 31.75 -34.38 8.09
C HIS C 423 31.91 -33.71 9.45
N GLN C 424 33.12 -33.79 9.99
CA GLN C 424 33.40 -33.36 11.35
C GLN C 424 33.69 -31.86 11.45
N ASN C 425 34.44 -31.32 10.50
CA ASN C 425 34.83 -29.91 10.52
C ASN C 425 34.01 -29.09 9.52
N PRO C 426 33.08 -28.24 10.01
CA PRO C 426 32.21 -27.47 9.12
C PRO C 426 32.94 -26.42 8.28
N PHE C 427 34.18 -26.09 8.66
CA PHE C 427 34.96 -25.07 7.96
C PHE C 427 35.72 -25.57 6.73
N GLU C 428 35.70 -26.88 6.49
CA GLU C 428 36.21 -27.48 5.25
C GLU C 428 35.42 -26.97 4.05
N THR C 429 36.12 -26.76 2.94
CA THR C 429 35.48 -26.50 1.66
C THR C 429 35.18 -27.84 0.99
N LEU C 430 34.10 -27.87 0.23
CA LEU C 430 33.69 -29.08 -0.47
C LEU C 430 34.30 -29.11 -1.87
N PRO C 431 35.29 -30.01 -2.10
CA PRO C 431 35.98 -30.07 -3.40
C PRO C 431 35.01 -30.20 -4.57
N GLY C 432 35.37 -29.63 -5.73
CA GLY C 432 34.50 -29.52 -6.92
C GLY C 432 33.17 -30.27 -6.91
N HIS C 433 32.03 -29.57 -6.99
CA HIS C 433 31.92 -28.16 -7.40
C HIS C 433 32.32 -27.16 -6.25
N ALA C 434 31.44 -26.34 -5.63
CA ALA C 434 30.03 -25.95 -5.93
C ALA C 434 28.87 -26.95 -5.71
N GLN C 435 27.73 -26.66 -6.34
CA GLN C 435 26.44 -27.25 -5.97
C GLN C 435 25.47 -27.43 -7.15
N ARG C 436 24.19 -27.19 -6.90
CA ARG C 436 23.13 -27.27 -7.91
C ARG C 436 23.05 -25.95 -8.68
N PRO C 437 22.72 -26.03 -9.98
CA PRO C 437 22.40 -24.81 -10.72
C PRO C 437 21.00 -24.29 -10.35
N SER C 438 20.11 -25.23 -10.02
CA SER C 438 18.72 -24.96 -9.67
C SER C 438 18.54 -24.15 -8.36
N GLN C 439 19.40 -24.43 -7.39
CA GLN C 439 19.38 -23.69 -6.12
C GLN C 439 20.15 -22.38 -6.26
N LEU C 440 21.09 -22.34 -7.20
CA LEU C 440 21.85 -21.12 -7.50
C LEU C 440 20.94 -20.10 -8.20
N MET C 441 20.05 -20.62 -9.05
CA MET C 441 19.06 -19.80 -9.75
C MET C 441 18.01 -19.20 -8.81
N ALA C 442 17.62 -19.97 -7.80
CA ALA C 442 16.68 -19.51 -6.77
C ALA C 442 17.27 -18.35 -5.96
N LEU C 443 18.54 -18.44 -5.60
CA LEU C 443 19.20 -17.35 -4.90
C LEU C 443 19.23 -16.09 -5.74
N LEU C 444 19.55 -16.25 -7.02
CA LEU C 444 19.50 -15.14 -7.98
C LEU C 444 18.13 -14.45 -7.94
N GLY C 445 17.07 -15.25 -8.02
CA GLY C 445 15.69 -14.75 -7.93
C GLY C 445 15.39 -13.98 -6.67
N GLU C 446 15.76 -14.54 -5.52
CA GLU C 446 15.59 -13.86 -4.24
C GLU C 446 16.35 -12.54 -4.21
N ALA C 447 17.58 -12.55 -4.73
CA ALA C 447 18.42 -11.35 -4.79
C ALA C 447 17.82 -10.28 -5.72
N ALA C 448 17.16 -10.74 -6.77
CA ALA C 448 16.53 -9.88 -7.76
C ALA C 448 15.46 -9.00 -7.13
N MET C 449 14.80 -9.53 -6.10
CA MET C 449 13.71 -8.84 -5.45
C MET C 449 14.17 -7.75 -4.47
N HIS C 450 15.49 -7.60 -4.33
CA HIS C 450 16.08 -6.55 -3.51
C HIS C 450 16.65 -5.39 -4.35
N GLY C 451 16.34 -5.36 -5.64
CA GLY C 451 16.81 -4.28 -6.52
C GLY C 451 18.20 -4.52 -7.10
N GLU C 452 18.59 -3.68 -8.06
CA GLU C 452 19.80 -3.91 -8.85
C GLU C 452 21.13 -3.83 -8.09
N LYS C 453 21.26 -2.82 -7.22
CA LYS C 453 22.50 -2.66 -6.45
C LYS C 453 22.89 -3.96 -5.71
N TYR C 454 21.94 -4.53 -4.96
CA TYR C 454 22.17 -5.78 -4.25
C TYR C 454 22.32 -6.99 -5.18
N TYR C 455 21.52 -7.04 -6.24
CA TYR C 455 21.57 -8.15 -7.18
C TYR C 455 22.91 -8.33 -7.88
N ARG C 456 23.50 -7.24 -8.35
CA ARG C 456 24.80 -7.30 -9.03
C ARG C 456 25.89 -7.92 -8.15
N THR C 457 25.88 -7.57 -6.85
CA THR C 457 26.85 -8.15 -5.91
C THR C 457 26.64 -9.66 -5.68
N VAL C 458 25.39 -10.10 -5.64
CA VAL C 458 25.09 -11.53 -5.52
C VAL C 458 25.46 -12.26 -6.81
N ALA C 459 25.29 -11.59 -7.95
CA ALA C 459 25.67 -12.14 -9.26
C ALA C 459 27.18 -12.39 -9.40
N SER C 460 27.99 -11.52 -8.80
CA SER C 460 29.44 -11.68 -8.76
C SER C 460 29.82 -12.99 -8.08
N ARG C 461 29.29 -13.16 -6.86
CA ARG C 461 29.59 -14.31 -6.03
C ARG C 461 29.04 -15.61 -6.62
N VAL C 462 27.90 -15.51 -7.29
CA VAL C 462 27.30 -16.68 -7.96
C VAL C 462 28.13 -17.10 -9.18
N SER C 463 28.65 -16.12 -9.91
CA SER C 463 29.54 -16.37 -11.05
C SER C 463 30.87 -17.00 -10.63
N LYS C 464 31.41 -16.53 -9.51
CA LYS C 464 32.62 -17.11 -8.91
C LYS C 464 32.36 -18.53 -8.40
N GLU C 465 31.18 -18.75 -7.84
CA GLU C 465 30.77 -20.07 -7.40
C GLU C 465 30.59 -21.01 -8.60
N ALA C 466 30.12 -20.47 -9.72
CA ALA C 466 29.93 -21.25 -10.96
C ALA C 466 31.24 -21.43 -11.74
N ALA C 467 32.26 -20.64 -11.37
CA ALA C 467 33.59 -20.74 -11.99
C ALA C 467 34.22 -22.09 -11.67
N GLN C 468 34.57 -22.29 -10.40
CA GLN C 468 35.11 -23.57 -9.94
C GLN C 468 34.00 -24.61 -9.85
N SER C 469 33.42 -24.95 -11.00
CA SER C 469 32.30 -25.90 -11.08
C SER C 469 32.19 -26.57 -12.45
N GLY C 470 32.22 -25.78 -13.52
CA GLY C 470 32.05 -26.29 -14.88
C GLY C 470 31.58 -25.26 -15.91
N ILE C 471 30.76 -24.32 -15.46
CA ILE C 471 30.20 -23.22 -16.31
C ILE C 471 29.19 -23.73 -17.36
N GLU C 472 27.88 -23.49 -17.20
CA GLU C 472 27.20 -22.82 -16.04
C GLU C 472 27.10 -21.28 -16.07
N MET C 473 27.65 -20.66 -17.11
CA MET C 473 27.83 -19.19 -17.18
C MET C 473 26.54 -18.37 -17.40
N VAL C 474 25.41 -19.06 -17.48
CA VAL C 474 24.11 -18.41 -17.67
C VAL C 474 23.73 -17.51 -16.49
N VAL C 475 24.26 -16.28 -16.50
CA VAL C 475 23.92 -15.29 -15.46
C VAL C 475 23.11 -14.16 -16.08
N PRO C 476 21.77 -14.23 -15.93
CA PRO C 476 20.86 -13.30 -16.59
C PRO C 476 20.86 -11.94 -15.90
N ARG C 477 20.49 -10.90 -16.64
CA ARG C 477 20.45 -9.56 -16.06
C ARG C 477 19.25 -9.41 -15.12
N HIS C 478 19.37 -8.46 -14.20
CA HIS C 478 18.40 -8.21 -13.14
C HIS C 478 16.95 -8.22 -13.62
N ARG C 479 16.68 -7.46 -14.68
CA ARG C 479 15.32 -7.31 -15.21
C ARG C 479 14.68 -8.62 -15.64
N SER C 480 15.45 -9.49 -16.29
CA SER C 480 14.94 -10.80 -16.72
C SER C 480 14.58 -11.68 -15.53
N VAL C 481 15.54 -11.89 -14.63
CA VAL C 481 15.33 -12.78 -13.50
C VAL C 481 14.23 -12.29 -12.54
N LEU C 482 14.15 -10.97 -12.33
CA LEU C 482 13.09 -10.37 -11.51
C LEU C 482 11.70 -10.74 -12.04
N ARG C 483 11.55 -10.60 -13.36
CA ARG C 483 10.32 -10.93 -14.04
C ARG C 483 9.99 -12.41 -13.89
N TRP C 484 11.02 -13.26 -13.92
CA TRP C 484 10.84 -14.70 -13.77
C TRP C 484 10.30 -15.12 -12.39
N VAL C 485 10.90 -14.61 -11.31
CA VAL C 485 10.44 -14.98 -9.96
C VAL C 485 9.10 -14.40 -9.57
N ARG C 486 8.82 -13.16 -9.99
CA ARG C 486 7.58 -12.49 -9.61
C ARG C 486 6.37 -13.01 -10.37
N PHE C 487 6.50 -13.14 -11.68
CA PHE C 487 5.40 -13.56 -12.55
C PHE C 487 5.91 -14.68 -13.43
N GLY C 488 5.01 -15.50 -13.98
CA GLY C 488 5.42 -16.57 -14.89
C GLY C 488 6.29 -17.64 -14.24
N THR C 489 6.80 -18.55 -15.07
CA THR C 489 7.50 -19.79 -14.64
C THR C 489 7.36 -20.85 -15.76
N MET C 490 8.44 -21.52 -16.21
CA MET C 490 9.87 -21.30 -15.85
C MET C 490 10.66 -20.81 -17.11
N ASP C 491 12.00 -20.68 -17.09
CA ASP C 491 12.92 -21.02 -15.99
C ASP C 491 14.16 -20.11 -15.85
N ALA C 492 14.41 -19.25 -16.84
CA ALA C 492 15.69 -18.50 -16.90
C ALA C 492 15.66 -16.95 -16.83
N GLU C 493 15.48 -16.22 -17.94
CA GLU C 493 15.15 -16.72 -19.28
C GLU C 493 16.07 -16.10 -20.36
N THR C 494 15.56 -15.10 -21.08
CA THR C 494 16.29 -14.45 -22.20
C THR C 494 16.25 -12.89 -22.16
N PRO C 495 15.44 -12.20 -23.03
CA PRO C 495 15.48 -10.74 -22.93
C PRO C 495 14.44 -10.16 -21.96
S SO4 D . -14.23 39.99 16.45
O1 SO4 D . -13.54 38.76 16.12
O2 SO4 D . -15.03 39.83 17.66
O3 SO4 D . -13.23 41.01 16.69
O4 SO4 D . -15.13 40.39 15.36
S SO4 E . 17.31 42.95 25.53
O1 SO4 E . 17.65 42.21 26.74
O2 SO4 E . 15.87 42.94 25.31
O3 SO4 E . 17.75 44.34 25.69
O4 SO4 E . 18.00 42.35 24.39
S SO4 F . -17.80 40.77 10.06
O1 SO4 F . -17.20 39.98 11.13
O2 SO4 F . -19.23 40.93 10.34
O3 SO4 F . -17.17 42.09 9.97
O4 SO4 F . -17.63 40.07 8.78
S SO4 G . 13.09 35.49 41.00
O1 SO4 G . 13.92 34.52 40.29
O2 SO4 G . 13.41 35.44 42.42
O3 SO4 G . 13.38 36.83 40.48
O4 SO4 G . 11.68 35.16 40.82
S SO4 H . 3.36 27.67 22.21
O1 SO4 H . 3.53 26.52 23.10
O2 SO4 H . 2.33 28.55 22.76
O3 SO4 H . 4.61 28.40 22.10
O4 SO4 H . 2.95 27.20 20.90
S SO4 I . 41.26 39.92 15.62
O1 SO4 I . 41.05 38.94 14.54
O2 SO4 I . 41.07 39.24 16.90
O3 SO4 I . 42.62 40.47 15.55
O4 SO4 I . 40.32 41.01 15.49
S SO4 J . 21.90 54.66 14.35
O1 SO4 J . 22.93 54.20 13.43
O2 SO4 J . 21.35 53.52 15.10
O3 SO4 J . 22.51 55.61 15.29
O4 SO4 J . 20.82 55.31 13.61
S SO4 K . -14.10 37.92 -2.22
O1 SO4 K . -12.75 38.18 -2.70
O2 SO4 K . -14.13 38.09 -0.76
O3 SO4 K . -15.04 38.84 -2.84
O4 SO4 K . -14.47 36.55 -2.58
S SO4 L . -7.45 19.82 -8.79
O1 SO4 L . -8.32 18.75 -8.28
O2 SO4 L . -8.15 21.10 -8.76
O3 SO4 L . -6.24 19.90 -7.97
O4 SO4 L . -7.04 19.52 -10.16
S SO4 M . 15.13 27.62 42.53
O1 SO4 M . 15.12 26.85 43.77
O2 SO4 M . 14.81 29.01 42.81
O3 SO4 M . 16.47 27.54 41.93
O4 SO4 M . 14.12 27.09 41.61
S SO4 N . -12.02 23.55 -7.35
O1 SO4 N . -10.89 22.68 -7.09
O2 SO4 N . -11.97 24.71 -6.47
O3 SO4 N . -12.00 24.00 -8.74
O4 SO4 N . -13.26 22.81 -7.11
S SO4 O . 9.96 50.21 39.95
O1 SO4 O . 10.49 49.31 40.99
O2 SO4 O . 10.16 51.60 40.36
O3 SO4 O . 10.68 49.95 38.71
O4 SO4 O . 8.53 49.97 39.77
MN MN3 P . -1.56 31.07 13.22
C1 GOL Q . 11.42 5.11 5.63
O1 GOL Q . 10.22 4.97 4.90
C2 GOL Q . 12.27 6.17 4.94
O2 GOL Q . 13.05 5.57 3.92
C3 GOL Q . 13.18 6.85 5.95
O3 GOL Q . 14.31 7.33 5.28
C1 GOL R . 0.51 48.06 9.24
O1 GOL R . -0.21 46.87 9.39
C2 GOL R . 1.21 48.02 7.88
O2 GOL R . 1.93 46.81 7.78
C3 GOL R . 2.13 49.24 7.74
O3 GOL R . 3.39 48.86 7.26
C1 GOL S . 39.39 25.57 11.96
O1 GOL S . 40.20 26.65 11.56
C2 GOL S . 37.93 25.92 11.76
O2 GOL S . 37.19 25.11 12.64
C3 GOL S . 37.54 25.58 10.32
O3 GOL S . 36.20 25.95 10.05
S SO4 T . -30.02 -11.90 -7.97
O1 SO4 T . -28.65 -12.22 -8.36
O2 SO4 T . -30.48 -12.89 -6.99
O3 SO4 T . -30.04 -10.57 -7.38
O4 SO4 T . -30.86 -11.93 -9.16
S SO4 U . 3.64 -0.36 -48.99
O1 SO4 U . 4.41 -1.19 -49.91
O2 SO4 U . 3.56 -1.01 -47.69
O3 SO4 U . 4.30 0.94 -48.84
O4 SO4 U . 2.30 -0.15 -49.52
S SO4 V . -13.40 -14.44 -36.13
O1 SO4 V . -14.04 -14.11 -37.39
O2 SO4 V . -14.39 -14.98 -35.19
O3 SO4 V . -12.36 -15.43 -36.36
O4 SO4 V . -12.81 -13.23 -35.57
S SO4 W . -36.49 -22.06 -41.05
O1 SO4 W . -35.11 -22.54 -41.00
O2 SO4 W . -36.91 -21.68 -39.70
O3 SO4 W . -36.55 -20.90 -41.93
O4 SO4 W . -37.37 -23.13 -41.52
S SO4 X . 1.00 -14.44 -53.81
O1 SO4 X . 1.05 -15.79 -53.23
O2 SO4 X . 1.55 -13.45 -52.91
O3 SO4 X . 1.77 -14.41 -55.05
O4 SO4 X . -0.40 -14.14 -54.12
S SO4 Y . 1.23 15.32 -14.00
O1 SO4 Y . 1.87 14.17 -14.66
O2 SO4 Y . 0.68 14.88 -12.72
O3 SO4 Y . 2.22 16.38 -13.78
O4 SO4 Y . 0.16 15.87 -14.83
S SO4 Z . -28.79 6.99 -25.27
O1 SO4 Z . -28.61 5.57 -25.00
O2 SO4 Z . -29.50 7.62 -24.15
O3 SO4 Z . -27.49 7.64 -25.42
O4 SO4 Z . -29.57 7.18 -26.49
S SO4 AA . -35.30 -6.74 -43.92
O1 SO4 AA . -35.29 -8.18 -44.22
O2 SO4 AA . -35.79 -6.55 -42.57
O3 SO4 AA . -33.94 -6.22 -43.96
O4 SO4 AA . -36.15 -5.98 -44.84
S SO4 BA . -2.43 20.10 -24.01
O1 SO4 BA . -1.37 19.91 -23.02
O2 SO4 BA . -3.72 20.19 -23.33
O3 SO4 BA . -2.19 21.31 -24.78
O4 SO4 BA . -2.45 18.96 -24.94
MN MN3 CA . -19.40 -3.57 -16.56
C1 GOL DA . -28.60 -18.38 -41.87
O1 GOL DA . -28.57 -19.73 -42.28
C2 GOL DA . -28.54 -17.46 -43.09
O2 GOL DA . -27.76 -16.34 -42.77
C3 GOL DA . -29.95 -17.07 -43.54
O3 GOL DA . -30.14 -15.68 -43.48
C1 GOL EA . -5.48 14.77 -4.23
O1 GOL EA . -6.03 15.23 -5.46
C2 GOL EA . -5.10 13.30 -4.31
O2 GOL EA . -6.10 12.58 -5.00
C3 GOL EA . -4.96 12.73 -2.90
O3 GOL EA . -5.29 11.36 -2.86
C1 GOL FA . -4.13 8.75 -0.94
O1 GOL FA . -4.74 9.82 -0.27
C2 GOL FA . -3.95 7.56 0.00
O2 GOL FA . -3.99 8.00 1.35
C3 GOL FA . -2.61 6.87 -0.25
O3 GOL FA . -2.65 5.59 0.35
C1 GOL GA . -22.78 -1.43 -27.15
O1 GOL GA . -22.17 -0.74 -28.22
C2 GOL GA . -23.19 -0.44 -26.06
O2 GOL GA . -23.24 -1.07 -24.81
C3 GOL GA . -24.55 0.16 -26.36
O3 GOL GA . -24.66 1.32 -25.58
S SO4 HA . 1.78 -59.69 10.45
O1 SO4 HA . 2.84 -59.43 11.41
O2 SO4 HA . 0.66 -58.77 10.66
O3 SO4 HA . 2.33 -59.51 9.11
O4 SO4 HA . 1.30 -61.06 10.62
S SO4 IA . 11.93 -2.72 0.07
O1 SO4 IA . 12.79 -3.06 -1.06
O2 SO4 IA . 12.40 -3.41 1.28
O3 SO4 IA . 12.01 -1.29 0.31
O4 SO4 IA . 10.56 -3.12 -0.20
S SO4 JA . 11.98 -21.78 19.88
O1 SO4 JA . 12.08 -22.90 20.81
O2 SO4 JA . 12.02 -20.52 20.62
O3 SO4 JA . 13.10 -21.83 18.93
O4 SO4 JA . 10.73 -21.87 19.13
S SO4 KA . -6.56 -53.06 20.77
O1 SO4 KA . -5.27 -53.20 20.10
O2 SO4 KA . -6.37 -53.19 22.20
O3 SO4 KA . -7.13 -51.75 20.46
O4 SO4 KA . -7.48 -54.10 20.29
S SO4 LA . 29.30 -36.24 22.66
O1 SO4 LA . 30.30 -36.52 23.69
O2 SO4 LA . 29.01 -34.81 22.71
O3 SO4 LA . 29.82 -36.61 21.34
O4 SO4 LA . 28.08 -37.01 22.93
S SO4 MA . 13.75 -18.27 27.69
O1 SO4 MA . 14.57 -18.88 28.73
O2 SO4 MA . 12.40 -18.03 28.20
O3 SO4 MA . 14.36 -17.00 27.29
O4 SO4 MA . 13.68 -19.17 26.54
S SO4 NA . 16.65 -7.20 4.15
O1 SO4 NA . 17.71 -8.17 4.44
O2 SO4 NA . 16.22 -6.57 5.39
O3 SO4 NA . 17.12 -6.17 3.22
O4 SO4 NA . 15.53 -7.91 3.56
MN MN3 OA . 6.48 -16.12 12.16
C1 GOL PA . 27.12 -40.32 12.67
O1 GOL PA . 28.00 -39.44 13.32
C2 GOL PA . 26.18 -39.55 11.75
O2 GOL PA . 25.05 -40.32 11.38
C3 GOL PA . 26.88 -39.04 10.49
O3 GOL PA . 27.28 -40.10 9.66
C1 GOL QA . 19.47 -36.14 35.34
O1 GOL QA . 19.50 -37.32 34.58
C2 GOL QA . 18.31 -35.29 34.87
O2 GOL QA . 18.77 -34.11 34.24
C3 GOL QA . 17.34 -34.97 36.01
O3 GOL QA . 16.54 -36.11 36.28
C1 GOL RA . 36.48 -35.22 8.80
O1 GOL RA . 36.16 -33.84 8.79
C2 GOL RA . 35.20 -36.07 8.83
O2 GOL RA . 35.41 -37.16 9.71
C3 GOL RA . 34.86 -36.59 7.43
O3 GOL RA . 33.55 -37.12 7.39
#